data_2ZAD
#
_entry.id   2ZAD
#
_cell.length_a   112.770
_cell.length_b   112.770
_cell.length_c   122.526
_cell.angle_alpha   90.00
_cell.angle_beta   90.00
_cell.angle_gamma   90.00
#
_symmetry.space_group_name_H-M   'P 4'
#
loop_
_entity.id
_entity.type
_entity.pdbx_description
1 polymer 'Muconate cycloisomerase'
2 non-polymer 'MANGANESE (II) ION'
3 non-polymer 'PENTAETHYLENE GLYCOL'
4 non-polymer DI(HYDROXYETHYL)ETHER
5 water water
#
_entity_poly.entity_id   1
_entity_poly.type   'polypeptide(L)'
_entity_poly.pdbx_seq_one_letter_code
;(MSE)SRIVNVKLSLKRYEYEKPFHITGSVSSESRNVEVEIVLESGVKGYGEASPSFRVNGERVEALLAIENAVRE
(MSE)ITGIDVRNYARIFEITDRLFGFPSLKAAVQFATLDALSQELGTQVCYLLGGKRDEIETDKTVGIDTVENRVKEAK
KIFEEGFRVIKIKVGENLKEDIEAVEEIAKVTRGAKYIVDAN(MSE)GYTQKEAVEFARAVYQKGIDIAVYEQPVRREDI
EGLKFVRFHSPFPVAADESARTKFDV(MSE)RLVKEEAVDYVNIKL(MSE)KSGISDALAIVEIAESSGLKL(MSE)IGC
(MSE)GESSLGINQSVHFALGTGAFEFHDLDSHL(MSE)LKEEVFRGKFIQDGPR(MSE)RVKDQ
;
_entity_poly.pdbx_strand_id   A,B,C,D
#
loop_
_chem_comp.id
_chem_comp.type
_chem_comp.name
_chem_comp.formula
1PE non-polymer 'PENTAETHYLENE GLYCOL' 'C10 H22 O6'
MN non-polymer 'MANGANESE (II) ION' 'Mn 2'
PEG non-polymer DI(HYDROXYETHYL)ETHER 'C4 H10 O3'
#
# COMPACT_ATOMS: atom_id res chain seq x y z
N SER A 2 -6.95 25.02 -3.76
CA SER A 2 -7.61 24.48 -4.98
C SER A 2 -6.65 24.42 -6.18
N ARG A 3 -7.09 23.75 -7.25
CA ARG A 3 -6.18 23.38 -8.34
C ARG A 3 -6.01 24.47 -9.39
N ILE A 4 -4.79 24.61 -9.89
CA ILE A 4 -4.53 25.52 -10.99
C ILE A 4 -5.31 25.08 -12.23
N VAL A 5 -6.06 25.99 -12.84
CA VAL A 5 -6.76 25.68 -14.10
C VAL A 5 -6.20 26.43 -15.31
N ASN A 6 -5.47 27.52 -15.08
CA ASN A 6 -4.81 28.21 -16.18
C ASN A 6 -3.59 28.94 -15.71
N VAL A 7 -2.66 29.17 -16.64
CA VAL A 7 -1.50 30.00 -16.38
C VAL A 7 -1.33 30.88 -17.61
N LYS A 8 -1.24 32.18 -17.41
CA LYS A 8 -1.08 33.12 -18.53
C LYS A 8 0.20 33.94 -18.39
N LEU A 9 0.94 34.07 -19.50
CA LEU A 9 2.11 34.96 -19.58
C LEU A 9 1.77 36.13 -20.50
N SER A 10 2.12 37.34 -20.09
CA SER A 10 1.93 38.49 -20.95
CA SER A 10 1.88 38.55 -20.90
C SER A 10 3.09 39.46 -20.86
N LEU A 11 3.47 39.99 -22.02
CA LEU A 11 4.51 41.01 -22.10
C LEU A 11 3.98 42.33 -21.54
N LYS A 12 4.72 42.91 -20.58
CA LYS A 12 4.44 44.26 -20.09
C LYS A 12 5.70 45.12 -20.19
N ARG A 13 5.57 46.29 -20.82
CA ARG A 13 6.69 47.21 -21.02
C ARG A 13 6.56 48.41 -20.09
N TYR A 14 7.70 48.82 -19.51
CA TYR A 14 7.73 49.94 -18.58
C TYR A 14 8.90 50.85 -18.94
N GLU A 15 8.61 52.12 -19.26
CA GLU A 15 9.67 53.05 -19.67
C GLU A 15 10.34 53.67 -18.46
N TYR A 16 11.64 53.89 -18.54
CA TYR A 16 12.36 54.56 -17.45
C TYR A 16 12.26 56.06 -17.61
N GLU A 17 12.35 56.78 -16.49
CA GLU A 17 12.42 58.24 -16.50
C GLU A 17 13.69 58.73 -17.21
N LYS A 18 14.79 58.00 -17.03
CA LYS A 18 16.05 58.26 -17.75
C LYS A 18 16.85 56.97 -17.88
N PRO A 19 17.80 56.90 -18.85
CA PRO A 19 18.63 55.69 -19.01
C PRO A 19 19.37 55.26 -17.75
N PHE A 20 19.32 53.96 -17.45
CA PHE A 20 20.00 53.40 -16.30
C PHE A 20 21.30 52.74 -16.77
N HIS A 21 22.42 53.32 -16.34
CA HIS A 21 23.75 52.91 -16.77
C HIS A 21 24.50 52.21 -15.62
N ILE A 22 24.87 50.96 -15.87
CA ILE A 22 25.70 50.16 -14.96
C ILE A 22 26.86 49.60 -15.77
N THR A 23 27.82 48.99 -15.09
CA THR A 23 28.97 48.39 -15.79
C THR A 23 28.47 47.43 -16.88
N GLY A 24 28.81 47.77 -18.12
CA GLY A 24 28.55 46.92 -19.27
C GLY A 24 27.13 46.91 -19.82
N SER A 25 26.28 47.79 -19.28
CA SER A 25 24.86 47.81 -19.67
C SER A 25 24.21 49.17 -19.47
N VAL A 26 23.52 49.65 -20.51
CA VAL A 26 22.65 50.81 -20.40
C VAL A 26 21.27 50.40 -20.92
N SER A 27 20.24 50.76 -20.16
CA SER A 27 18.86 50.43 -20.52
CA SER A 27 18.86 50.43 -20.52
C SER A 27 17.91 51.59 -20.23
N SER A 28 16.87 51.71 -21.06
CA SER A 28 15.88 52.78 -20.91
C SER A 28 14.46 52.27 -20.70
N GLU A 29 14.32 50.94 -20.62
CA GLU A 29 13.01 50.31 -20.58
C GLU A 29 13.13 48.93 -19.96
N SER A 30 12.11 48.53 -19.22
N SER A 30 12.11 48.56 -19.18
CA SER A 30 12.01 47.18 -18.69
CA SER A 30 11.93 47.19 -18.70
C SER A 30 10.91 46.43 -19.45
C SER A 30 10.92 46.49 -19.59
N ARG A 31 11.28 45.32 -20.08
CA ARG A 31 10.30 44.47 -20.72
CA ARG A 31 10.32 44.45 -20.75
C ARG A 31 10.16 43.20 -19.88
N ASN A 32 9.03 43.13 -19.18
CA ASN A 32 8.79 42.06 -18.22
C ASN A 32 7.69 41.13 -18.68
N VAL A 33 7.62 39.97 -18.04
CA VAL A 33 6.57 39.01 -18.31
C VAL A 33 5.74 38.83 -17.05
N GLU A 34 4.48 39.23 -17.13
CA GLU A 34 3.56 39.05 -16.02
C GLU A 34 2.94 37.66 -16.08
N VAL A 35 2.87 37.01 -14.93
CA VAL A 35 2.30 35.69 -14.81
C VAL A 35 1.01 35.75 -14.00
N GLU A 36 -0.05 35.18 -14.56
CA GLU A 36 -1.32 35.04 -13.85
C GLU A 36 -1.63 33.56 -13.71
N ILE A 37 -1.82 33.11 -12.47
CA ILE A 37 -2.27 31.76 -12.19
C ILE A 37 -3.73 31.82 -11.78
N VAL A 38 -4.58 31.05 -12.45
CA VAL A 38 -6.01 31.05 -12.12
C VAL A 38 -6.37 29.71 -11.50
N LEU A 39 -7.05 29.73 -10.36
CA LEU A 39 -7.48 28.50 -9.70
C LEU A 39 -8.94 28.18 -9.98
N GLU A 40 -9.31 26.92 -9.71
CA GLU A 40 -10.70 26.47 -9.91
C GLU A 40 -11.69 27.21 -9.00
N SER A 41 -11.20 27.71 -7.87
CA SER A 41 -12.00 28.54 -6.95
C SER A 41 -12.31 29.92 -7.53
N GLY A 42 -11.60 30.31 -8.60
CA GLY A 42 -11.69 31.66 -9.15
C GLY A 42 -10.59 32.60 -8.67
N VAL A 43 -9.86 32.18 -7.63
CA VAL A 43 -8.74 32.96 -7.13
C VAL A 43 -7.67 33.12 -8.21
N LYS A 44 -7.11 34.32 -8.31
CA LYS A 44 -6.04 34.64 -9.24
C LYS A 44 -4.81 35.14 -8.49
N GLY A 45 -3.65 34.53 -8.77
CA GLY A 45 -2.38 34.95 -8.17
C GLY A 45 -1.49 35.50 -9.27
N TYR A 46 -0.64 36.46 -8.90
CA TYR A 46 0.18 37.17 -9.88
C TYR A 46 1.65 37.24 -9.52
N GLY A 47 2.49 37.10 -10.53
CA GLY A 47 3.93 37.28 -10.39
C GLY A 47 4.44 38.05 -11.59
N GLU A 48 5.71 38.44 -11.53
CA GLU A 48 6.34 39.13 -12.65
C GLU A 48 7.77 38.64 -12.81
N ALA A 49 8.13 38.31 -14.05
CA ALA A 49 9.49 37.95 -14.39
C ALA A 49 10.12 39.14 -15.05
N SER A 50 11.18 39.66 -14.45
CA SER A 50 11.99 40.69 -15.05
C SER A 50 13.32 40.06 -15.42
N PRO A 51 13.46 39.62 -16.68
CA PRO A 51 14.60 38.80 -17.11
C PRO A 51 15.90 39.60 -17.18
N SER A 52 17.02 38.89 -17.02
CA SER A 52 18.32 39.51 -17.20
C SER A 52 19.21 38.75 -18.18
N PHE A 53 19.50 39.36 -19.32
CA PHE A 53 20.44 38.74 -20.27
C PHE A 53 21.86 38.68 -19.69
N ARG A 54 22.27 39.76 -19.04
CA ARG A 54 23.63 39.87 -18.52
C ARG A 54 23.88 38.88 -17.37
N VAL A 55 22.89 38.71 -16.50
CA VAL A 55 23.08 37.88 -15.30
C VAL A 55 22.61 36.44 -15.49
N ASN A 56 21.44 36.30 -16.10
CA ASN A 56 20.78 35.00 -16.18
C ASN A 56 20.83 34.39 -17.58
N GLY A 57 21.27 35.19 -18.55
CA GLY A 57 21.31 34.75 -19.96
C GLY A 57 19.96 34.78 -20.65
N GLU A 58 18.94 35.34 -19.99
CA GLU A 58 17.56 35.30 -20.49
C GLU A 58 17.26 36.36 -21.52
N ARG A 59 16.25 36.08 -22.35
CA ARG A 59 15.66 37.08 -23.25
C ARG A 59 14.15 37.01 -23.11
N VAL A 60 13.50 38.17 -23.02
CA VAL A 60 12.06 38.23 -22.79
C VAL A 60 11.26 37.44 -23.84
N GLU A 61 11.68 37.49 -25.11
CA GLU A 61 11.06 36.72 -26.22
C GLU A 61 11.04 35.23 -25.89
N ALA A 62 12.13 34.77 -25.26
CA ALA A 62 12.27 33.36 -24.94
C ALA A 62 11.35 32.95 -23.80
N LEU A 63 11.25 33.77 -22.77
CA LEU A 63 10.27 33.53 -21.71
C LEU A 63 8.86 33.41 -22.28
N LEU A 64 8.47 34.37 -23.10
CA LEU A 64 7.11 34.35 -23.66
C LEU A 64 6.86 33.09 -24.46
N ALA A 65 7.91 32.60 -25.12
CA ALA A 65 7.82 31.43 -26.03
C ALA A 65 7.43 30.13 -25.32
N ILE A 66 7.68 30.05 -24.01
CA ILE A 66 7.47 28.79 -23.27
C ILE A 66 6.19 28.78 -22.44
N GLU A 67 5.28 29.70 -22.76
CA GLU A 67 4.01 29.76 -22.04
C GLU A 67 3.32 28.40 -21.96
N ASN A 68 3.20 27.70 -23.09
CA ASN A 68 2.45 26.46 -23.08
C ASN A 68 3.10 25.40 -22.19
N ALA A 69 4.43 25.32 -22.24
CA ALA A 69 5.18 24.38 -21.40
C ALA A 69 4.95 24.64 -19.91
N VAL A 70 5.05 25.91 -19.52
CA VAL A 70 4.83 26.29 -18.12
C VAL A 70 3.43 25.89 -17.69
N ARG A 71 2.45 26.18 -18.53
CA ARG A 71 1.06 25.83 -18.27
C ARG A 71 0.91 24.32 -18.04
N GLU A 72 1.46 23.53 -18.96
CA GLU A 72 1.35 22.07 -18.86
CA GLU A 72 1.40 22.06 -18.89
C GLU A 72 2.06 21.51 -17.63
N MSE A 73 3.15 22.17 -17.21
CA MSE A 73 3.93 21.67 -16.08
C MSE A 73 3.21 21.73 -14.75
O MSE A 73 3.45 20.89 -13.89
CB MSE A 73 5.27 22.42 -15.99
CG MSE A 73 6.28 21.88 -16.94
SE MSE A 73 7.72 23.13 -17.22
CE MSE A 73 8.85 22.67 -15.68
N ILE A 74 2.32 22.71 -14.57
CA ILE A 74 1.70 22.88 -13.25
C ILE A 74 0.17 22.88 -13.22
N THR A 75 -0.47 22.88 -14.40
CA THR A 75 -1.93 22.84 -14.42
C THR A 75 -2.43 21.55 -13.74
N GLY A 76 -3.44 21.70 -12.88
CA GLY A 76 -4.02 20.57 -12.16
C GLY A 76 -3.46 20.36 -10.76
N ILE A 77 -2.37 21.06 -10.44
CA ILE A 77 -1.80 20.95 -9.11
C ILE A 77 -2.49 21.91 -8.16
N ASP A 78 -2.80 21.43 -6.97
CA ASP A 78 -3.40 22.25 -5.94
C ASP A 78 -2.32 23.13 -5.30
N VAL A 79 -2.59 24.43 -5.19
CA VAL A 79 -1.59 25.34 -4.63
C VAL A 79 -1.24 25.02 -3.18
N ARG A 80 -2.08 24.25 -2.48
CA ARG A 80 -1.73 23.84 -1.12
C ARG A 80 -0.52 22.90 -1.10
N ASN A 81 -0.29 22.18 -2.21
CA ASN A 81 0.92 21.38 -2.38
C ASN A 81 2.01 22.19 -3.07
N TYR A 82 2.27 23.39 -2.52
CA TYR A 82 3.13 24.34 -3.21
C TYR A 82 4.56 23.82 -3.37
N ALA A 83 5.01 22.95 -2.47
CA ALA A 83 6.34 22.35 -2.64
C ALA A 83 6.46 21.54 -3.92
N ARG A 84 5.36 20.93 -4.36
CA ARG A 84 5.39 20.18 -5.62
C ARG A 84 5.60 21.14 -6.78
N ILE A 85 4.88 22.27 -6.73
CA ILE A 85 5.03 23.31 -7.74
C ILE A 85 6.45 23.87 -7.71
N PHE A 86 7.00 24.07 -6.52
CA PHE A 86 8.36 24.62 -6.43
C PHE A 86 9.38 23.66 -7.05
N GLU A 87 9.24 22.37 -6.76
CA GLU A 87 10.16 21.37 -7.31
C GLU A 87 10.07 21.28 -8.83
N ILE A 88 8.84 21.31 -9.34
CA ILE A 88 8.61 21.28 -10.81
C ILE A 88 9.24 22.51 -11.46
N THR A 89 8.99 23.68 -10.87
CA THR A 89 9.49 24.93 -11.46
C THR A 89 10.99 25.15 -11.25
N ASP A 90 11.60 24.38 -10.33
CA ASP A 90 13.05 24.38 -10.20
C ASP A 90 13.70 23.86 -11.50
N ARG A 91 12.91 23.16 -12.32
CA ARG A 91 13.40 22.72 -13.64
C ARG A 91 13.58 23.89 -14.61
N LEU A 92 12.99 25.04 -14.28
CA LEU A 92 13.11 26.25 -15.09
C LEU A 92 14.38 27.04 -14.77
N PHE A 93 15.49 26.34 -14.51
CA PHE A 93 16.73 27.02 -14.15
C PHE A 93 17.33 27.88 -15.27
N GLY A 94 16.90 27.63 -16.51
CA GLY A 94 17.28 28.45 -17.65
C GLY A 94 16.40 29.70 -17.78
N PHE A 95 15.33 29.74 -17.01
CA PHE A 95 14.40 30.87 -17.03
C PHE A 95 14.11 31.30 -15.59
N PRO A 96 15.17 31.67 -14.83
CA PRO A 96 14.98 31.85 -13.38
C PRO A 96 13.99 32.97 -13.01
N SER A 97 13.88 33.99 -13.86
CA SER A 97 12.92 35.06 -13.56
C SER A 97 11.47 34.54 -13.65
N LEU A 98 11.24 33.64 -14.59
CA LEU A 98 9.94 33.02 -14.75
C LEU A 98 9.70 32.01 -13.63
N LYS A 99 10.73 31.26 -13.27
CA LYS A 99 10.70 30.42 -12.07
C LYS A 99 10.18 31.24 -10.88
N ALA A 100 10.82 32.36 -10.61
CA ALA A 100 10.40 33.27 -9.53
C ALA A 100 8.96 33.73 -9.63
N ALA A 101 8.57 34.19 -10.82
CA ALA A 101 7.21 34.69 -11.02
C ALA A 101 6.15 33.62 -10.78
N VAL A 102 6.39 32.41 -11.28
CA VAL A 102 5.43 31.33 -11.11
C VAL A 102 5.34 30.90 -9.65
N GLN A 103 6.50 30.79 -8.98
CA GLN A 103 6.51 30.42 -7.58
C GLN A 103 5.81 31.46 -6.71
N PHE A 104 6.05 32.74 -7.00
CA PHE A 104 5.37 33.77 -6.22
C PHE A 104 3.85 33.79 -6.49
N ALA A 105 3.47 33.70 -7.76
CA ALA A 105 2.04 33.66 -8.12
C ALA A 105 1.31 32.55 -7.39
N THR A 106 1.99 31.41 -7.22
CA THR A 106 1.47 30.27 -6.46
C THR A 106 1.17 30.64 -5.01
N LEU A 107 2.13 31.28 -4.35
CA LEU A 107 1.93 31.75 -2.99
C LEU A 107 0.90 32.88 -2.89
N ASP A 108 0.85 33.73 -3.91
CA ASP A 108 -0.16 34.81 -3.95
C ASP A 108 -1.56 34.21 -3.98
N ALA A 109 -1.75 33.20 -4.82
CA ALA A 109 -3.04 32.50 -4.88
C ALA A 109 -3.36 31.72 -3.60
N LEU A 110 -2.39 30.95 -3.11
CA LEU A 110 -2.56 30.18 -1.87
C LEU A 110 -2.92 31.08 -0.69
N SER A 111 -2.18 32.17 -0.52
CA SER A 111 -2.43 33.07 0.62
C SER A 111 -3.86 33.63 0.59
N GLN A 112 -4.36 33.93 -0.60
CA GLN A 112 -5.77 34.38 -0.72
C GLN A 112 -6.73 33.29 -0.26
N GLU A 113 -6.46 32.05 -0.66
CA GLU A 113 -7.32 30.93 -0.27
C GLU A 113 -7.31 30.67 1.23
N LEU A 114 -6.20 31.04 1.88
CA LEU A 114 -6.04 30.88 3.33
C LEU A 114 -6.46 32.12 4.11
N GLY A 115 -6.81 33.18 3.41
CA GLY A 115 -7.27 34.41 4.04
C GLY A 115 -6.15 35.22 4.67
N THR A 116 -4.96 35.11 4.10
CA THR A 116 -3.80 35.81 4.65
C THR A 116 -2.96 36.43 3.51
N GLN A 117 -1.73 36.80 3.82
CA GLN A 117 -0.85 37.41 2.84
C GLN A 117 0.44 36.62 2.75
N VAL A 118 1.15 36.80 1.64
CA VAL A 118 2.37 36.01 1.40
C VAL A 118 3.40 36.22 2.52
N CYS A 119 3.60 37.47 2.95
CA CYS A 119 4.57 37.75 4.02
C CYS A 119 4.29 36.89 5.26
N TYR A 120 3.01 36.68 5.57
CA TYR A 120 2.63 35.84 6.71
C TYR A 120 2.88 34.36 6.48
N LEU A 121 2.62 33.85 5.28
CA LEU A 121 2.97 32.46 4.96
C LEU A 121 4.46 32.24 5.24
N LEU A 122 5.25 33.28 5.00
CA LEU A 122 6.71 33.21 5.11
C LEU A 122 7.29 33.53 6.50
N GLY A 123 6.42 33.82 7.46
CA GLY A 123 6.84 34.02 8.86
C GLY A 123 6.35 35.30 9.51
N GLY A 124 6.02 36.30 8.70
CA GLY A 124 5.52 37.59 9.22
C GLY A 124 6.50 38.25 10.18
N LYS A 125 7.80 38.16 9.88
CA LYS A 125 8.80 38.64 10.85
C LYS A 125 8.78 40.14 11.06
N ARG A 126 8.59 40.90 9.98
CA ARG A 126 8.67 42.37 10.01
C ARG A 126 7.39 43.00 9.47
N ASP A 127 7.09 44.20 9.96
CA ASP A 127 5.95 44.96 9.46
C ASP A 127 6.35 46.05 8.48
N GLU A 128 7.63 46.44 8.50
CA GLU A 128 8.13 47.51 7.66
C GLU A 128 9.57 47.22 7.24
N ILE A 129 9.90 47.62 6.02
CA ILE A 129 11.29 47.61 5.54
C ILE A 129 11.59 48.95 4.89
N GLU A 130 12.87 49.20 4.65
CA GLU A 130 13.29 50.46 4.03
C GLU A 130 14.25 50.13 2.90
N THR A 131 14.05 50.77 1.74
CA THR A 131 14.92 50.58 0.58
C THR A 131 15.92 51.71 0.42
N ASP A 132 17.06 51.40 -0.20
CA ASP A 132 17.97 52.41 -0.74
C ASP A 132 17.41 52.91 -2.08
N LYS A 133 18.12 53.86 -2.68
CA LYS A 133 17.91 54.17 -4.09
C LYS A 133 19.27 54.27 -4.74
N THR A 134 19.30 53.95 -6.05
CA THR A 134 20.55 53.80 -6.77
C THR A 134 20.96 54.99 -7.63
N VAL A 135 22.25 55.33 -7.56
CA VAL A 135 22.92 56.28 -8.42
C VAL A 135 23.59 55.51 -9.56
N GLY A 136 23.12 55.73 -10.78
CA GLY A 136 23.74 55.08 -11.95
C GLY A 136 25.05 55.74 -12.38
N ILE A 137 25.72 55.13 -13.35
CA ILE A 137 26.95 55.71 -13.87
C ILE A 137 26.62 56.88 -14.82
N ASP A 138 27.46 57.91 -14.74
CA ASP A 138 27.34 59.14 -15.53
C ASP A 138 28.66 59.89 -15.32
N THR A 139 28.71 61.17 -15.72
CA THR A 139 29.86 62.00 -15.39
C THR A 139 29.93 62.12 -13.87
N VAL A 140 31.11 62.40 -13.33
CA VAL A 140 31.27 62.58 -11.88
C VAL A 140 30.27 63.61 -11.33
N GLU A 141 30.19 64.76 -11.98
CA GLU A 141 29.25 65.80 -11.59
C GLU A 141 27.80 65.28 -11.52
N ASN A 142 27.38 64.52 -12.52
CA ASN A 142 26.01 64.02 -12.55
C ASN A 142 25.75 62.96 -11.49
N ARG A 143 26.76 62.11 -11.24
CA ARG A 143 26.63 61.12 -10.18
C ARG A 143 26.45 61.79 -8.82
N VAL A 144 27.27 62.82 -8.56
CA VAL A 144 27.13 63.57 -7.30
C VAL A 144 25.75 64.23 -7.19
N LYS A 145 25.30 64.86 -8.27
CA LYS A 145 24.00 65.50 -8.31
C LYS A 145 22.88 64.52 -7.97
N GLU A 146 22.92 63.34 -8.59
CA GLU A 146 21.90 62.32 -8.35
C GLU A 146 21.94 61.77 -6.91
N ALA A 147 23.15 61.57 -6.37
CA ALA A 147 23.29 61.10 -4.98
C ALA A 147 22.71 62.11 -3.99
N LYS A 148 22.99 63.39 -4.23
CA LYS A 148 22.44 64.46 -3.38
C LYS A 148 20.91 64.48 -3.45
N LYS A 149 20.36 64.34 -4.65
CA LYS A 149 18.91 64.28 -4.84
C LYS A 149 18.30 63.17 -4.01
N ILE A 150 18.87 61.97 -4.11
CA ILE A 150 18.41 60.81 -3.36
C ILE A 150 18.45 61.08 -1.86
N PHE A 151 19.53 61.70 -1.41
CA PHE A 151 19.65 62.04 0.01
C PHE A 151 18.59 63.05 0.46
N GLU A 152 18.31 64.01 -0.41
CA GLU A 152 17.30 65.04 -0.14
C GLU A 152 15.91 64.44 -0.12
N GLU A 153 15.72 63.34 -0.86
CA GLU A 153 14.45 62.62 -0.88
C GLU A 153 14.19 61.83 0.43
N GLY A 154 15.21 61.74 1.27
CA GLY A 154 15.05 61.08 2.57
C GLY A 154 15.57 59.65 2.62
N PHE A 155 16.19 59.20 1.52
CA PHE A 155 16.80 57.88 1.54
C PHE A 155 18.02 57.93 2.46
N ARG A 156 18.10 56.96 3.37
CA ARG A 156 19.17 56.88 4.36
C ARG A 156 20.33 55.98 3.94
N VAL A 157 20.06 55.16 2.92
CA VAL A 157 21.09 54.32 2.28
C VAL A 157 21.09 54.70 0.81
N ILE A 158 22.28 55.01 0.29
CA ILE A 158 22.46 55.39 -1.10
C ILE A 158 23.34 54.31 -1.78
N LYS A 159 22.81 53.70 -2.84
CA LYS A 159 23.56 52.69 -3.60
CA LYS A 159 23.58 52.70 -3.60
C LYS A 159 24.22 53.39 -4.79
N ILE A 160 25.53 53.22 -4.92
CA ILE A 160 26.32 53.92 -5.93
C ILE A 160 26.92 52.90 -6.88
N LYS A 161 26.54 52.98 -8.16
CA LYS A 161 27.12 52.13 -9.17
C LYS A 161 28.51 52.63 -9.51
N VAL A 162 29.45 51.69 -9.59
CA VAL A 162 30.81 51.95 -10.06
C VAL A 162 31.23 50.83 -11.04
N GLY A 163 32.45 50.90 -11.55
CA GLY A 163 33.03 49.75 -12.23
C GLY A 163 33.66 49.96 -13.59
N GLU A 164 33.40 51.11 -14.20
CA GLU A 164 33.90 51.37 -15.54
C GLU A 164 35.13 52.25 -15.59
N ASN A 165 35.37 53.03 -14.53
CA ASN A 165 36.48 53.97 -14.48
C ASN A 165 36.92 54.16 -13.03
N LEU A 166 37.92 53.40 -12.62
CA LEU A 166 38.35 53.36 -11.22
C LEU A 166 38.64 54.76 -10.63
N LYS A 167 39.40 55.57 -11.38
CA LYS A 167 39.76 56.90 -10.90
C LYS A 167 38.51 57.77 -10.69
N GLU A 168 37.61 57.75 -11.65
CA GLU A 168 36.39 58.57 -11.56
C GLU A 168 35.44 58.02 -10.51
N ASP A 169 35.47 56.70 -10.32
CA ASP A 169 34.68 56.04 -9.28
C ASP A 169 35.09 56.48 -7.88
N ILE A 170 36.40 56.51 -7.65
CA ILE A 170 36.95 56.96 -6.37
C ILE A 170 36.57 58.43 -6.15
N GLU A 171 36.77 59.25 -7.17
CA GLU A 171 36.39 60.67 -7.07
C GLU A 171 34.91 60.86 -6.78
N ALA A 172 34.05 60.13 -7.48
CA ALA A 172 32.61 60.28 -7.32
C ALA A 172 32.17 59.89 -5.92
N VAL A 173 32.63 58.75 -5.44
CA VAL A 173 32.25 58.33 -4.10
C VAL A 173 32.74 59.31 -3.02
N GLU A 174 33.92 59.88 -3.21
CA GLU A 174 34.46 60.81 -2.23
C GLU A 174 33.69 62.11 -2.22
N GLU A 175 33.32 62.60 -3.40
CA GLU A 175 32.50 63.80 -3.52
C GLU A 175 31.08 63.58 -2.97
N ILE A 176 30.51 62.41 -3.26
CA ILE A 176 29.18 62.05 -2.74
C ILE A 176 29.18 62.07 -1.21
N ALA A 177 30.20 61.47 -0.62
CA ALA A 177 30.29 61.39 0.84
C ALA A 177 30.25 62.78 1.47
N LYS A 178 30.93 63.74 0.83
CA LYS A 178 31.03 65.10 1.37
C LYS A 178 29.69 65.83 1.47
N VAL A 179 28.79 65.51 0.55
CA VAL A 179 27.53 66.24 0.42
C VAL A 179 26.32 65.44 0.92
N THR A 180 26.57 64.26 1.48
CA THR A 180 25.49 63.43 2.00
C THR A 180 25.85 62.90 3.39
N ARG A 181 26.46 63.75 4.20
CA ARG A 181 26.89 63.34 5.54
C ARG A 181 25.70 62.82 6.35
N GLY A 182 25.84 61.58 6.82
CA GLY A 182 24.79 60.89 7.53
C GLY A 182 24.24 59.69 6.79
N ALA A 183 24.42 59.68 5.46
CA ALA A 183 23.97 58.54 4.64
C ALA A 183 24.87 57.33 4.85
N LYS A 184 24.30 56.12 4.69
CA LYS A 184 25.09 54.89 4.53
C LYS A 184 25.22 54.64 3.03
N TYR A 185 26.30 53.97 2.62
CA TYR A 185 26.64 53.76 1.19
C TYR A 185 26.78 52.29 0.86
N ILE A 186 26.10 51.86 -0.19
CA ILE A 186 26.40 50.57 -0.83
C ILE A 186 27.05 50.87 -2.17
N VAL A 187 28.14 50.18 -2.49
CA VAL A 187 28.85 50.42 -3.75
C VAL A 187 28.74 49.13 -4.53
N ASP A 188 28.25 49.21 -5.76
CA ASP A 188 28.06 48.02 -6.60
C ASP A 188 28.88 48.15 -7.86
N ALA A 189 29.87 47.27 -8.02
CA ALA A 189 30.82 47.40 -9.13
C ALA A 189 30.43 46.58 -10.35
N ASN A 190 29.39 45.75 -10.20
CA ASN A 190 28.83 44.94 -11.29
C ASN A 190 29.91 44.29 -12.14
N MSE A 191 30.85 43.66 -11.43
CA MSE A 191 31.90 42.82 -12.03
C MSE A 191 32.99 43.62 -12.77
O MSE A 191 33.78 43.03 -13.51
CB MSE A 191 31.29 41.74 -12.96
CG MSE A 191 30.24 40.85 -12.28
SE MSE A 191 29.55 39.41 -13.46
CE MSE A 191 28.71 40.58 -14.80
N GLY A 192 33.06 44.93 -12.58
CA GLY A 192 33.92 45.76 -13.41
C GLY A 192 35.42 45.80 -13.10
N TYR A 193 35.80 45.37 -11.90
CA TYR A 193 37.18 45.54 -11.44
C TYR A 193 37.98 44.24 -11.41
N THR A 194 39.29 44.35 -11.52
CA THR A 194 40.14 43.22 -11.14
C THR A 194 40.18 43.16 -9.61
N GLN A 195 40.66 42.03 -9.06
CA GLN A 195 40.82 41.89 -7.62
C GLN A 195 41.57 43.08 -7.03
N LYS A 196 42.70 43.42 -7.66
CA LYS A 196 43.60 44.48 -7.15
C LYS A 196 42.97 45.87 -7.32
N GLU A 197 42.30 46.10 -8.45
CA GLU A 197 41.57 47.36 -8.63
C GLU A 197 40.50 47.51 -7.55
N ALA A 198 39.78 46.41 -7.26
CA ALA A 198 38.72 46.45 -6.26
C ALA A 198 39.24 46.76 -4.86
N VAL A 199 40.38 46.16 -4.51
CA VAL A 199 41.01 46.43 -3.21
C VAL A 199 41.39 47.92 -3.16
N GLU A 200 41.93 48.43 -4.26
CA GLU A 200 42.40 49.82 -4.26
C GLU A 200 41.29 50.86 -4.20
N PHE A 201 40.18 50.56 -4.86
CA PHE A 201 39.01 51.40 -4.69
C PHE A 201 38.64 51.51 -3.20
N ALA A 202 38.56 50.35 -2.54
CA ALA A 202 38.13 50.33 -1.16
C ALA A 202 39.12 51.08 -0.27
N ARG A 203 40.41 50.86 -0.48
CA ARG A 203 41.46 51.52 0.33
C ARG A 203 41.46 53.02 0.16
N ALA A 204 41.27 53.47 -1.08
CA ALA A 204 41.24 54.89 -1.38
C ALA A 204 40.13 55.61 -0.64
N VAL A 205 38.92 55.05 -0.67
CA VAL A 205 37.80 55.69 0.03
C VAL A 205 37.90 55.54 1.56
N TYR A 206 38.38 54.39 2.03
CA TYR A 206 38.67 54.20 3.47
C TYR A 206 39.61 55.28 3.96
N GLN A 207 40.61 55.61 3.14
CA GLN A 207 41.61 56.62 3.54
C GLN A 207 41.03 58.02 3.74
N LYS A 208 39.90 58.29 3.09
CA LYS A 208 39.17 59.54 3.30
C LYS A 208 38.17 59.48 4.46
N GLY A 209 38.22 58.38 5.23
CA GLY A 209 37.33 58.19 6.37
C GLY A 209 35.89 57.83 6.00
N ILE A 210 35.71 57.33 4.78
CA ILE A 210 34.40 56.91 4.28
C ILE A 210 34.18 55.42 4.57
N ASP A 211 33.00 55.10 5.10
CA ASP A 211 32.62 53.73 5.37
C ASP A 211 31.64 53.23 4.32
N ILE A 212 31.95 52.10 3.70
CA ILE A 212 31.03 51.48 2.75
C ILE A 212 30.35 50.29 3.42
N ALA A 213 29.03 50.37 3.55
CA ALA A 213 28.24 49.37 4.27
C ALA A 213 28.32 48.01 3.60
N VAL A 214 28.20 48.00 2.28
CA VAL A 214 28.31 46.75 1.51
C VAL A 214 28.97 47.08 0.17
N TYR A 215 29.94 46.26 -0.20
CA TYR A 215 30.71 46.45 -1.44
C TYR A 215 30.38 45.27 -2.34
N GLU A 216 29.52 45.49 -3.32
CA GLU A 216 28.95 44.37 -4.10
C GLU A 216 29.76 43.98 -5.33
N GLN A 217 29.97 42.66 -5.44
CA GLN A 217 30.46 41.99 -6.65
C GLN A 217 31.46 42.82 -7.45
N PRO A 218 32.62 43.10 -6.85
CA PRO A 218 33.65 43.86 -7.55
C PRO A 218 34.26 43.13 -8.76
N VAL A 219 34.23 41.79 -8.74
CA VAL A 219 34.91 40.96 -9.75
C VAL A 219 33.92 40.10 -10.56
N ARG A 220 34.40 39.37 -11.58
CA ARG A 220 33.50 38.57 -12.43
C ARG A 220 32.79 37.42 -11.72
N ARG A 221 31.69 36.97 -12.31
CA ARG A 221 30.79 35.95 -11.74
C ARG A 221 31.54 34.68 -11.30
N GLU A 222 32.47 34.24 -12.12
CA GLU A 222 33.11 32.95 -11.89
C GLU A 222 34.34 33.06 -10.95
N ASP A 223 34.76 34.28 -10.68
CA ASP A 223 35.96 34.57 -9.91
C ASP A 223 35.72 34.53 -8.40
N ILE A 224 35.37 33.35 -7.89
CA ILE A 224 35.09 33.20 -6.46
C ILE A 224 36.33 33.51 -5.63
N GLU A 225 37.49 33.05 -6.11
CA GLU A 225 38.75 33.28 -5.41
C GLU A 225 39.06 34.78 -5.37
N GLY A 226 38.67 35.47 -6.42
CA GLY A 226 38.82 36.93 -6.49
C GLY A 226 37.94 37.68 -5.51
N LEU A 227 36.69 37.24 -5.38
CA LEU A 227 35.81 37.78 -4.37
C LEU A 227 36.42 37.62 -2.98
N LYS A 228 36.95 36.42 -2.69
CA LYS A 228 37.59 36.17 -1.40
C LYS A 228 38.80 37.08 -1.19
N PHE A 229 39.58 37.26 -2.26
CA PHE A 229 40.77 38.12 -2.18
C PHE A 229 40.36 39.53 -1.77
N VAL A 230 39.33 40.08 -2.42
CA VAL A 230 38.84 41.41 -2.04
C VAL A 230 38.38 41.44 -0.57
N ARG A 231 37.60 40.43 -0.19
CA ARG A 231 37.11 40.31 1.17
C ARG A 231 38.25 40.34 2.19
N PHE A 232 39.32 39.60 1.90
CA PHE A 232 40.40 39.46 2.87
C PHE A 232 41.41 40.59 2.85
N HIS A 233 41.32 41.48 1.85
CA HIS A 233 42.34 42.54 1.73
C HIS A 233 41.82 43.95 1.66
N SER A 234 40.54 44.10 1.93
CA SER A 234 39.96 45.43 2.03
C SER A 234 38.94 45.51 3.19
N PRO A 235 38.69 46.73 3.69
CA PRO A 235 38.05 46.89 4.99
C PRO A 235 36.54 46.79 5.03
N PHE A 236 35.90 46.72 3.86
CA PHE A 236 34.44 46.75 3.79
C PHE A 236 33.82 45.38 3.53
N PRO A 237 32.59 45.17 4.01
CA PRO A 237 31.94 43.89 3.74
C PRO A 237 31.74 43.68 2.26
N VAL A 238 32.09 42.50 1.77
CA VAL A 238 31.95 42.18 0.35
C VAL A 238 30.75 41.30 0.11
N ALA A 239 29.95 41.64 -0.90
CA ALA A 239 28.77 40.84 -1.25
C ALA A 239 28.95 40.15 -2.58
N ALA A 240 28.42 38.94 -2.67
CA ALA A 240 28.20 38.28 -3.95
C ALA A 240 26.84 38.68 -4.45
N ASP A 241 26.78 38.97 -5.75
CA ASP A 241 25.50 39.20 -6.41
C ASP A 241 25.48 38.23 -7.57
N GLU A 242 26.14 38.58 -8.67
CA GLU A 242 26.14 37.70 -9.85
C GLU A 242 26.72 36.32 -9.54
N SER A 243 27.64 36.24 -8.57
CA SER A 243 28.20 34.95 -8.13
C SER A 243 27.26 34.14 -7.27
N ALA A 244 26.15 34.73 -6.84
CA ALA A 244 25.20 34.03 -5.99
C ALA A 244 23.84 33.97 -6.65
N ARG A 245 23.69 33.02 -7.58
CA ARG A 245 22.39 32.84 -8.24
C ARG A 245 21.55 31.73 -7.63
N THR A 246 22.21 30.62 -7.28
CA THR A 246 21.53 29.46 -6.75
C THR A 246 21.96 29.14 -5.33
N LYS A 247 21.20 28.27 -4.69
CA LYS A 247 21.54 27.83 -3.34
C LYS A 247 22.89 27.12 -3.32
N PHE A 248 23.20 26.42 -4.41
CA PHE A 248 24.48 25.71 -4.53
C PHE A 248 25.63 26.69 -4.63
N ASP A 249 25.42 27.79 -5.36
CA ASP A 249 26.41 28.87 -5.40
C ASP A 249 26.71 29.37 -4.00
N VAL A 250 25.67 29.52 -3.19
CA VAL A 250 25.87 30.09 -1.85
C VAL A 250 26.60 29.10 -0.92
N MSE A 251 26.26 27.82 -1.00
CA MSE A 251 27.05 26.80 -0.28
C MSE A 251 28.55 26.91 -0.63
O MSE A 251 29.39 26.86 0.27
CB MSE A 251 26.54 25.38 -0.53
CG MSE A 251 25.19 25.11 0.09
SE MSE A 251 25.14 25.11 2.04
CE MSE A 251 26.80 24.13 2.31
N ARG A 252 28.86 27.10 -1.91
CA ARG A 252 30.26 27.22 -2.35
C ARG A 252 30.90 28.46 -1.76
N LEU A 253 30.20 29.59 -1.83
CA LEU A 253 30.71 30.83 -1.27
C LEU A 253 31.00 30.68 0.23
N VAL A 254 30.11 29.98 0.95
CA VAL A 254 30.30 29.81 2.39
C VAL A 254 31.51 28.92 2.68
N LYS A 255 31.61 27.83 1.92
CA LYS A 255 32.73 26.87 2.08
C LYS A 255 34.05 27.57 1.83
N GLU A 256 34.09 28.45 0.85
CA GLU A 256 35.32 29.16 0.49
C GLU A 256 35.58 30.41 1.34
N GLU A 257 34.65 30.77 2.22
CA GLU A 257 34.72 31.98 3.07
C GLU A 257 34.91 33.22 2.21
N ALA A 258 34.23 33.24 1.07
CA ALA A 258 34.49 34.22 0.01
C ALA A 258 33.86 35.59 0.22
N VAL A 259 32.79 35.62 0.99
CA VAL A 259 32.00 36.85 1.14
C VAL A 259 31.45 37.09 2.53
N ASP A 260 31.16 38.35 2.82
CA ASP A 260 30.51 38.76 4.06
C ASP A 260 29.00 38.79 3.91
N TYR A 261 28.55 39.07 2.68
CA TYR A 261 27.13 39.26 2.35
C TYR A 261 26.79 38.50 1.09
N VAL A 262 25.51 38.12 0.98
CA VAL A 262 24.92 37.76 -0.30
C VAL A 262 23.77 38.72 -0.64
N ASN A 263 23.71 39.16 -1.90
CA ASN A 263 22.56 39.91 -2.39
C ASN A 263 21.62 38.93 -3.05
N ILE A 264 20.55 38.58 -2.35
CA ILE A 264 19.57 37.68 -2.94
C ILE A 264 18.72 38.46 -3.93
N LYS A 265 18.50 37.92 -5.12
CA LYS A 265 17.43 38.47 -5.96
C LYS A 265 16.51 37.33 -6.35
N LEU A 266 15.21 37.52 -6.15
CA LEU A 266 14.24 36.53 -6.62
C LEU A 266 14.42 36.23 -8.11
N MSE A 267 14.81 37.24 -8.89
CA MSE A 267 14.99 37.02 -10.32
C MSE A 267 16.15 36.07 -10.66
O MSE A 267 16.17 35.50 -11.75
CB MSE A 267 15.11 38.32 -11.11
CG MSE A 267 13.84 39.17 -11.17
SE MSE A 267 12.20 38.16 -11.53
CE MSE A 267 11.39 38.24 -9.76
N LYS A 268 17.10 35.91 -9.73
CA LYS A 268 18.17 34.92 -9.90
C LYS A 268 17.76 33.55 -9.37
N SER A 269 17.06 33.54 -8.25
CA SER A 269 16.96 32.33 -7.42
C SER A 269 15.58 31.67 -7.40
N GLY A 270 14.54 32.40 -7.75
CA GLY A 270 13.19 31.96 -7.44
C GLY A 270 12.96 32.02 -5.94
N ILE A 271 11.74 31.73 -5.51
CA ILE A 271 11.42 31.67 -4.08
C ILE A 271 12.14 30.47 -3.43
N SER A 272 12.17 29.34 -4.13
CA SER A 272 12.75 28.11 -3.57
C SER A 272 14.21 28.29 -3.17
N ASP A 273 15.05 28.69 -4.12
CA ASP A 273 16.47 28.88 -3.76
C ASP A 273 16.64 30.05 -2.81
N ALA A 274 15.82 31.08 -2.94
CA ALA A 274 15.95 32.25 -2.05
C ALA A 274 15.72 31.85 -0.60
N LEU A 275 14.71 31.02 -0.35
CA LEU A 275 14.47 30.53 1.00
C LEU A 275 15.64 29.69 1.51
N ALA A 276 16.19 28.84 0.65
CA ALA A 276 17.37 28.05 1.02
C ALA A 276 18.55 28.93 1.38
N ILE A 277 18.78 29.98 0.58
CA ILE A 277 19.87 30.90 0.84
C ILE A 277 19.70 31.61 2.17
N VAL A 278 18.47 32.04 2.49
CA VAL A 278 18.22 32.67 3.79
C VAL A 278 18.64 31.72 4.91
N GLU A 279 18.24 30.45 4.78
CA GLU A 279 18.54 29.46 5.82
C GLU A 279 20.03 29.17 5.92
N ILE A 280 20.71 29.07 4.78
CA ILE A 280 22.15 28.84 4.76
C ILE A 280 22.86 30.02 5.43
N ALA A 281 22.45 31.24 5.05
CA ALA A 281 23.10 32.42 5.60
C ALA A 281 22.96 32.49 7.12
N GLU A 282 21.76 32.16 7.62
CA GLU A 282 21.49 32.26 9.06
C GLU A 282 22.16 31.14 9.83
N SER A 283 22.64 30.14 9.09
CA SER A 283 23.38 29.02 9.67
C SER A 283 24.88 29.19 9.53
N SER A 284 25.35 30.33 8.99
CA SER A 284 26.74 30.44 8.56
C SER A 284 27.41 31.80 8.79
N GLY A 285 26.75 32.68 9.52
CA GLY A 285 27.38 34.00 9.78
C GLY A 285 27.43 34.94 8.59
N LEU A 286 26.72 34.58 7.53
CA LEU A 286 26.53 35.48 6.39
C LEU A 286 25.42 36.47 6.69
N LYS A 287 25.62 37.70 6.23
CA LYS A 287 24.55 38.69 6.25
C LYS A 287 23.96 38.82 4.85
N LEU A 288 22.79 39.43 4.77
CA LEU A 288 22.03 39.46 3.52
C LEU A 288 21.50 40.83 3.14
N MSE A 289 21.45 41.07 1.84
CA MSE A 289 20.64 42.15 1.28
C MSE A 289 19.72 41.53 0.21
O MSE A 289 19.96 40.41 -0.24
CB MSE A 289 21.54 43.26 0.72
CG MSE A 289 22.36 42.83 -0.43
SE MSE A 289 23.46 44.26 -1.07
CE MSE A 289 22.06 45.35 -1.86
N ILE A 290 18.65 42.23 -0.13
CA ILE A 290 17.78 41.78 -1.22
C ILE A 290 17.78 42.86 -2.30
N GLY A 291 17.87 42.43 -3.56
CA GLY A 291 17.90 43.37 -4.67
C GLY A 291 16.86 43.10 -5.75
N CYS A 292 17.04 43.72 -6.90
CA CYS A 292 16.06 43.60 -7.97
C CYS A 292 16.71 43.74 -9.34
N MSE A 293 15.92 43.45 -10.37
CA MSE A 293 16.34 43.71 -11.75
C MSE A 293 15.57 44.93 -12.23
O MSE A 293 15.87 46.08 -11.84
CB MSE A 293 16.08 42.49 -12.64
CG MSE A 293 16.79 41.23 -12.18
SE MSE A 293 18.75 41.26 -12.34
CE MSE A 293 19.04 39.38 -11.93
N GLY A 294 14.55 44.70 -13.05
CA GLY A 294 13.76 45.78 -13.62
C GLY A 294 12.29 45.65 -13.30
N GLU A 295 11.98 45.07 -12.13
CA GLU A 295 10.59 44.82 -11.73
C GLU A 295 9.78 46.11 -11.67
N SER A 296 8.53 46.00 -12.09
CA SER A 296 7.53 47.04 -11.81
C SER A 296 6.99 46.84 -10.40
N SER A 297 6.01 47.65 -9.98
CA SER A 297 5.44 47.50 -8.64
C SER A 297 4.89 46.08 -8.38
N LEU A 298 4.25 45.47 -9.37
CA LEU A 298 3.73 44.11 -9.17
C LEU A 298 4.88 43.12 -8.93
N GLY A 299 6.01 43.35 -9.60
CA GLY A 299 7.20 42.50 -9.43
C GLY A 299 7.92 42.76 -8.10
N ILE A 300 8.01 44.04 -7.74
CA ILE A 300 8.68 44.41 -6.46
C ILE A 300 7.86 43.86 -5.30
N ASN A 301 6.56 43.76 -5.49
CA ASN A 301 5.68 43.15 -4.49
C ASN A 301 6.23 41.80 -4.00
N GLN A 302 6.79 41.04 -4.93
CA GLN A 302 7.30 39.69 -4.63
C GLN A 302 8.40 39.76 -3.58
N SER A 303 9.32 40.69 -3.78
CA SER A 303 10.44 40.88 -2.85
C SER A 303 10.04 41.57 -1.56
N VAL A 304 9.06 42.46 -1.64
CA VAL A 304 8.55 43.10 -0.42
C VAL A 304 7.95 42.05 0.51
N HIS A 305 7.11 41.16 0.00
CA HIS A 305 6.56 40.11 0.86
C HIS A 305 7.63 39.16 1.33
N PHE A 306 8.62 38.88 0.47
CA PHE A 306 9.69 37.99 0.86
C PHE A 306 10.49 38.58 2.00
N ALA A 307 10.82 39.86 1.90
CA ALA A 307 11.63 40.56 2.90
C ALA A 307 10.86 40.82 4.20
N LEU A 308 9.59 41.20 4.09
CA LEU A 308 8.77 41.40 5.28
C LEU A 308 8.63 40.08 6.04
N GLY A 309 8.34 39.01 5.31
CA GLY A 309 8.02 37.72 5.91
C GLY A 309 9.20 37.07 6.58
N THR A 310 10.32 37.00 5.86
CA THR A 310 11.51 36.37 6.42
C THR A 310 12.25 37.29 7.40
N GLY A 311 12.14 38.61 7.17
CA GLY A 311 12.89 39.62 7.93
C GLY A 311 14.39 39.39 7.87
N ALA A 312 14.87 38.78 6.79
CA ALA A 312 16.25 38.27 6.75
C ALA A 312 17.32 39.29 6.40
N PHE A 313 16.90 40.47 5.95
CA PHE A 313 17.82 41.39 5.26
C PHE A 313 18.24 42.60 6.07
N GLU A 314 19.54 42.85 6.08
CA GLU A 314 20.06 44.05 6.73
C GLU A 314 19.79 45.26 5.85
N PHE A 315 19.93 45.07 4.53
CA PHE A 315 19.67 46.11 3.55
C PHE A 315 18.70 45.66 2.46
N HIS A 316 17.94 46.61 1.94
CA HIS A 316 16.97 46.34 0.88
C HIS A 316 17.26 47.27 -0.29
N ASP A 317 17.50 46.71 -1.46
CA ASP A 317 17.74 47.50 -2.68
C ASP A 317 16.61 47.17 -3.62
N LEU A 318 15.44 47.75 -3.31
CA LEU A 318 14.20 47.47 -4.03
C LEU A 318 13.63 48.74 -4.63
N ASP A 319 14.28 49.21 -5.68
CA ASP A 319 14.01 50.55 -6.20
C ASP A 319 13.69 50.57 -7.69
N SER A 320 13.56 49.41 -8.33
CA SER A 320 13.37 49.40 -9.78
C SER A 320 12.08 50.08 -10.19
N HIS A 321 11.04 49.91 -9.36
CA HIS A 321 9.74 50.50 -9.64
C HIS A 321 9.73 52.01 -9.40
N LEU A 322 10.78 52.51 -8.76
CA LEU A 322 10.91 53.93 -8.48
C LEU A 322 11.58 54.67 -9.64
N MSE A 323 12.02 53.91 -10.64
CA MSE A 323 12.74 54.50 -11.78
C MSE A 323 11.88 54.57 -13.04
O MSE A 323 12.38 54.89 -14.12
CB MSE A 323 14.00 53.68 -12.09
CG MSE A 323 15.08 53.81 -11.05
SE MSE A 323 16.58 52.68 -11.54
CE MSE A 323 17.61 52.91 -9.90
N LEU A 324 10.59 54.26 -12.89
CA LEU A 324 9.68 54.19 -14.02
C LEU A 324 9.04 55.54 -14.34
N LYS A 325 8.83 55.76 -15.64
CA LYS A 325 8.08 56.90 -16.12
C LYS A 325 6.62 56.52 -16.11
N GLU A 326 5.82 57.27 -15.35
CA GLU A 326 4.37 57.14 -15.35
C GLU A 326 3.87 55.71 -15.13
N GLU A 327 3.66 55.33 -13.87
CA GLU A 327 3.16 53.98 -13.59
C GLU A 327 1.98 53.96 -12.61
N VAL A 328 1.05 53.05 -12.88
CA VAL A 328 -0.08 52.75 -12.01
C VAL A 328 0.34 51.68 -11.02
N PHE A 329 0.22 52.00 -9.72
CA PHE A 329 0.70 51.14 -8.66
C PHE A 329 -0.09 49.85 -8.55
N ARG A 330 0.60 48.71 -8.62
CA ARG A 330 -0.03 47.41 -8.61
C ARG A 330 0.58 46.45 -7.60
N GLY A 331 1.14 47.01 -6.52
CA GLY A 331 1.67 46.19 -5.46
C GLY A 331 0.60 45.85 -4.45
N LYS A 332 0.83 44.79 -3.68
CA LYS A 332 0.01 44.49 -2.51
C LYS A 332 0.78 44.81 -1.23
N PHE A 333 1.26 46.05 -1.18
CA PHE A 333 1.93 46.58 0.00
C PHE A 333 1.74 48.09 -0.06
N ILE A 334 2.17 48.77 0.99
CA ILE A 334 2.14 50.23 1.03
C ILE A 334 3.54 50.80 0.77
N GLN A 335 3.69 51.62 -0.27
CA GLN A 335 4.88 52.42 -0.47
C GLN A 335 4.71 53.75 0.24
N ASP A 336 5.68 54.10 1.07
CA ASP A 336 5.62 55.34 1.85
C ASP A 336 7.01 55.96 1.93
N GLY A 337 7.34 56.73 0.90
CA GLY A 337 8.72 57.21 0.76
C GLY A 337 9.66 56.01 0.62
N PRO A 338 10.82 56.04 1.27
CA PRO A 338 11.74 54.88 1.24
C PRO A 338 11.21 53.62 1.94
N ARG A 339 10.09 53.72 2.63
CA ARG A 339 9.56 52.60 3.43
C ARG A 339 8.49 51.81 2.68
N MSE A 340 8.43 50.51 2.95
CA MSE A 340 7.30 49.70 2.53
C MSE A 340 6.69 48.96 3.71
O MSE A 340 7.40 48.43 4.58
CB MSE A 340 7.73 48.70 1.45
CG MSE A 340 8.17 49.35 0.15
SE MSE A 340 10.11 49.55 0.04
CE MSE A 340 10.36 49.07 -1.83
N ARG A 341 5.36 48.91 3.76
CA ARG A 341 4.64 48.37 4.91
C ARG A 341 3.62 47.33 4.48
N VAL A 342 3.29 46.41 5.38
CA VAL A 342 2.25 45.42 5.14
C VAL A 342 0.86 46.07 5.20
N LYS A 343 -0.04 45.59 4.35
CA LYS A 343 -1.45 45.95 4.44
C LYS A 343 -2.11 45.23 5.61
N ASP A 344 -2.82 46.00 6.45
CA ASP A 344 -3.88 45.44 7.27
C ASP A 344 -4.61 44.31 6.56
N GLN A 345 -4.76 44.45 5.25
CA GLN A 345 -5.50 43.47 4.45
C GLN A 345 -4.82 43.25 3.10
N SER B 2 -4.33 35.07 15.32
CA SER B 2 -4.62 35.85 16.56
C SER B 2 -3.56 35.62 17.63
N ARG B 3 -3.69 36.33 18.73
CA ARG B 3 -2.62 36.39 19.73
C ARG B 3 -2.69 35.30 20.79
N ILE B 4 -1.52 34.84 21.22
CA ILE B 4 -1.41 33.85 22.30
C ILE B 4 -1.88 34.49 23.61
N VAL B 5 -2.79 33.81 24.30
CA VAL B 5 -3.26 34.28 25.61
C VAL B 5 -2.85 33.37 26.77
N ASN B 6 -2.49 32.13 26.46
CA ASN B 6 -1.96 31.23 27.48
C ASN B 6 -1.07 30.15 26.90
N VAL B 7 -0.16 29.66 27.73
CA VAL B 7 0.73 28.56 27.39
C VAL B 7 0.77 27.68 28.63
N LYS B 8 0.49 26.40 28.44
CA LYS B 8 0.43 25.46 29.55
C LYS B 8 1.37 24.30 29.27
N LEU B 9 2.16 23.93 30.28
CA LEU B 9 3.01 22.75 30.21
C LEU B 9 2.47 21.71 31.18
N SER B 10 2.37 20.46 30.74
CA SER B 10 1.95 19.38 31.63
CA SER B 10 1.89 19.36 31.58
C SER B 10 2.75 18.10 31.46
N LEU B 11 3.07 17.47 32.58
CA LEU B 11 3.76 16.18 32.57
C LEU B 11 2.81 15.08 32.09
N LYS B 12 3.26 14.29 31.13
CA LYS B 12 2.52 13.14 30.64
C LYS B 12 3.46 11.94 30.59
N ARG B 13 3.08 10.85 31.24
CA ARG B 13 3.92 9.65 31.28
C ARG B 13 3.31 8.54 30.43
N TYR B 14 4.17 7.79 29.75
CA TYR B 14 3.75 6.72 28.84
C TYR B 14 4.64 5.49 29.05
N GLU B 15 4.02 4.34 29.27
CA GLU B 15 4.76 3.12 29.53
C GLU B 15 5.13 2.37 28.26
N TYR B 16 6.36 1.86 28.21
CA TYR B 16 6.81 1.02 27.11
C TYR B 16 6.27 -0.39 27.24
N GLU B 17 6.21 -1.10 26.12
CA GLU B 17 5.82 -2.51 26.09
C GLU B 17 6.91 -3.39 26.68
N LYS B 18 8.18 -2.97 26.54
CA LYS B 18 9.34 -3.63 27.17
C LYS B 18 10.52 -2.66 27.28
N PRO B 19 11.48 -2.92 28.20
CA PRO B 19 12.59 -1.98 28.34
C PRO B 19 13.34 -1.76 27.02
N PHE B 20 13.60 -0.49 26.71
CA PHE B 20 14.27 -0.11 25.47
C PHE B 20 15.74 0.15 25.75
N HIS B 21 16.57 -0.77 25.28
CA HIS B 21 18.01 -0.77 25.53
C HIS B 21 18.74 -0.27 24.29
N ILE B 22 19.51 0.79 24.47
CA ILE B 22 20.43 1.34 23.45
C ILE B 22 21.78 1.55 24.12
N THR B 23 22.80 1.82 23.32
CA THR B 23 24.16 2.04 23.85
C THR B 23 24.14 3.05 25.00
N GLY B 24 24.52 2.58 26.18
CA GLY B 24 24.64 3.43 27.37
C GLY B 24 23.34 3.89 28.01
N SER B 25 22.19 3.33 27.61
CA SER B 25 20.90 3.76 28.15
C SER B 25 19.81 2.70 28.02
N VAL B 26 19.07 2.50 29.11
CA VAL B 26 17.91 1.60 29.13
C VAL B 26 16.77 2.25 29.90
N SER B 27 15.59 2.29 29.26
CA SER B 27 14.42 2.94 29.86
C SER B 27 13.15 2.14 29.64
N SER B 28 12.20 2.31 30.56
CA SER B 28 10.94 1.57 30.53
C SER B 28 9.74 2.51 30.40
N GLU B 29 10.00 3.81 30.44
CA GLU B 29 8.94 4.80 30.51
C GLU B 29 9.37 6.07 29.79
N SER B 30 8.40 6.73 29.15
CA SER B 30 8.62 8.03 28.56
CA SER B 30 8.60 8.05 28.56
C SER B 30 7.91 9.10 29.38
N ARG B 31 8.67 10.07 29.88
CA ARG B 31 8.08 11.17 30.61
C ARG B 31 8.27 12.41 29.77
N ASN B 32 7.15 12.87 29.23
CA ASN B 32 7.10 13.97 28.28
C ASN B 32 6.40 15.19 28.87
N VAL B 33 6.62 16.33 28.22
CA VAL B 33 5.93 17.56 28.60
C VAL B 33 5.07 17.99 27.42
N GLU B 34 3.76 18.02 27.64
CA GLU B 34 2.84 18.46 26.63
C GLU B 34 2.67 19.96 26.74
N VAL B 35 2.67 20.63 25.59
CA VAL B 35 2.49 22.06 25.50
C VAL B 35 1.14 22.38 24.85
N GLU B 36 0.36 23.24 25.49
CA GLU B 36 -0.87 23.75 24.92
C GLU B 36 -0.74 25.26 24.80
N ILE B 37 -0.96 25.76 23.59
CA ILE B 37 -1.01 27.20 23.35
C ILE B 37 -2.47 27.56 23.06
N VAL B 38 -2.98 28.56 23.76
CA VAL B 38 -4.36 29.00 23.63
C VAL B 38 -4.35 30.40 23.03
N LEU B 39 -5.15 30.61 22.00
CA LEU B 39 -5.23 31.92 21.33
C LEU B 39 -6.48 32.66 21.76
N GLU B 40 -6.47 33.97 21.57
CA GLU B 40 -7.62 34.82 21.91
C GLU B 40 -8.88 34.39 21.14
N SER B 41 -8.68 33.81 19.95
CA SER B 41 -9.78 33.25 19.16
C SER B 41 -10.42 32.00 19.76
N GLY B 42 -9.74 31.39 20.73
CA GLY B 42 -10.18 30.13 21.34
C GLY B 42 -9.49 28.90 20.76
N VAL B 43 -8.82 29.09 19.62
CA VAL B 43 -8.05 28.02 19.00
C VAL B 43 -6.94 27.54 19.96
N LYS B 44 -6.74 26.23 20.00
CA LYS B 44 -5.70 25.60 20.81
C LYS B 44 -4.77 24.79 19.92
N GLY B 45 -3.47 25.02 20.08
CA GLY B 45 -2.44 24.26 19.39
C GLY B 45 -1.65 23.41 20.37
N TYR B 46 -1.19 22.26 19.92
CA TYR B 46 -0.50 21.33 20.81
C TYR B 46 0.82 20.84 20.28
N GLY B 47 1.75 20.69 21.22
CA GLY B 47 3.05 20.11 20.93
C GLY B 47 3.47 19.23 22.08
N GLU B 48 4.56 18.50 21.89
CA GLU B 48 5.07 17.63 22.93
C GLU B 48 6.60 17.67 22.92
N ALA B 49 7.15 17.89 24.12
CA ALA B 49 8.58 17.79 24.35
C ALA B 49 8.89 16.42 24.96
N SER B 50 9.69 15.64 24.25
CA SER B 50 10.19 14.39 24.78
C SER B 50 11.69 14.62 24.98
N PRO B 51 12.07 14.96 26.21
CA PRO B 51 13.46 15.39 26.44
C PRO B 51 14.46 14.25 26.39
N SER B 52 15.73 14.58 26.16
CA SER B 52 16.79 13.59 26.21
C SER B 52 17.95 14.05 27.05
N PHE B 53 18.21 13.35 28.15
CA PHE B 53 19.38 13.66 29.00
C PHE B 53 20.67 13.30 28.28
N ARG B 54 20.69 12.13 27.62
CA ARG B 54 21.90 11.65 26.95
C ARG B 54 22.33 12.55 25.78
N VAL B 55 21.35 13.01 25.00
CA VAL B 55 21.66 13.77 23.77
C VAL B 55 21.62 15.28 23.98
N ASN B 56 20.62 15.76 24.70
CA ASN B 56 20.41 17.20 24.86
C ASN B 56 20.81 17.71 26.24
N GLY B 57 21.06 16.78 27.16
CA GLY B 57 21.35 17.11 28.55
C GLY B 57 20.14 17.54 29.36
N GLU B 58 18.94 17.31 28.83
CA GLU B 58 17.70 17.77 29.47
C GLU B 58 17.19 16.83 30.55
N ARG B 59 16.44 17.40 31.50
CA ARG B 59 15.63 16.60 32.46
C ARG B 59 14.20 17.09 32.44
N VAL B 60 13.25 16.17 32.50
CA VAL B 60 11.84 16.54 32.44
C VAL B 60 11.44 17.55 33.54
N GLU B 61 11.93 17.35 34.76
CA GLU B 61 11.64 18.29 35.87
C GLU B 61 12.09 19.71 35.54
N ALA B 62 13.20 19.83 34.84
CA ALA B 62 13.74 21.13 34.45
C ALA B 62 12.86 21.82 33.41
N LEU B 63 12.39 21.07 32.43
CA LEU B 63 11.44 21.60 31.45
C LEU B 63 10.20 22.14 32.16
N LEU B 64 9.65 21.34 33.06
CA LEU B 64 8.43 21.74 33.77
C LEU B 64 8.63 23.04 34.55
N ALA B 65 9.83 23.21 35.09
CA ALA B 65 10.15 24.32 35.98
C ALA B 65 10.12 25.67 35.27
N ILE B 66 10.27 25.67 33.95
CA ILE B 66 10.37 26.94 33.23
C ILE B 66 9.07 27.35 32.54
N GLU B 67 7.96 26.72 32.92
CA GLU B 67 6.65 27.08 32.34
C GLU B 67 6.37 28.60 32.34
N ASN B 68 6.58 29.26 33.48
CA ASN B 68 6.26 30.68 33.53
C ASN B 68 7.13 31.52 32.58
N ALA B 69 8.42 31.17 32.47
CA ALA B 69 9.32 31.88 31.57
C ALA B 69 8.88 31.73 30.13
N VAL B 70 8.52 30.51 29.73
CA VAL B 70 8.09 30.26 28.35
C VAL B 70 6.83 31.05 28.04
N ARG B 71 5.89 31.02 28.99
CA ARG B 71 4.65 31.78 28.86
C ARG B 71 4.93 33.28 28.68
N GLU B 72 5.80 33.85 29.52
CA GLU B 72 6.13 35.27 29.42
C GLU B 72 6.79 35.60 28.09
N MSE B 73 7.59 34.67 27.57
CA MSE B 73 8.35 34.92 26.35
C MSE B 73 7.47 35.12 25.11
O MSE B 73 7.85 35.88 24.21
CB MSE B 73 9.37 33.80 26.10
CG MSE B 73 10.54 33.82 27.06
SE MSE B 73 11.56 32.14 27.08
CE MSE B 73 12.77 32.50 25.57
N ILE B 74 6.33 34.46 25.06
CA ILE B 74 5.53 34.46 23.82
C ILE B 74 4.07 34.91 23.93
N THR B 75 3.56 35.06 25.15
CA THR B 75 2.19 35.54 25.32
C THR B 75 2.04 36.91 24.66
N GLY B 76 0.92 37.10 23.96
CA GLY B 76 0.65 38.38 23.34
C GLY B 76 1.08 38.48 21.89
N ILE B 77 1.85 37.50 21.42
CA ILE B 77 2.29 37.48 20.04
C ILE B 77 1.26 36.76 19.16
N ASP B 78 0.99 37.35 18.00
CA ASP B 78 0.09 36.74 17.03
C ASP B 78 0.81 35.59 16.32
N VAL B 79 0.15 34.44 16.24
CA VAL B 79 0.75 33.28 15.58
C VAL B 79 0.99 33.51 14.08
N ARG B 80 0.33 34.48 13.47
CA ARG B 80 0.65 34.82 12.10
C ARG B 80 2.08 35.37 11.96
N ASN B 81 2.62 35.91 13.05
CA ASN B 81 4.02 36.35 13.08
C ASN B 81 4.88 35.24 13.65
N TYR B 82 4.73 34.04 13.09
CA TYR B 82 5.38 32.87 13.69
C TYR B 82 6.91 32.95 13.70
N ALA B 83 7.49 33.68 12.74
CA ALA B 83 8.96 33.81 12.73
C ALA B 83 9.46 34.53 13.99
N ARG B 84 8.64 35.42 14.54
CA ARG B 84 9.03 36.10 15.78
C ARG B 84 9.07 35.09 16.93
N ILE B 85 8.06 34.22 16.97
CA ILE B 85 7.98 33.19 18.00
C ILE B 85 9.15 32.22 17.83
N PHE B 86 9.47 31.87 16.59
CA PHE B 86 10.60 30.97 16.34
C PHE B 86 11.91 31.58 16.83
N GLU B 87 12.13 32.87 16.54
CA GLU B 87 13.38 33.52 16.93
C GLU B 87 13.50 33.62 18.46
N ILE B 88 12.39 33.97 19.11
CA ILE B 88 12.36 34.00 20.57
C ILE B 88 12.65 32.61 21.15
N THR B 89 11.99 31.58 20.63
CA THR B 89 12.15 30.24 21.20
C THR B 89 13.48 29.60 20.83
N ASP B 90 14.18 30.15 19.83
CA ASP B 90 15.54 29.74 19.56
C ASP B 90 16.44 30.04 20.78
N ARG B 91 16.00 30.92 21.67
CA ARG B 91 16.74 31.17 22.92
C ARG B 91 16.69 29.98 23.89
N LEU B 92 15.75 29.06 23.67
CA LEU B 92 15.61 27.86 24.51
C LEU B 92 16.53 26.73 24.05
N PHE B 93 17.75 27.07 23.62
CA PHE B 93 18.70 26.06 23.13
C PHE B 93 19.12 25.04 24.20
N GLY B 94 18.89 25.38 25.47
CA GLY B 94 19.16 24.44 26.56
C GLY B 94 18.00 23.49 26.80
N PHE B 95 16.86 23.80 26.20
CA PHE B 95 15.64 23.01 26.33
C PHE B 95 15.10 22.74 24.92
N PRO B 96 15.92 22.12 24.05
CA PRO B 96 15.52 21.99 22.63
C PRO B 96 14.21 21.24 22.42
N SER B 97 13.88 20.29 23.30
CA SER B 97 12.63 19.55 23.12
C SER B 97 11.42 20.47 23.34
N LEU B 98 11.57 21.39 24.27
CA LEU B 98 10.53 22.39 24.54
C LEU B 98 10.46 23.43 23.42
N LYS B 99 11.62 23.87 22.92
CA LYS B 99 11.69 24.69 21.72
C LYS B 99 10.84 24.08 20.59
N ALA B 100 11.03 22.78 20.36
CA ALA B 100 10.31 22.08 19.30
C ALA B 100 8.81 22.07 19.59
N ALA B 101 8.45 21.77 20.82
CA ALA B 101 7.04 21.64 21.19
C ALA B 101 6.31 22.98 21.04
N VAL B 102 6.98 24.06 21.45
CA VAL B 102 6.35 25.38 21.39
C VAL B 102 6.24 25.87 19.96
N GLN B 103 7.29 25.67 19.18
CA GLN B 103 7.26 26.00 17.76
C GLN B 103 6.18 25.20 17.02
N PHE B 104 6.05 23.91 17.30
CA PHE B 104 5.03 23.15 16.61
C PHE B 104 3.63 23.58 17.05
N ALA B 105 3.42 23.77 18.36
CA ALA B 105 2.12 24.18 18.87
C ALA B 105 1.68 25.48 18.18
N THR B 106 2.64 26.36 17.93
CA THR B 106 2.41 27.62 17.24
C THR B 106 1.85 27.37 15.83
N LEU B 107 2.49 26.46 15.10
CA LEU B 107 2.03 26.14 13.76
C LEU B 107 0.72 25.37 13.77
N ASP B 108 0.52 24.53 14.78
CA ASP B 108 -0.75 23.77 14.95
C ASP B 108 -1.91 24.77 15.08
N ALA B 109 -1.71 25.80 15.89
CA ALA B 109 -2.72 26.84 16.10
C ALA B 109 -2.93 27.70 14.85
N LEU B 110 -1.84 28.12 14.24
CA LEU B 110 -1.93 28.94 13.03
C LEU B 110 -2.64 28.22 11.89
N SER B 111 -2.25 26.97 11.64
CA SER B 111 -2.90 26.18 10.60
C SER B 111 -4.41 26.10 10.81
N GLN B 112 -4.83 25.94 12.06
CA GLN B 112 -6.29 25.92 12.35
C GLN B 112 -6.96 27.24 12.00
N GLU B 113 -6.30 28.36 12.35
CA GLU B 113 -6.87 29.67 12.04
C GLU B 113 -6.94 29.92 10.55
N LEU B 114 -6.03 29.29 9.81
CA LEU B 114 -5.98 29.42 8.36
C LEU B 114 -6.82 28.37 7.63
N GLY B 115 -7.40 27.43 8.37
CA GLY B 115 -8.27 26.40 7.83
C GLY B 115 -7.51 25.35 7.05
N THR B 116 -6.26 25.10 7.46
CA THR B 116 -5.43 24.10 6.82
C THR B 116 -4.70 23.23 7.85
N GLN B 117 -3.66 22.50 7.43
CA GLN B 117 -2.88 21.62 8.29
C GLN B 117 -1.42 22.02 8.28
N VAL B 118 -0.68 21.61 9.31
CA VAL B 118 0.73 22.00 9.41
C VAL B 118 1.51 21.51 8.19
N CYS B 119 1.27 20.27 7.76
CA CYS B 119 2.00 19.76 6.59
C CYS B 119 1.86 20.69 5.39
N TYR B 120 0.67 21.24 5.21
CA TYR B 120 0.43 22.17 4.10
C TYR B 120 1.15 23.52 4.28
N LEU B 121 1.16 24.05 5.50
CA LEU B 121 1.98 25.25 5.74
C LEU B 121 3.43 25.00 5.33
N LEU B 122 3.88 23.76 5.49
CA LEU B 122 5.29 23.39 5.23
C LEU B 122 5.57 22.94 3.79
N GLY B 123 4.56 22.99 2.93
CA GLY B 123 4.75 22.70 1.51
C GLY B 123 3.86 21.64 0.89
N GLY B 124 3.30 20.77 1.72
CA GLY B 124 2.39 19.71 1.27
C GLY B 124 3.02 18.79 0.25
N LYS B 125 4.30 18.48 0.40
CA LYS B 125 5.02 17.74 -0.64
C LYS B 125 4.51 16.30 -0.82
N ARG B 126 4.27 15.62 0.29
CA ARG B 126 3.85 14.21 0.26
C ARG B 126 2.52 13.98 0.95
N ASP B 127 1.77 12.98 0.47
CA ASP B 127 0.55 12.53 1.13
C ASP B 127 0.76 11.33 2.05
N GLU B 128 1.87 10.64 1.87
CA GLU B 128 2.16 9.41 2.62
C GLU B 128 3.67 9.27 2.89
N ILE B 129 3.98 8.78 4.09
CA ILE B 129 5.35 8.36 4.45
C ILE B 129 5.28 6.99 5.10
N GLU B 130 6.43 6.35 5.30
CA GLU B 130 6.48 5.05 5.94
C GLU B 130 7.64 5.03 6.94
N THR B 131 7.38 4.46 8.10
CA THR B 131 8.38 4.38 9.16
C THR B 131 8.99 2.99 9.26
N ASP B 132 10.22 2.94 9.76
CA ASP B 132 10.78 1.68 10.25
C ASP B 132 10.25 1.38 11.65
N LYS B 133 10.68 0.26 12.20
CA LYS B 133 10.52 0.00 13.62
C LYS B 133 11.84 -0.58 14.13
N THR B 134 12.09 -0.39 15.43
CA THR B 134 13.41 -0.61 16.00
C THR B 134 13.54 -1.89 16.84
N VAL B 135 14.64 -2.60 16.60
CA VAL B 135 15.08 -3.73 17.42
C VAL B 135 16.05 -3.19 18.47
N GLY B 136 15.66 -3.22 19.75
CA GLY B 136 16.55 -2.79 20.82
C GLY B 136 17.66 -3.80 21.10
N ILE B 137 18.65 -3.41 21.90
CA ILE B 137 19.70 -4.33 22.28
C ILE B 137 19.16 -5.34 23.28
N ASP B 138 19.58 -6.59 23.13
CA ASP B 138 19.20 -7.73 23.98
C ASP B 138 20.16 -8.85 23.63
N THR B 139 19.90 -10.07 24.10
CA THR B 139 20.65 -11.23 23.61
C THR B 139 20.44 -11.36 22.11
N VAL B 140 21.37 -12.02 21.43
CA VAL B 140 21.25 -12.24 19.98
C VAL B 140 19.92 -12.95 19.67
N GLU B 141 19.59 -13.98 20.45
CA GLU B 141 18.34 -14.71 20.22
C GLU B 141 17.13 -13.77 20.33
N ASN B 142 17.11 -12.93 21.36
CA ASN B 142 16.01 -11.99 21.53
C ASN B 142 15.96 -10.89 20.47
N ARG B 143 17.13 -10.45 20.01
CA ARG B 143 17.15 -9.45 18.94
C ARG B 143 16.54 -10.04 17.66
N VAL B 144 16.88 -11.28 17.36
CA VAL B 144 16.36 -11.96 16.17
C VAL B 144 14.84 -12.15 16.29
N LYS B 145 14.36 -12.62 17.45
CA LYS B 145 12.94 -12.74 17.76
C LYS B 145 12.19 -11.42 17.50
N GLU B 146 12.77 -10.33 18.00
CA GLU B 146 12.16 -9.00 17.89
C GLU B 146 12.11 -8.54 16.44
N ALA B 147 13.17 -8.83 15.68
CA ALA B 147 13.21 -8.43 14.28
C ALA B 147 12.15 -9.18 13.48
N LYS B 148 11.97 -10.46 13.79
CA LYS B 148 10.95 -11.29 13.13
C LYS B 148 9.55 -10.77 13.43
N LYS B 149 9.34 -10.36 14.68
CA LYS B 149 8.08 -9.75 15.11
CA LYS B 149 8.06 -9.76 15.07
C LYS B 149 7.78 -8.50 14.26
N ILE B 150 8.79 -7.62 14.14
CA ILE B 150 8.65 -6.39 13.36
C ILE B 150 8.34 -6.68 11.89
N PHE B 151 9.05 -7.66 11.32
CA PHE B 151 8.83 -8.04 9.92
C PHE B 151 7.39 -8.56 9.74
N GLU B 152 6.89 -9.28 10.74
CA GLU B 152 5.52 -9.82 10.63
C GLU B 152 4.44 -8.78 10.95
N GLU B 153 4.86 -7.59 11.39
CA GLU B 153 3.97 -6.43 11.54
C GLU B 153 3.95 -5.53 10.31
N GLY B 154 4.58 -6.00 9.23
CA GLY B 154 4.50 -5.37 7.93
C GLY B 154 5.59 -4.35 7.63
N PHE B 155 6.54 -4.19 8.56
CA PHE B 155 7.59 -3.19 8.35
C PHE B 155 8.55 -3.65 7.28
N ARG B 156 8.95 -2.72 6.42
CA ARG B 156 9.84 -3.01 5.30
CA ARG B 156 9.86 -3.05 5.34
C ARG B 156 11.25 -2.46 5.55
N VAL B 157 11.35 -1.60 6.56
CA VAL B 157 12.64 -1.08 7.02
C VAL B 157 12.75 -1.43 8.49
N ILE B 158 13.86 -2.07 8.85
CA ILE B 158 14.09 -2.51 10.23
C ILE B 158 15.33 -1.79 10.75
N LYS B 159 15.16 -1.07 11.86
CA LYS B 159 16.26 -0.37 12.51
CA LYS B 159 16.27 -0.38 12.50
C LYS B 159 16.80 -1.26 13.61
N ILE B 160 18.10 -1.49 13.60
CA ILE B 160 18.74 -2.41 14.54
C ILE B 160 19.73 -1.63 15.39
N LYS B 161 19.50 -1.61 16.71
CA LYS B 161 20.42 -0.96 17.64
C LYS B 161 21.63 -1.86 17.84
N VAL B 162 22.81 -1.24 17.81
CA VAL B 162 24.07 -1.92 18.12
C VAL B 162 24.92 -0.99 18.99
N GLY B 163 26.12 -1.44 19.37
CA GLY B 163 27.11 -0.51 19.92
C GLY B 163 27.82 -0.95 21.17
N GLU B 164 27.29 -1.98 21.84
CA GLU B 164 27.87 -2.41 23.12
C GLU B 164 28.75 -3.66 23.04
N ASN B 165 28.64 -4.39 21.93
CA ASN B 165 29.37 -5.63 21.80
C ASN B 165 29.53 -5.95 20.33
N LEU B 166 30.66 -5.50 19.76
CA LEU B 166 30.93 -5.62 18.33
C LEU B 166 30.69 -7.00 17.76
N LYS B 167 31.21 -8.04 18.43
CA LYS B 167 31.05 -9.39 17.94
C LYS B 167 29.59 -9.85 17.92
N GLU B 168 28.85 -9.56 18.99
CA GLU B 168 27.43 -9.94 19.05
C GLU B 168 26.58 -9.09 18.13
N ASP B 169 26.98 -7.84 17.93
CA ASP B 169 26.26 -6.95 16.99
C ASP B 169 26.37 -7.48 15.56
N ILE B 170 27.57 -7.86 15.15
CA ILE B 170 27.77 -8.46 13.83
C ILE B 170 26.92 -9.72 13.68
N GLU B 171 26.96 -10.60 14.67
CA GLU B 171 26.15 -11.82 14.64
C GLU B 171 24.65 -11.54 14.55
N ALA B 172 24.18 -10.59 15.37
CA ALA B 172 22.75 -10.25 15.43
C ALA B 172 22.27 -9.72 14.07
N VAL B 173 23.06 -8.84 13.47
CA VAL B 173 22.65 -8.29 12.18
C VAL B 173 22.63 -9.38 11.09
N GLU B 174 23.63 -10.27 11.13
CA GLU B 174 23.68 -11.35 10.14
C GLU B 174 22.51 -12.31 10.29
N GLU B 175 22.15 -12.62 11.52
CA GLU B 175 21.03 -13.52 11.80
C GLU B 175 19.70 -12.86 11.47
N ILE B 176 19.59 -11.56 11.74
CA ILE B 176 18.39 -10.79 11.40
C ILE B 176 18.17 -10.77 9.88
N ALA B 177 19.27 -10.54 9.15
CA ALA B 177 19.22 -10.50 7.68
C ALA B 177 18.68 -11.79 7.10
N LYS B 178 19.03 -12.92 7.73
CA LYS B 178 18.59 -14.22 7.23
C LYS B 178 17.10 -14.49 7.35
N VAL B 179 16.45 -13.86 8.33
CA VAL B 179 15.05 -14.16 8.64
C VAL B 179 14.11 -13.00 8.25
N THR B 180 14.66 -11.99 7.56
CA THR B 180 13.87 -10.86 7.11
C THR B 180 14.20 -10.49 5.67
N ARG B 181 14.27 -11.52 4.83
CA ARG B 181 14.64 -11.34 3.43
C ARG B 181 13.73 -10.33 2.76
N GLY B 182 14.34 -9.30 2.19
CA GLY B 182 13.63 -8.24 1.48
C GLY B 182 13.58 -6.93 2.24
N ALA B 183 13.75 -7.01 3.57
CA ALA B 183 13.81 -5.78 4.38
C ALA B 183 15.06 -4.95 4.08
N LYS B 184 14.93 -3.65 4.28
CA LYS B 184 16.09 -2.74 4.29
C LYS B 184 16.49 -2.55 5.75
N TYR B 185 17.76 -2.27 5.99
CA TYR B 185 18.26 -2.17 7.36
C TYR B 185 18.88 -0.82 7.67
N ILE B 186 18.53 -0.28 8.83
CA ILE B 186 19.26 0.88 9.38
C ILE B 186 19.94 0.36 10.62
N VAL B 187 21.22 0.68 10.79
CA VAL B 187 21.95 0.25 11.97
C VAL B 187 22.33 1.49 12.73
N ASP B 188 21.96 1.53 14.00
CA ASP B 188 22.24 2.69 14.83
C ASP B 188 23.17 2.29 15.98
N ALA B 189 24.40 2.79 15.96
CA ALA B 189 25.36 2.40 16.98
C ALA B 189 25.36 3.30 18.21
N ASN B 190 24.58 4.38 18.19
CA ASN B 190 24.46 5.30 19.34
C ASN B 190 25.80 5.55 20.03
N MSE B 191 26.79 5.86 19.21
CA MSE B 191 28.11 6.34 19.65
C MSE B 191 28.99 5.30 20.33
O MSE B 191 29.95 5.66 21.03
CB MSE B 191 27.93 7.53 20.60
CG MSE B 191 27.00 8.58 20.06
SE MSE B 191 27.00 10.08 21.23
CE MSE B 191 25.95 9.41 22.72
N GLY B 192 28.68 4.02 20.15
CA GLY B 192 29.35 2.95 20.91
C GLY B 192 30.71 2.46 20.45
N TYR B 193 31.06 2.73 19.19
CA TYR B 193 32.27 2.16 18.60
C TYR B 193 33.39 3.17 18.42
N THR B 194 34.63 2.68 18.42
CA THR B 194 35.75 3.47 17.91
C THR B 194 35.62 3.51 16.39
N GLN B 195 36.33 4.45 15.75
CA GLN B 195 36.27 4.58 14.31
C GLN B 195 36.60 3.25 13.62
N LYS B 196 37.64 2.57 14.10
CA LYS B 196 38.10 1.31 13.47
C LYS B 196 37.13 0.15 13.75
N GLU B 197 36.54 0.12 14.95
CA GLU B 197 35.52 -0.88 15.25
C GLU B 197 34.31 -0.66 14.34
N ALA B 198 33.97 0.61 14.11
CA ALA B 198 32.83 0.94 13.26
C ALA B 198 33.08 0.50 11.83
N VAL B 199 34.29 0.71 11.34
CA VAL B 199 34.68 0.24 10.01
C VAL B 199 34.58 -1.28 9.91
N GLU B 200 35.03 -1.99 10.95
CA GLU B 200 35.04 -3.44 10.91
C GLU B 200 33.64 -4.05 11.07
N PHE B 201 32.77 -3.40 11.82
CA PHE B 201 31.37 -3.83 11.82
C PHE B 201 30.83 -3.80 10.40
N ALA B 202 31.06 -2.69 9.69
CA ALA B 202 30.50 -2.52 8.36
C ALA B 202 31.08 -3.53 7.39
N ARG B 203 32.39 -3.72 7.47
CA ARG B 203 33.06 -4.66 6.60
C ARG B 203 32.57 -6.09 6.81
N ALA B 204 32.40 -6.48 8.06
CA ALA B 204 31.96 -7.85 8.38
C ALA B 204 30.58 -8.10 7.77
N VAL B 205 29.66 -7.16 7.93
CA VAL B 205 28.34 -7.38 7.37
C VAL B 205 28.33 -7.33 5.85
N TYR B 206 29.13 -6.43 5.26
CA TYR B 206 29.25 -6.33 3.79
C TYR B 206 29.76 -7.64 3.19
N GLN B 207 30.75 -8.24 3.87
CA GLN B 207 31.32 -9.49 3.39
C GLN B 207 30.30 -10.64 3.35
N LYS B 208 29.24 -10.52 4.14
CA LYS B 208 28.13 -11.48 4.11
C LYS B 208 27.07 -11.14 3.05
N GLY B 209 27.32 -10.11 2.25
CA GLY B 209 26.36 -9.70 1.22
C GLY B 209 25.14 -8.94 1.73
N ILE B 210 25.27 -8.40 2.94
CA ILE B 210 24.19 -7.62 3.56
C ILE B 210 24.41 -6.13 3.31
N ASP B 211 23.35 -5.44 2.88
CA ASP B 211 23.42 -4.00 2.63
C ASP B 211 22.76 -3.26 3.78
N ILE B 212 23.46 -2.26 4.30
CA ILE B 212 22.92 -1.39 5.35
CA ILE B 212 22.92 -1.39 5.35
C ILE B 212 22.61 -0.07 4.69
N ALA B 213 21.34 0.32 4.73
CA ALA B 213 20.82 1.51 4.06
C ALA B 213 21.40 2.78 4.67
N VAL B 214 21.43 2.81 6.00
CA VAL B 214 21.99 3.94 6.74
C VAL B 214 22.66 3.41 8.01
N TYR B 215 23.90 3.86 8.25
CA TYR B 215 24.71 3.44 9.41
C TYR B 215 24.87 4.66 10.28
N GLU B 216 24.12 4.70 11.39
CA GLU B 216 24.02 5.94 12.17
C GLU B 216 25.01 6.05 13.29
N GLN B 217 25.61 7.23 13.38
CA GLN B 217 26.43 7.68 14.51
C GLN B 217 27.20 6.57 15.22
N PRO B 218 28.15 5.95 14.52
CA PRO B 218 28.97 4.93 15.15
C PRO B 218 29.88 5.46 16.27
N VAL B 219 30.30 6.72 16.17
CA VAL B 219 31.27 7.32 17.08
C VAL B 219 30.69 8.45 17.94
N ARG B 220 31.47 8.99 18.88
CA ARG B 220 30.96 9.99 19.81
C ARG B 220 30.58 11.32 19.14
N ARG B 221 29.75 12.09 19.83
CA ARG B 221 29.15 13.34 19.33
C ARG B 221 30.19 14.33 18.80
N GLU B 222 31.29 14.47 19.54
CA GLU B 222 32.30 15.47 19.24
CA GLU B 222 32.28 15.49 19.19
C GLU B 222 33.30 15.00 18.17
N ASP B 223 33.23 13.71 17.85
CA ASP B 223 34.21 13.07 16.97
C ASP B 223 33.83 13.15 15.49
N ILE B 224 33.75 14.38 14.99
CA ILE B 224 33.43 14.62 13.58
C ILE B 224 34.43 13.98 12.64
N GLU B 225 35.71 14.09 12.97
CA GLU B 225 36.78 13.49 12.16
C GLU B 225 36.63 11.96 12.13
N GLY B 226 36.19 11.41 13.25
CA GLY B 226 35.90 9.97 13.35
C GLY B 226 34.72 9.57 12.48
N LEU B 227 33.66 10.36 12.48
CA LEU B 227 32.54 10.11 11.58
C LEU B 227 32.97 10.07 10.11
N LYS B 228 33.79 11.05 9.73
CA LYS B 228 34.34 11.15 8.38
C LYS B 228 35.20 9.92 8.08
N PHE B 229 36.02 9.51 9.03
CA PHE B 229 36.84 8.31 8.84
C PHE B 229 35.99 7.09 8.50
N VAL B 230 34.91 6.89 9.26
CA VAL B 230 34.01 5.78 8.99
C VAL B 230 33.38 5.94 7.60
N ARG B 231 32.91 7.15 7.29
CA ARG B 231 32.35 7.42 6.00
C ARG B 231 33.27 7.04 4.83
N PHE B 232 34.53 7.45 4.92
CA PHE B 232 35.46 7.21 3.83
C PHE B 232 36.04 5.79 3.77
N HIS B 233 35.78 4.98 4.79
CA HIS B 233 36.44 3.68 4.86
C HIS B 233 35.51 2.51 5.02
N SER B 234 34.23 2.78 4.87
CA SER B 234 33.26 1.69 4.85
C SER B 234 32.15 1.93 3.82
N PRO B 235 31.53 0.83 3.35
CA PRO B 235 30.73 0.86 2.13
C PRO B 235 29.29 1.41 2.25
N PHE B 236 28.84 1.64 3.48
CA PHE B 236 27.45 2.04 3.68
C PHE B 236 27.35 3.51 4.01
N PRO B 237 26.20 4.14 3.67
CA PRO B 237 25.99 5.56 4.01
C PRO B 237 26.05 5.78 5.52
N VAL B 238 26.82 6.78 5.93
CA VAL B 238 27.01 7.09 7.35
C VAL B 238 26.17 8.31 7.71
N ALA B 239 25.43 8.21 8.83
CA ALA B 239 24.62 9.34 9.28
C ALA B 239 25.12 9.97 10.57
N ALA B 240 24.99 11.29 10.65
CA ALA B 240 25.14 11.98 11.94
C ALA B 240 23.80 11.99 12.62
N ASP B 241 23.78 11.68 13.92
CA ASP B 241 22.58 11.86 14.74
C ASP B 241 22.95 12.80 15.88
N GLU B 242 23.61 12.27 16.90
CA GLU B 242 24.01 13.12 18.03
C GLU B 242 24.93 14.29 17.60
N SER B 243 25.69 14.10 16.52
CA SER B 243 26.60 15.14 16.00
C SER B 243 25.84 16.20 15.20
N ALA B 244 24.56 15.97 14.93
CA ALA B 244 23.74 16.92 14.18
C ALA B 244 22.55 17.38 15.03
N ARG B 245 22.81 18.30 15.93
CA ARG B 245 21.74 18.84 16.78
C ARG B 245 21.22 20.15 16.25
N THR B 246 22.12 21.00 15.77
CA THR B 246 21.76 22.34 15.30
C THR B 246 22.08 22.55 13.83
N LYS B 247 21.54 23.62 13.27
CA LYS B 247 21.83 23.96 11.89
C LYS B 247 23.32 24.26 11.72
N PHE B 248 23.95 24.80 12.77
CA PHE B 248 25.39 25.07 12.74
C PHE B 248 26.19 23.78 12.72
N ASP B 249 25.74 22.78 13.47
CA ASP B 249 26.40 21.47 13.44
C ASP B 249 26.40 20.94 12.00
N VAL B 250 25.26 21.07 11.32
CA VAL B 250 25.15 20.52 9.98
C VAL B 250 26.04 21.27 8.98
N MSE B 251 26.15 22.59 9.11
CA MSE B 251 27.05 23.34 8.21
C MSE B 251 28.49 22.82 8.37
O MSE B 251 29.25 22.66 7.40
CB MSE B 251 26.97 24.85 8.46
CG MSE B 251 25.67 25.49 8.02
SE MSE B 251 25.42 25.32 6.08
CE MSE B 251 27.19 25.92 5.61
N ARG B 252 28.86 22.50 9.61
CA ARG B 252 30.19 21.99 9.90
C ARG B 252 30.37 20.60 9.29
N LEU B 253 29.34 19.75 9.44
CA LEU B 253 29.42 18.40 8.85
C LEU B 253 29.57 18.47 7.35
N VAL B 254 28.89 19.43 6.73
CA VAL B 254 28.91 19.57 5.28
C VAL B 254 30.28 20.05 4.82
N LYS B 255 30.80 21.06 5.51
CA LYS B 255 32.12 21.60 5.20
C LYS B 255 33.20 20.53 5.32
N GLU B 256 33.08 19.69 6.34
CA GLU B 256 34.08 18.64 6.55
C GLU B 256 33.85 17.38 5.70
N GLU B 257 32.73 17.32 4.97
CA GLU B 257 32.36 16.14 4.16
C GLU B 257 32.29 14.89 5.04
N ALA B 258 31.77 15.07 6.25
CA ALA B 258 31.84 14.03 7.27
C ALA B 258 30.84 12.92 7.14
N VAL B 259 29.70 13.18 6.51
CA VAL B 259 28.60 12.20 6.49
C VAL B 259 27.86 12.17 5.15
N ASP B 260 27.15 11.04 4.92
CA ASP B 260 26.27 10.88 3.78
C ASP B 260 24.86 11.30 4.09
N TYR B 261 24.48 11.20 5.38
CA TYR B 261 23.14 11.44 5.88
C TYR B 261 23.19 12.27 7.14
N VAL B 262 22.14 13.04 7.36
CA VAL B 262 21.83 13.57 8.70
C VAL B 262 20.48 13.01 9.15
N ASN B 263 20.42 12.56 10.40
CA ASN B 263 19.16 12.19 11.04
C ASN B 263 18.63 13.42 11.76
N ILE B 264 17.64 14.09 11.18
CA ILE B 264 17.00 15.21 11.85
C ILE B 264 16.07 14.68 12.93
N LYS B 265 16.17 15.24 14.13
CA LYS B 265 15.11 15.03 15.12
C LYS B 265 14.62 16.38 15.58
N LEU B 266 13.30 16.59 15.54
CA LEU B 266 12.74 17.82 16.08
C LEU B 266 13.13 18.03 17.54
N MSE B 267 13.28 16.94 18.30
CA MSE B 267 13.67 17.10 19.72
C MSE B 267 15.08 17.64 19.89
O MSE B 267 15.40 18.17 20.96
CB MSE B 267 13.49 15.82 20.52
CG MSE B 267 12.06 15.26 20.53
SE MSE B 267 10.78 16.60 21.20
CE MSE B 267 9.75 16.93 19.57
N LYS B 268 15.94 17.51 18.89
CA LYS B 268 17.28 18.13 18.95
C LYS B 268 17.25 19.57 18.41
N SER B 269 16.48 19.79 17.35
CA SER B 269 16.63 21.00 16.51
C SER B 269 15.55 22.05 16.65
N GLY B 270 14.37 21.61 17.10
CA GLY B 270 13.17 22.44 16.95
C GLY B 270 12.77 22.52 15.48
N ILE B 271 11.66 23.19 15.23
CA ILE B 271 11.20 23.39 13.85
C ILE B 271 12.15 24.31 13.08
N SER B 272 12.59 25.38 13.73
CA SER B 272 13.42 26.36 13.07
C SER B 272 14.71 25.76 12.52
N ASP B 273 15.52 25.11 13.39
CA ASP B 273 16.76 24.53 12.89
C ASP B 273 16.47 23.38 11.93
N ALA B 274 15.42 22.59 12.20
CA ALA B 274 15.12 21.48 11.28
C ALA B 274 14.84 21.97 9.86
N LEU B 275 14.09 23.06 9.72
CA LEU B 275 13.83 23.62 8.38
C LEU B 275 15.13 24.08 7.74
N ALA B 276 16.00 24.70 8.53
CA ALA B 276 17.32 25.11 8.03
C ALA B 276 18.11 23.91 7.55
N ILE B 277 18.12 22.84 8.34
CA ILE B 277 18.86 21.64 7.95
C ILE B 277 18.36 21.01 6.65
N VAL B 278 17.05 20.99 6.47
CA VAL B 278 16.47 20.49 5.21
C VAL B 278 17.03 21.30 4.05
N GLU B 279 17.02 22.63 4.19
CA GLU B 279 17.52 23.51 3.11
C GLU B 279 19.00 23.35 2.87
N ILE B 280 19.79 23.25 3.93
CA ILE B 280 21.22 22.98 3.79
C ILE B 280 21.45 21.65 3.07
N ALA B 281 20.76 20.61 3.53
CA ALA B 281 20.99 19.29 2.95
C ALA B 281 20.66 19.30 1.45
N GLU B 282 19.54 19.92 1.10
CA GLU B 282 19.09 19.96 -0.29
C GLU B 282 19.97 20.84 -1.17
N SER B 283 20.85 21.61 -0.53
CA SER B 283 21.80 22.45 -1.24
C SER B 283 23.22 21.88 -1.24
N SER B 284 23.38 20.66 -0.75
CA SER B 284 24.72 20.10 -0.49
CA SER B 284 24.71 20.10 -0.46
C SER B 284 24.88 18.58 -0.82
N GLY B 285 23.85 17.90 -1.32
CA GLY B 285 23.95 16.49 -1.65
C GLY B 285 23.94 15.61 -0.40
N LEU B 286 23.62 16.21 0.74
CA LEU B 286 23.17 15.46 1.91
C LEU B 286 21.84 14.76 1.64
N LYS B 287 21.75 13.50 2.06
CA LYS B 287 20.46 12.85 2.24
C LYS B 287 20.01 12.91 3.69
N LEU B 288 18.71 12.73 3.91
CA LEU B 288 18.11 12.93 5.23
C LEU B 288 17.24 11.76 5.67
N MSE B 289 17.28 11.51 6.97
CA MSE B 289 16.25 10.70 7.64
C MSE B 289 15.72 11.52 8.79
O MSE B 289 16.33 12.52 9.19
CB MSE B 289 16.82 9.33 8.07
CG MSE B 289 17.88 9.37 9.15
SE MSE B 289 18.44 7.53 9.71
CE MSE B 289 16.84 7.09 10.74
N ILE B 290 14.53 11.17 9.29
CA ILE B 290 13.97 11.82 10.46
C ILE B 290 13.72 10.79 11.56
N GLY B 291 14.10 11.15 12.78
CA GLY B 291 13.96 10.24 13.91
C GLY B 291 13.16 10.80 15.06
N CYS B 292 13.22 10.14 16.21
CA CYS B 292 12.44 10.56 17.37
C CYS B 292 13.19 10.21 18.66
N MSE B 293 12.59 10.63 19.78
CA MSE B 293 13.06 10.27 21.09
C MSE B 293 12.03 9.32 21.69
O MSE B 293 11.97 8.15 21.28
CB MSE B 293 13.27 11.50 21.97
CG MSE B 293 14.35 12.45 21.48
SE MSE B 293 16.12 11.62 21.37
CE MSE B 293 17.11 13.27 20.80
N GLY B 294 11.24 9.81 22.64
CA GLY B 294 10.17 9.02 23.27
C GLY B 294 8.78 9.64 23.13
N GLU B 295 8.55 10.33 22.01
CA GLU B 295 7.26 10.95 21.72
C GLU B 295 6.11 9.95 21.74
N SER B 296 4.99 10.41 22.30
CA SER B 296 3.72 9.70 22.18
C SER B 296 3.09 10.09 20.82
N SER B 297 1.87 9.62 20.55
CA SER B 297 1.24 9.96 19.27
C SER B 297 1.13 11.47 19.02
N LEU B 298 0.78 12.26 20.05
CA LEU B 298 0.67 13.71 19.88
C LEU B 298 2.05 14.28 19.53
N GLY B 299 3.09 13.65 20.05
CA GLY B 299 4.45 14.13 19.79
C GLY B 299 4.92 13.74 18.41
N ILE B 300 4.59 12.51 18.01
CA ILE B 300 5.02 12.01 16.72
C ILE B 300 4.32 12.79 15.58
N ASN B 301 3.10 13.26 15.86
CA ASN B 301 2.37 14.12 14.94
C ASN B 301 3.24 15.27 14.42
N GLN B 302 4.09 15.81 15.30
CA GLN B 302 4.94 16.94 14.91
C GLN B 302 5.87 16.57 13.78
N SER B 303 6.49 15.40 13.91
CA SER B 303 7.40 14.88 12.91
C SER B 303 6.70 14.39 11.66
N VAL B 304 5.50 13.82 11.83
CA VAL B 304 4.72 13.35 10.66
C VAL B 304 4.35 14.53 9.77
N HIS B 305 3.86 15.61 10.36
CA HIS B 305 3.56 16.80 9.54
C HIS B 305 4.82 17.40 8.94
N PHE B 306 5.90 17.41 9.71
CA PHE B 306 7.13 17.95 9.18
C PHE B 306 7.60 17.14 7.97
N ALA B 307 7.54 15.81 8.07
CA ALA B 307 7.99 14.93 7.01
C ALA B 307 7.05 14.93 5.79
N LEU B 308 5.74 14.95 6.03
CA LEU B 308 4.77 14.99 4.94
C LEU B 308 4.93 16.31 4.19
N GLY B 309 5.06 17.40 4.94
CA GLY B 309 5.06 18.73 4.33
C GLY B 309 6.32 18.99 3.53
N THR B 310 7.47 18.71 4.14
CA THR B 310 8.73 18.99 3.44
C THR B 310 9.06 17.91 2.43
N GLY B 311 8.60 16.70 2.69
CA GLY B 311 8.93 15.54 1.83
C GLY B 311 10.43 15.30 1.71
N ALA B 312 11.18 15.67 2.74
CA ALA B 312 12.63 15.78 2.64
C ALA B 312 13.39 14.48 2.91
N PHE B 313 12.70 13.46 3.41
CA PHE B 313 13.36 12.29 3.99
C PHE B 313 13.31 11.04 3.17
N GLU B 314 14.48 10.40 3.00
CA GLU B 314 14.53 9.10 2.33
C GLU B 314 13.96 8.02 3.26
N PHE B 315 14.29 8.15 4.55
CA PHE B 315 13.88 7.20 5.57
C PHE B 315 13.23 7.91 6.75
N HIS B 316 12.28 7.23 7.38
CA HIS B 316 11.60 7.75 8.56
C HIS B 316 11.73 6.74 9.67
N ASP B 317 12.20 7.20 10.82
CA ASP B 317 12.32 6.38 12.02
C ASP B 317 11.43 7.03 13.07
N LEU B 318 10.11 6.90 12.89
CA LEU B 318 9.11 7.59 13.72
C LEU B 318 8.26 6.54 14.40
N ASP B 319 8.88 5.83 15.34
CA ASP B 319 8.28 4.63 15.90
C ASP B 319 8.11 4.67 17.41
N SER B 320 8.39 5.82 18.05
CA SER B 320 8.35 5.87 19.51
C SER B 320 6.95 5.58 20.04
N HIS B 321 5.93 6.09 19.35
CA HIS B 321 4.56 5.88 19.79
C HIS B 321 4.13 4.43 19.63
N LEU B 322 4.81 3.70 18.75
CA LEU B 322 4.49 2.31 18.48
C LEU B 322 5.11 1.38 19.52
N MSE B 323 6.07 1.92 20.28
CA MSE B 323 6.75 1.15 21.32
C MSE B 323 6.08 1.41 22.67
O MSE B 323 6.41 0.77 23.68
CB MSE B 323 8.24 1.50 21.37
CG MSE B 323 8.98 1.55 20.02
SE MSE B 323 9.78 -0.10 19.27
CE MSE B 323 11.44 0.69 18.70
N LEU B 324 5.12 2.33 22.68
CA LEU B 324 4.38 2.68 23.90
C LEU B 324 3.11 1.83 24.07
N LYS B 325 2.78 1.56 25.33
CA LYS B 325 1.77 0.56 25.71
C LYS B 325 0.35 1.11 25.64
N GLU B 326 -0.35 0.76 24.56
CA GLU B 326 -1.78 1.02 24.37
C GLU B 326 -2.23 2.43 24.79
N GLU B 327 -1.91 3.42 23.97
CA GLU B 327 -2.36 4.78 24.19
C GLU B 327 -3.64 5.01 23.40
N VAL B 328 -4.43 5.99 23.86
CA VAL B 328 -5.49 6.59 23.07
C VAL B 328 -4.79 7.43 22.01
N PHE B 329 -5.17 7.26 20.75
CA PHE B 329 -4.48 7.94 19.66
C PHE B 329 -4.78 9.41 19.63
N ARG B 330 -3.72 10.23 19.66
CA ARG B 330 -3.86 11.67 19.75
C ARG B 330 -3.07 12.41 18.67
N GLY B 331 -2.77 11.71 17.58
CA GLY B 331 -2.19 12.35 16.41
C GLY B 331 -3.24 12.99 15.52
N LYS B 332 -2.78 13.89 14.66
CA LYS B 332 -3.62 14.46 13.60
C LYS B 332 -3.10 13.94 12.26
N PHE B 333 -3.02 12.62 12.14
CA PHE B 333 -2.63 11.93 10.91
C PHE B 333 -3.24 10.54 10.98
N ILE B 334 -3.19 9.83 9.86
CA ILE B 334 -3.66 8.45 9.82
C ILE B 334 -2.49 7.49 10.01
N GLN B 335 -2.59 6.57 10.98
CA GLN B 335 -1.56 5.54 11.15
C GLN B 335 -2.08 4.26 10.50
N ASP B 336 -1.44 3.86 9.40
CA ASP B 336 -1.89 2.77 8.53
C ASP B 336 -0.78 1.70 8.53
N GLY B 337 -0.75 0.86 9.56
CA GLY B 337 0.37 -0.05 9.73
C GLY B 337 1.66 0.77 9.84
N PRO B 338 2.70 0.41 9.06
CA PRO B 338 3.93 1.23 9.06
C PRO B 338 3.81 2.54 8.31
N ARG B 339 2.69 2.77 7.65
CA ARG B 339 2.49 3.97 6.83
C ARG B 339 1.81 5.06 7.65
N MSE B 340 2.15 6.31 7.37
CA MSE B 340 1.37 7.44 7.87
C MSE B 340 0.85 8.21 6.68
O MSE B 340 1.59 8.43 5.70
CB MSE B 340 2.23 8.38 8.73
CG MSE B 340 2.60 7.82 10.08
SE MSE B 340 4.17 6.68 10.03
CE MSE B 340 4.80 7.19 11.80
N ARG B 341 -0.42 8.61 6.75
CA ARG B 341 -1.07 9.33 5.67
C ARG B 341 -1.68 10.62 6.18
N VAL B 342 -1.75 11.63 5.33
CA VAL B 342 -2.39 12.89 5.67
C VAL B 342 -3.88 12.70 5.88
N LYS B 343 -4.45 13.50 6.79
CA LYS B 343 -5.89 13.48 7.03
C LYS B 343 -6.62 14.34 6.00
N ASP B 344 -7.95 14.33 6.07
CA ASP B 344 -8.78 14.76 4.94
C ASP B 344 -8.97 16.26 4.93
N GLN B 345 -9.43 16.80 6.06
CA GLN B 345 -8.55 17.04 7.20
C GLN B 345 -8.92 16.12 8.36
N SER C 2 2.30 -38.12 6.82
CA SER C 2 2.53 -38.96 8.02
C SER C 2 1.28 -39.01 8.90
N ARG C 3 1.20 -40.00 9.78
CA ARG C 3 -0.01 -40.29 10.54
C ARG C 3 -0.18 -39.48 11.82
N ILE C 4 -1.42 -39.08 12.12
CA ILE C 4 -1.75 -38.40 13.37
C ILE C 4 -1.49 -39.34 14.56
N VAL C 5 -0.69 -38.89 15.52
CA VAL C 5 -0.44 -39.68 16.72
C VAL C 5 -1.05 -39.08 18.00
N ASN C 6 -1.40 -37.80 17.95
CA ASN C 6 -2.13 -37.19 19.04
C ASN C 6 -2.94 -35.96 18.62
N VAL C 7 -3.98 -35.68 19.39
CA VAL C 7 -4.78 -34.47 19.21
C VAL C 7 -5.04 -33.91 20.59
N LYS C 8 -4.79 -32.61 20.74
CA LYS C 8 -4.94 -31.95 22.04
C LYS C 8 -5.87 -30.74 21.90
N LEU C 9 -6.81 -30.61 22.82
CA LEU C 9 -7.68 -29.44 22.89
C LEU C 9 -7.31 -28.68 24.15
N SER C 10 -7.15 -27.36 24.04
CA SER C 10 -6.89 -26.55 25.23
CA SER C 10 -6.83 -26.52 25.20
C SER C 10 -7.69 -25.25 25.23
N LEU C 11 -8.19 -24.90 26.41
CA LEU C 11 -8.89 -23.63 26.60
C LEU C 11 -7.92 -22.45 26.58
N LYS C 12 -8.21 -21.46 25.75
CA LYS C 12 -7.42 -20.24 25.68
C LYS C 12 -8.37 -19.04 25.75
N ARG C 13 -8.15 -18.16 26.71
CA ARG C 13 -8.99 -16.98 26.90
C ARG C 13 -8.28 -15.70 26.47
N TYR C 14 -9.03 -14.81 25.84
CA TYR C 14 -8.52 -13.54 25.31
C TYR C 14 -9.45 -12.38 25.67
N GLU C 15 -8.88 -11.37 26.32
CA GLU C 15 -9.65 -10.22 26.75
C GLU C 15 -9.81 -9.19 25.63
N TYR C 16 -11.03 -8.69 25.45
CA TYR C 16 -11.30 -7.61 24.51
C TYR C 16 -10.83 -6.28 25.07
N GLU C 17 -10.54 -5.33 24.19
CA GLU C 17 -10.17 -3.99 24.62
C GLU C 17 -11.37 -3.23 25.20
N LYS C 18 -12.57 -3.51 24.69
CA LYS C 18 -13.83 -3.02 25.28
C LYS C 18 -15.01 -3.94 24.93
N PRO C 19 -16.14 -3.85 25.67
CA PRO C 19 -17.25 -4.76 25.39
C PRO C 19 -17.73 -4.68 23.95
N PHE C 20 -18.00 -5.84 23.36
CA PHE C 20 -18.45 -5.90 21.97
C PHE C 20 -19.95 -6.19 21.92
N HIS C 21 -20.70 -5.17 21.52
CA HIS C 21 -22.16 -5.21 21.54
C HIS C 21 -22.67 -5.34 20.12
N ILE C 22 -23.44 -6.41 19.89
CA ILE C 22 -24.13 -6.67 18.62
C ILE C 22 -25.56 -7.03 18.99
N THR C 23 -26.46 -7.07 18.01
CA THR C 23 -27.86 -7.40 18.26
C THR C 23 -27.99 -8.66 19.11
N GLY C 24 -28.61 -8.50 20.29
CA GLY C 24 -28.87 -9.62 21.20
C GLY C 24 -27.68 -10.19 21.96
N SER C 25 -26.51 -9.56 21.88
CA SER C 25 -25.29 -10.12 22.47
C SER C 25 -24.24 -9.08 22.84
N VAL C 26 -23.68 -9.22 24.04
CA VAL C 26 -22.57 -8.38 24.49
C VAL C 26 -21.51 -9.23 25.21
N SER C 27 -20.26 -9.12 24.75
CA SER C 27 -19.17 -9.92 25.28
C SER C 27 -17.91 -9.11 25.54
N SER C 28 -17.18 -9.46 26.60
CA SER C 28 -15.95 -8.76 26.96
C SER C 28 -14.70 -9.66 26.85
N GLU C 29 -14.93 -10.93 26.55
CA GLU C 29 -13.86 -11.93 26.52
C GLU C 29 -14.13 -12.94 25.42
N SER C 30 -13.06 -13.52 24.87
CA SER C 30 -13.18 -14.60 23.92
C SER C 30 -12.62 -15.87 24.57
N ARG C 31 -13.44 -16.91 24.65
CA ARG C 31 -12.97 -18.18 25.18
C ARG C 31 -12.98 -19.18 24.04
N ASN C 32 -11.78 -19.59 23.64
CA ASN C 32 -11.55 -20.41 22.47
C ASN C 32 -10.93 -21.73 22.86
N VAL C 33 -11.00 -22.69 21.94
CA VAL C 33 -10.36 -23.97 22.12
C VAL C 33 -9.31 -24.11 21.04
N GLU C 34 -8.06 -24.22 21.45
CA GLU C 34 -6.97 -24.41 20.52
C GLU C 34 -6.79 -25.90 20.29
N VAL C 35 -6.57 -26.26 19.04
CA VAL C 35 -6.35 -27.65 18.63
C VAL C 35 -4.90 -27.84 18.16
N GLU C 36 -4.22 -28.82 18.74
CA GLU C 36 -2.89 -29.22 18.26
C GLU C 36 -2.98 -30.64 17.74
N ILE C 37 -2.58 -30.85 16.49
CA ILE C 37 -2.45 -32.19 15.92
C ILE C 37 -0.96 -32.51 15.81
N VAL C 38 -0.56 -33.66 16.36
CA VAL C 38 0.82 -34.10 16.32
C VAL C 38 0.94 -35.30 15.39
N LEU C 39 1.91 -35.26 14.48
CA LEU C 39 2.15 -36.37 13.56
C LEU C 39 3.32 -37.21 14.02
N GLU C 40 3.36 -38.45 13.54
CA GLU C 40 4.46 -39.37 13.85
C GLU C 40 5.83 -38.82 13.43
N SER C 41 5.82 -37.96 12.40
CA SER C 41 7.02 -37.26 11.93
C SER C 41 7.53 -36.20 12.90
N GLY C 42 6.70 -35.82 13.87
CA GLY C 42 6.99 -34.74 14.83
C GLY C 42 6.40 -33.38 14.44
N VAL C 43 5.93 -33.28 13.21
CA VAL C 43 5.24 -32.08 12.74
C VAL C 43 3.99 -31.84 13.58
N LYS C 44 3.74 -30.56 13.89
CA LYS C 44 2.57 -30.15 14.64
C LYS C 44 1.76 -29.11 13.86
N GLY C 45 0.46 -29.35 13.73
CA GLY C 45 -0.43 -28.39 13.09
C GLY C 45 -1.38 -27.80 14.11
N TYR C 46 -1.78 -26.56 13.89
CA TYR C 46 -2.64 -25.85 14.84
C TYR C 46 -3.88 -25.23 14.22
N GLY C 47 -4.97 -25.32 14.98
CA GLY C 47 -6.22 -24.66 14.62
C GLY C 47 -6.82 -24.07 15.87
N GLU C 48 -7.88 -23.28 15.71
CA GLU C 48 -8.57 -22.68 16.84
C GLU C 48 -10.05 -22.67 16.56
N ALA C 49 -10.80 -23.14 17.55
CA ALA C 49 -12.25 -23.11 17.54
C ALA C 49 -12.68 -21.93 18.39
N SER C 50 -13.34 -20.95 17.77
CA SER C 50 -13.98 -19.86 18.47
C SER C 50 -15.49 -20.11 18.38
N PRO C 51 -16.06 -20.73 19.41
CA PRO C 51 -17.46 -21.16 19.29
C PRO C 51 -18.46 -20.02 19.37
N SER C 52 -19.66 -20.27 18.85
CA SER C 52 -20.75 -19.29 18.94
C SER C 52 -22.02 -19.93 19.46
N PHE C 53 -22.48 -19.48 20.63
CA PHE C 53 -23.76 -19.97 21.17
C PHE C 53 -24.93 -19.43 20.34
N ARG C 54 -24.85 -18.15 19.98
CA ARG C 54 -25.96 -17.51 19.27
C ARG C 54 -26.14 -18.09 17.87
N VAL C 55 -25.02 -18.34 17.18
CA VAL C 55 -25.10 -18.77 15.77
C VAL C 55 -25.11 -20.29 15.61
N ASN C 56 -24.23 -20.97 16.35
CA ASN C 56 -24.02 -22.40 16.20
C ASN C 56 -24.62 -23.21 17.33
N GLY C 57 -25.04 -22.53 18.40
CA GLY C 57 -25.55 -23.21 19.59
C GLY C 57 -24.48 -23.85 20.46
N GLU C 58 -23.21 -23.48 20.23
CA GLU C 58 -22.08 -24.11 20.91
C GLU C 58 -21.80 -23.47 22.26
N ARG C 59 -21.20 -24.28 23.16
CA ARG C 59 -20.59 -23.74 24.39
C ARG C 59 -19.16 -24.26 24.50
N VAL C 60 -18.25 -23.39 24.92
CA VAL C 60 -16.84 -23.75 25.01
C VAL C 60 -16.62 -25.01 25.89
N GLU C 61 -17.34 -25.11 27.02
CA GLU C 61 -17.19 -26.28 27.93
C GLU C 61 -17.53 -27.59 27.20
N ALA C 62 -18.53 -27.51 26.33
CA ALA C 62 -18.95 -28.66 25.54
C ALA C 62 -17.91 -29.10 24.53
N LEU C 63 -17.29 -28.14 23.85
CA LEU C 63 -16.19 -28.45 22.95
C LEU C 63 -15.06 -29.17 23.69
N LEU C 64 -14.66 -28.63 24.83
CA LEU C 64 -13.57 -29.21 25.60
C LEU C 64 -13.87 -30.66 26.03
N ALA C 65 -15.15 -30.91 26.30
CA ALA C 65 -15.59 -32.20 26.83
C ALA C 65 -15.44 -33.34 25.84
N ILE C 66 -15.35 -33.01 24.54
CA ILE C 66 -15.29 -34.07 23.53
C ILE C 66 -13.90 -34.33 22.96
N GLU C 67 -12.88 -33.87 23.68
CA GLU C 67 -11.50 -34.11 23.27
C GLU C 67 -11.19 -35.57 22.93
N ASN C 68 -11.56 -36.49 23.81
CA ASN C 68 -11.23 -37.89 23.60
C ASN C 68 -11.91 -38.45 22.35
N ALA C 69 -13.17 -38.05 22.11
CA ALA C 69 -13.91 -38.48 20.92
C ALA C 69 -13.22 -38.02 19.64
N VAL C 70 -12.81 -36.75 19.62
CA VAL C 70 -12.15 -36.19 18.44
C VAL C 70 -10.83 -36.91 18.18
N ARG C 71 -10.07 -37.12 19.25
CA ARG C 71 -8.81 -37.82 19.17
C ARG C 71 -9.02 -39.22 18.58
N GLU C 72 -10.03 -39.94 19.10
CA GLU C 72 -10.30 -41.29 18.61
C GLU C 72 -10.74 -41.32 17.15
N MSE C 73 -11.44 -40.28 16.72
CA MSE C 73 -11.97 -40.24 15.35
C MSE C 73 -10.92 -40.13 14.25
O MSE C 73 -11.14 -40.62 13.15
CB MSE C 73 -12.98 -39.11 15.21
CG MSE C 73 -14.28 -39.43 15.92
SE MSE C 73 -15.40 -37.88 16.15
CE MSE C 73 -16.18 -37.71 14.36
N ILE C 74 -9.80 -39.48 14.55
CA ILE C 74 -8.80 -39.22 13.50
C ILE C 74 -7.38 -39.71 13.77
N THR C 75 -7.10 -40.16 15.00
CA THR C 75 -5.78 -40.72 15.29
C THR C 75 -5.48 -41.89 14.35
N GLY C 76 -4.27 -41.91 13.81
CA GLY C 76 -3.84 -42.99 12.94
C GLY C 76 -4.02 -42.71 11.45
N ILE C 77 -4.72 -41.63 11.12
CA ILE C 77 -4.93 -41.30 9.72
C ILE C 77 -3.78 -40.41 9.23
N ASP C 78 -3.30 -40.70 8.02
CA ASP C 78 -2.26 -39.92 7.40
C ASP C 78 -2.87 -38.61 6.88
N VAL C 79 -2.23 -37.49 7.19
CA VAL C 79 -2.75 -36.20 6.72
C VAL C 79 -2.75 -36.06 5.20
N ARG C 80 -1.97 -36.88 4.50
CA ARG C 80 -2.04 -36.84 3.04
C ARG C 80 -3.40 -37.32 2.53
N ASN C 81 -4.10 -38.11 3.34
CA ASN C 81 -5.48 -38.51 3.07
C ASN C 81 -6.47 -37.54 3.71
N TYR C 82 -6.25 -36.24 3.49
CA TYR C 82 -6.98 -35.24 4.27
C TYR C 82 -8.49 -35.28 4.00
N ALA C 83 -8.88 -35.74 2.81
CA ALA C 83 -10.32 -35.83 2.51
C ALA C 83 -11.01 -36.84 3.44
N ARG C 84 -10.28 -37.85 3.90
CA ARG C 84 -10.84 -38.80 4.86
C ARG C 84 -11.09 -38.10 6.19
N ILE C 85 -10.15 -37.27 6.62
CA ILE C 85 -10.31 -36.51 7.86
C ILE C 85 -11.45 -35.50 7.73
N PHE C 86 -11.54 -34.87 6.56
CA PHE C 86 -12.63 -33.91 6.36
C PHE C 86 -13.99 -34.60 6.46
N GLU C 87 -14.12 -35.80 5.86
CA GLU C 87 -15.41 -36.49 5.87
C GLU C 87 -15.79 -36.95 7.28
N ILE C 88 -14.79 -37.47 8.02
CA ILE C 88 -14.99 -37.84 9.41
C ILE C 88 -15.43 -36.64 10.25
N THR C 89 -14.73 -35.51 10.10
CA THR C 89 -14.99 -34.35 10.94
C THR C 89 -16.26 -33.61 10.52
N ASP C 90 -16.78 -33.88 9.32
CA ASP C 90 -18.10 -33.39 8.93
C ASP C 90 -19.18 -33.94 9.88
N ARG C 91 -18.86 -35.02 10.58
CA ARG C 91 -19.78 -35.57 11.58
C ARG C 91 -19.90 -34.66 12.81
N LEU C 92 -18.98 -33.71 12.93
CA LEU C 92 -18.98 -32.79 14.06
C LEU C 92 -19.84 -31.58 13.75
N PHE C 93 -20.99 -31.79 13.09
CA PHE C 93 -21.86 -30.66 12.70
C PHE C 93 -22.47 -29.89 13.89
N GLY C 94 -22.48 -30.52 15.05
CA GLY C 94 -22.94 -29.88 16.28
C GLY C 94 -21.84 -29.07 16.93
N PHE C 95 -20.61 -29.26 16.45
CA PHE C 95 -19.43 -28.54 16.97
C PHE C 95 -18.67 -27.93 15.79
N PRO C 96 -19.33 -27.09 14.97
CA PRO C 96 -18.72 -26.64 13.71
C PRO C 96 -17.40 -25.88 13.91
N SER C 97 -17.23 -25.17 15.02
CA SER C 97 -15.98 -24.42 15.24
C SER C 97 -14.83 -25.39 15.46
N LEU C 98 -15.12 -26.53 16.07
CA LEU C 98 -14.12 -27.58 16.26
C LEU C 98 -13.84 -28.34 14.95
N LYS C 99 -14.88 -28.60 14.17
CA LYS C 99 -14.73 -29.12 12.81
C LYS C 99 -13.73 -28.24 12.04
N ALA C 100 -13.92 -26.93 12.10
CA ALA C 100 -13.04 -26.00 11.39
C ALA C 100 -11.61 -26.10 11.90
N ALA C 101 -11.46 -26.10 13.22
CA ALA C 101 -10.13 -26.10 13.84
C ALA C 101 -9.38 -27.38 13.52
N VAL C 102 -10.08 -28.52 13.53
CA VAL C 102 -9.42 -29.80 13.25
C VAL C 102 -9.03 -29.94 11.79
N GLN C 103 -9.94 -29.51 10.91
CA GLN C 103 -9.69 -29.51 9.49
C GLN C 103 -8.53 -28.58 9.14
N PHE C 104 -8.48 -27.41 9.76
CA PHE C 104 -7.36 -26.52 9.46
C PHE C 104 -6.03 -27.07 10.00
N ALA C 105 -6.06 -27.57 11.23
CA ALA C 105 -4.86 -28.11 11.85
C ALA C 105 -4.28 -29.22 10.96
N THR C 106 -5.16 -30.02 10.36
CA THR C 106 -4.77 -31.06 9.40
C THR C 106 -3.99 -30.48 8.22
N LEU C 107 -4.50 -29.41 7.64
CA LEU C 107 -3.85 -28.78 6.50
C LEU C 107 -2.56 -28.09 6.90
N ASP C 108 -2.54 -27.52 8.10
CA ASP C 108 -1.34 -26.85 8.65
C ASP C 108 -0.21 -27.86 8.74
N ALA C 109 -0.53 -29.05 9.24
CA ALA C 109 0.46 -30.13 9.38
C ALA C 109 0.88 -30.68 8.02
N LEU C 110 -0.09 -30.91 7.14
CA LEU C 110 0.22 -31.42 5.80
C LEU C 110 1.10 -30.47 5.02
N SER C 111 0.73 -29.19 4.99
CA SER C 111 1.53 -28.20 4.27
C SER C 111 2.97 -28.21 4.76
N GLN C 112 3.18 -28.35 6.06
CA GLN C 112 4.56 -28.43 6.60
C GLN C 112 5.29 -29.65 6.06
N GLU C 113 4.62 -30.79 6.04
CA GLU C 113 5.26 -32.01 5.49
C GLU C 113 5.59 -31.89 4.01
N LEU C 114 4.82 -31.06 3.29
CA LEU C 114 5.02 -30.86 1.86
C LEU C 114 5.95 -29.67 1.56
N GLY C 115 6.38 -28.97 2.61
CA GLY C 115 7.30 -27.83 2.48
C GLY C 115 6.65 -26.60 1.89
N THR C 116 5.35 -26.44 2.12
CA THR C 116 4.61 -25.29 1.59
C THR C 116 3.72 -24.69 2.68
N GLN C 117 2.75 -23.86 2.27
CA GLN C 117 1.83 -23.19 3.19
C GLN C 117 0.39 -23.53 2.84
N VAL C 118 -0.51 -23.37 3.80
CA VAL C 118 -1.91 -23.77 3.56
C VAL C 118 -2.51 -22.98 2.39
N CYS C 119 -2.23 -21.68 2.32
CA CYS C 119 -2.75 -20.89 1.20
C CYS C 119 -2.36 -21.49 -0.16
N TYR C 120 -1.15 -22.02 -0.26
CA TYR C 120 -0.73 -22.65 -1.51
C TYR C 120 -1.45 -23.98 -1.79
N LEU C 121 -1.67 -24.78 -0.75
CA LEU C 121 -2.47 -26.00 -0.94
C LEU C 121 -3.83 -25.65 -1.53
N LEU C 122 -4.35 -24.48 -1.13
CA LEU C 122 -5.69 -24.04 -1.55
C LEU C 122 -5.73 -23.25 -2.86
N GLY C 123 -4.58 -23.08 -3.51
CA GLY C 123 -4.55 -22.45 -4.83
C GLY C 123 -3.58 -21.30 -5.01
N GLY C 124 -3.20 -20.66 -3.90
CA GLY C 124 -2.25 -19.55 -3.97
C GLY C 124 -2.72 -18.38 -4.83
N LYS C 125 -4.01 -18.10 -4.85
CA LYS C 125 -4.57 -17.10 -5.76
C LYS C 125 -4.05 -15.67 -5.51
N ARG C 126 -4.02 -15.28 -4.24
CA ARG C 126 -3.64 -13.91 -3.85
C ARG C 126 -2.46 -13.88 -2.91
N ASP C 127 -1.66 -12.81 -3.00
CA ASP C 127 -0.57 -12.57 -2.06
C ASP C 127 -0.95 -11.63 -0.93
N GLU C 128 -2.04 -10.88 -1.11
CA GLU C 128 -2.48 -9.87 -0.15
C GLU C 128 -4.00 -9.77 -0.11
N ILE C 129 -4.53 -9.58 1.11
CA ILE C 129 -5.94 -9.23 1.32
C ILE C 129 -6.01 -8.05 2.28
N GLU C 130 -7.19 -7.47 2.42
CA GLU C 130 -7.36 -6.35 3.34
C GLU C 130 -8.67 -6.53 4.11
N THR C 131 -8.61 -6.28 5.41
CA THR C 131 -9.79 -6.44 6.26
C THR C 131 -10.43 -5.10 6.60
N ASP C 132 -11.73 -5.15 6.90
CA ASP C 132 -12.41 -4.04 7.57
C ASP C 132 -12.12 -4.10 9.06
N LYS C 133 -12.65 -3.12 9.79
CA LYS C 133 -12.72 -3.22 11.25
C LYS C 133 -14.12 -2.75 11.66
N THR C 134 -14.59 -3.24 12.81
CA THR C 134 -16.00 -3.12 13.17
C THR C 134 -16.29 -2.09 14.25
N VAL C 135 -17.36 -1.32 14.02
CA VAL C 135 -17.94 -0.41 15.00
C VAL C 135 -19.08 -1.16 15.70
N GLY C 136 -18.91 -1.45 17.00
CA GLY C 136 -19.96 -2.11 17.78
C GLY C 136 -21.10 -1.17 18.11
N ILE C 137 -22.19 -1.72 18.62
CA ILE C 137 -23.34 -0.91 19.03
C ILE C 137 -23.00 -0.18 20.32
N ASP C 138 -23.40 1.09 20.38
CA ASP C 138 -23.18 1.96 21.54
C ASP C 138 -24.08 3.17 21.32
N THR C 139 -23.91 4.23 22.09
CA THR C 139 -24.60 5.48 21.79
C THR C 139 -24.16 5.97 20.43
N VAL C 140 -24.99 6.79 19.78
CA VAL C 140 -24.64 7.34 18.47
C VAL C 140 -23.29 8.06 18.55
N GLU C 141 -23.12 8.88 19.59
CA GLU C 141 -21.87 9.61 19.77
C GLU C 141 -20.67 8.65 19.87
N ASN C 142 -20.82 7.56 20.61
CA ASN C 142 -19.72 6.62 20.75
C ASN C 142 -19.48 5.81 19.48
N ARG C 143 -20.54 5.51 18.75
CA ARG C 143 -20.36 4.82 17.46
C ARG C 143 -19.56 5.68 16.49
N VAL C 144 -19.88 6.97 16.44
CA VAL C 144 -19.17 7.90 15.56
C VAL C 144 -17.70 8.01 16.00
N LYS C 145 -17.47 8.15 17.31
CA LYS C 145 -16.12 8.21 17.88
C LYS C 145 -15.29 6.99 17.43
N GLU C 146 -15.89 5.81 17.52
CA GLU C 146 -15.19 4.58 17.18
C GLU C 146 -14.92 4.46 15.68
N ALA C 147 -15.87 4.91 14.85
CA ALA C 147 -15.67 4.89 13.41
C ALA C 147 -14.49 5.78 13.02
N LYS C 148 -14.39 6.95 13.67
CA LYS C 148 -13.28 7.88 13.42
C LYS C 148 -11.94 7.26 13.79
N LYS C 149 -11.93 6.56 14.93
CA LYS C 149 -10.76 5.82 15.41
CA LYS C 149 -10.74 5.84 15.39
C LYS C 149 -10.32 4.82 14.35
N ILE C 150 -11.30 4.06 13.83
CA ILE C 150 -11.00 3.02 12.83
C ILE C 150 -10.45 3.64 11.55
N PHE C 151 -11.07 4.73 11.12
CA PHE C 151 -10.62 5.43 9.92
C PHE C 151 -9.18 5.93 10.11
N GLU C 152 -8.85 6.38 11.31
CA GLU C 152 -7.50 6.90 11.54
CA GLU C 152 -7.50 6.90 11.58
C GLU C 152 -6.47 5.81 11.80
N GLU C 153 -6.94 4.56 11.85
CA GLU C 153 -6.07 3.37 11.92
C GLU C 153 -5.82 2.80 10.51
N GLY C 154 -6.30 3.52 9.51
CA GLY C 154 -5.97 3.23 8.13
C GLY C 154 -6.98 2.34 7.41
N PHE C 155 -8.06 1.98 8.10
CA PHE C 155 -9.04 1.12 7.45
C PHE C 155 -9.80 1.84 6.37
N ARG C 156 -10.02 1.14 5.26
CA ARG C 156 -10.72 1.70 4.12
C ARG C 156 -12.14 1.13 3.99
N VAL C 157 -12.40 0.05 4.72
CA VAL C 157 -13.74 -0.53 4.81
C VAL C 157 -14.12 -0.55 6.29
N ILE C 158 -15.28 0.00 6.60
CA ILE C 158 -15.74 0.10 7.98
C ILE C 158 -17.02 -0.69 8.11
N LYS C 159 -17.02 -1.67 9.03
CA LYS C 159 -18.21 -2.47 9.27
CA LYS C 159 -18.21 -2.46 9.27
C LYS C 159 -18.95 -1.85 10.45
N ILE C 160 -20.24 -1.62 10.28
CA ILE C 160 -21.05 -0.95 11.28
C ILE C 160 -22.15 -1.89 11.75
N LYS C 161 -22.13 -2.21 13.04
CA LYS C 161 -23.17 -3.04 13.64
C LYS C 161 -24.43 -2.21 13.84
N VAL C 162 -25.58 -2.78 13.47
CA VAL C 162 -26.87 -2.16 13.72
C VAL C 162 -27.85 -3.26 14.18
N GLY C 163 -29.11 -2.89 14.44
CA GLY C 163 -30.17 -3.88 14.55
C GLY C 163 -31.11 -3.76 15.75
N GLU C 164 -30.72 -2.94 16.72
CA GLU C 164 -31.49 -2.81 17.97
C GLU C 164 -32.35 -1.57 18.04
N ASN C 165 -32.05 -0.58 17.19
CA ASN C 165 -32.76 0.68 17.25
C ASN C 165 -32.69 1.33 15.88
N LEU C 166 -33.71 1.06 15.06
CA LEU C 166 -33.76 1.51 13.68
C LEU C 166 -33.44 3.00 13.51
N LYS C 167 -34.09 3.84 14.32
CA LYS C 167 -33.89 5.28 14.17
C LYS C 167 -32.47 5.69 14.50
N GLU C 168 -31.92 5.16 15.60
CA GLU C 168 -30.54 5.45 15.98
C GLU C 168 -29.52 4.85 15.02
N ASP C 169 -29.85 3.68 14.47
CA ASP C 169 -28.96 3.05 13.48
C ASP C 169 -28.82 3.90 12.23
N ILE C 170 -29.95 4.40 11.71
CA ILE C 170 -29.93 5.30 10.56
C ILE C 170 -29.08 6.54 10.87
N GLU C 171 -29.31 7.14 12.03
CA GLU C 171 -28.57 8.34 12.42
C GLU C 171 -27.06 8.05 12.53
N ALA C 172 -26.71 6.94 13.17
CA ALA C 172 -25.31 6.54 13.38
C ALA C 172 -24.60 6.36 12.04
N VAL C 173 -25.24 5.65 11.13
CA VAL C 173 -24.64 5.43 9.81
C VAL C 173 -24.46 6.74 9.05
N GLU C 174 -25.45 7.62 9.14
CA GLU C 174 -25.36 8.92 8.44
C GLU C 174 -24.25 9.78 9.03
N GLU C 175 -24.12 9.78 10.35
CA GLU C 175 -23.07 10.56 11.00
C GLU C 175 -21.68 9.96 10.74
N ILE C 176 -21.58 8.63 10.74
CA ILE C 176 -20.32 7.95 10.42
C ILE C 176 -19.87 8.29 9.00
N ALA C 177 -20.81 8.24 8.06
CA ALA C 177 -20.53 8.55 6.66
C ALA C 177 -19.92 9.94 6.51
N LYS C 178 -20.40 10.90 7.32
CA LYS C 178 -19.91 12.27 7.23
C LYS C 178 -18.45 12.47 7.63
N VAL C 179 -17.96 11.63 8.52
CA VAL C 179 -16.63 11.82 9.12
C VAL C 179 -15.62 10.78 8.63
N THR C 180 -16.05 9.94 7.68
CA THR C 180 -15.18 8.93 7.08
C THR C 180 -15.25 8.95 5.55
N ARG C 181 -15.20 10.16 4.96
CA ARG C 181 -15.34 10.30 3.51
C ARG C 181 -14.32 9.47 2.76
N GLY C 182 -14.81 8.62 1.87
CA GLY C 182 -13.94 7.77 1.05
C GLY C 182 -13.98 6.32 1.49
N ALA C 183 -14.35 6.07 2.75
CA ALA C 183 -14.54 4.69 3.23
C ALA C 183 -15.70 3.98 2.54
N LYS C 184 -15.58 2.66 2.43
CA LYS C 184 -16.71 1.81 2.05
C LYS C 184 -17.36 1.29 3.32
N TYR C 185 -18.66 0.98 3.26
CA TYR C 185 -19.39 0.57 4.48
C TYR C 185 -20.01 -0.81 4.35
N ILE C 186 -19.80 -1.64 5.36
CA ILE C 186 -20.59 -2.87 5.50
C ILE C 186 -21.49 -2.66 6.72
N VAL C 187 -22.78 -2.97 6.57
CA VAL C 187 -23.71 -2.80 7.67
C VAL C 187 -24.21 -4.19 8.04
N ASP C 188 -24.06 -4.55 9.31
CA ASP C 188 -24.45 -5.88 9.79
C ASP C 188 -25.56 -5.74 10.82
N ALA C 189 -26.74 -6.22 10.48
CA ALA C 189 -27.88 -6.07 11.36
C ALA C 189 -28.08 -7.24 12.32
N ASN C 190 -27.29 -8.32 12.16
CA ASN C 190 -27.33 -9.48 13.07
C ASN C 190 -28.76 -9.85 13.46
N MSE C 191 -29.60 -9.95 12.43
CA MSE C 191 -30.94 -10.51 12.54
C MSE C 191 -31.95 -9.61 13.29
O MSE C 191 -33.01 -10.08 13.70
CB MSE C 191 -30.90 -11.91 13.20
CG MSE C 191 -30.00 -12.95 12.47
SE MSE C 191 -30.10 -14.77 13.28
CE MSE C 191 -29.34 -14.32 15.02
N GLY C 192 -31.64 -8.32 13.44
CA GLY C 192 -32.45 -7.46 14.32
C GLY C 192 -33.72 -6.83 13.79
N TYR C 193 -33.85 -6.76 12.45
CA TYR C 193 -34.95 -6.04 11.82
C TYR C 193 -36.01 -6.98 11.23
N THR C 194 -37.23 -6.46 11.14
CA THR C 194 -38.22 -7.09 10.28
C THR C 194 -37.84 -6.77 8.84
N GLN C 195 -38.42 -7.51 7.88
CA GLN C 195 -38.07 -7.28 6.49
C GLN C 195 -38.37 -5.83 6.07
N LYS C 196 -39.49 -5.26 6.54
CA LYS C 196 -39.85 -3.89 6.16
C LYS C 196 -38.98 -2.87 6.87
N GLU C 197 -38.60 -3.16 8.11
CA GLU C 197 -37.67 -2.28 8.80
C GLU C 197 -36.32 -2.29 8.08
N ALA C 198 -35.89 -3.47 7.64
CA ALA C 198 -34.63 -3.59 6.94
C ALA C 198 -34.65 -2.82 5.62
N VAL C 199 -35.78 -2.88 4.92
CA VAL C 199 -35.95 -2.10 3.69
C VAL C 199 -35.87 -0.61 3.96
N GLU C 200 -36.53 -0.17 5.04
CA GLU C 200 -36.54 1.24 5.37
C GLU C 200 -35.21 1.78 5.87
N PHE C 201 -34.44 0.96 6.57
CA PHE C 201 -33.06 1.34 6.91
C PHE C 201 -32.31 1.64 5.63
N ALA C 202 -32.39 0.72 4.68
CA ALA C 202 -31.61 0.86 3.44
C ALA C 202 -32.04 2.10 2.67
N ARG C 203 -33.35 2.29 2.56
CA ARG C 203 -33.88 3.45 1.84
C ARG C 203 -33.47 4.78 2.47
N ALA C 204 -33.50 4.86 3.79
CA ALA C 204 -33.14 6.11 4.47
C ALA C 204 -31.69 6.48 4.19
N VAL C 205 -30.79 5.52 4.30
CA VAL C 205 -29.39 5.83 4.05
C VAL C 205 -29.13 6.14 2.57
N TYR C 206 -29.82 5.42 1.68
CA TYR C 206 -29.69 5.65 0.23
C TYR C 206 -30.10 7.07 -0.10
N GLN C 207 -31.21 7.50 0.49
CA GLN C 207 -31.72 8.86 0.27
C GLN C 207 -30.76 9.96 0.66
N LYS C 208 -29.81 9.64 1.54
CA LYS C 208 -28.75 10.57 1.94
C LYS C 208 -27.53 10.50 1.02
N GLY C 209 -27.61 9.67 -0.02
CA GLY C 209 -26.50 9.48 -0.96
C GLY C 209 -25.38 8.60 -0.43
N ILE C 210 -25.68 7.78 0.58
CA ILE C 210 -24.69 6.88 1.18
C ILE C 210 -24.82 5.50 0.51
N ASP C 211 -23.69 4.92 0.10
CA ASP C 211 -23.66 3.59 -0.47
C ASP C 211 -23.22 2.57 0.58
N ILE C 212 -23.98 1.48 0.70
CA ILE C 212 -23.61 0.37 1.58
C ILE C 212 -23.16 -0.75 0.67
N ALA C 213 -21.90 -1.15 0.82
CA ALA C 213 -21.26 -2.18 -0.03
C ALA C 213 -21.89 -3.55 0.20
N VAL C 214 -22.13 -3.88 1.45
CA VAL C 214 -22.80 -5.16 1.78
C VAL C 214 -23.68 -4.91 3.00
N TYR C 215 -24.93 -5.39 2.93
CA TYR C 215 -25.93 -5.24 4.00
C TYR C 215 -26.21 -6.66 4.50
N GLU C 216 -25.67 -6.97 5.68
CA GLU C 216 -25.66 -8.35 6.18
C GLU C 216 -26.85 -8.71 7.05
N GLN C 217 -27.42 -9.88 6.75
CA GLN C 217 -28.39 -10.59 7.57
C GLN C 217 -29.30 -9.66 8.39
N PRO C 218 -30.12 -8.87 7.70
CA PRO C 218 -31.04 -8.00 8.44
C PRO C 218 -32.15 -8.74 9.21
N VAL C 219 -32.52 -9.94 8.74
CA VAL C 219 -33.63 -10.72 9.30
C VAL C 219 -33.17 -12.03 9.95
N ARG C 220 -34.09 -12.77 10.58
CA ARG C 220 -33.72 -13.96 11.33
C ARG C 220 -33.19 -15.12 10.45
N ARG C 221 -32.48 -16.07 11.07
CA ARG C 221 -31.78 -17.14 10.36
C ARG C 221 -32.70 -17.95 9.43
N GLU C 222 -33.89 -18.26 9.93
CA GLU C 222 -34.83 -19.13 9.23
CA GLU C 222 -34.77 -19.15 9.16
C GLU C 222 -35.61 -18.40 8.14
N ASP C 223 -35.52 -17.08 8.15
CA ASP C 223 -36.37 -16.23 7.32
C ASP C 223 -35.75 -15.96 5.95
N ILE C 224 -35.55 -17.02 5.19
CA ILE C 224 -35.00 -16.93 3.83
C ILE C 224 -35.86 -16.05 2.92
N GLU C 225 -37.17 -16.20 3.01
CA GLU C 225 -38.09 -15.41 2.18
C GLU C 225 -37.97 -13.93 2.53
N GLY C 226 -37.76 -13.66 3.82
CA GLY C 226 -37.53 -12.30 4.29
C GLY C 226 -36.24 -11.72 3.77
N LEU C 227 -35.16 -12.51 3.78
CA LEU C 227 -33.91 -12.08 3.17
C LEU C 227 -34.08 -11.69 1.70
N LYS C 228 -34.81 -12.52 0.96
CA LYS C 228 -35.12 -12.28 -0.46
C LYS C 228 -35.92 -10.99 -0.60
N PHE C 229 -36.90 -10.80 0.28
CA PHE C 229 -37.72 -9.59 0.26
C PHE C 229 -36.84 -8.34 0.37
N VAL C 230 -35.90 -8.37 1.32
CA VAL C 230 -34.98 -7.25 1.48
C VAL C 230 -34.12 -7.08 0.21
N ARG C 231 -33.59 -8.18 -0.31
CA ARG C 231 -32.80 -8.13 -1.52
C ARG C 231 -33.52 -7.45 -2.68
N PHE C 232 -34.78 -7.82 -2.87
CA PHE C 232 -35.54 -7.33 -4.03
C PHE C 232 -36.15 -5.94 -3.84
N HIS C 233 -36.06 -5.40 -2.63
CA HIS C 233 -36.75 -4.14 -2.35
C HIS C 233 -35.88 -3.06 -1.79
N SER C 234 -34.58 -3.33 -1.75
CA SER C 234 -33.64 -2.28 -1.36
C SER C 234 -32.38 -2.30 -2.24
N PRO C 235 -31.72 -1.14 -2.33
CA PRO C 235 -30.70 -0.90 -3.37
C PRO C 235 -29.31 -1.48 -3.12
N PHE C 236 -29.06 -2.00 -1.92
CA PHE C 236 -27.72 -2.46 -1.58
C PHE C 236 -27.63 -3.98 -1.61
N PRO C 237 -26.43 -4.52 -1.92
CA PRO C 237 -26.28 -6.00 -1.90
C PRO C 237 -26.58 -6.57 -0.51
N VAL C 238 -27.37 -7.64 -0.49
CA VAL C 238 -27.78 -8.27 0.77
C VAL C 238 -27.00 -9.55 0.98
N ALA C 239 -26.46 -9.74 2.18
CA ALA C 239 -25.70 -10.97 2.47
C ALA C 239 -26.40 -11.84 3.47
N ALA C 240 -26.28 -13.15 3.26
CA ALA C 240 -26.60 -14.14 4.29
C ALA C 240 -25.37 -14.35 5.17
N ASP C 241 -25.60 -14.39 6.48
CA ASP C 241 -24.53 -14.77 7.43
C ASP C 241 -25.07 -15.94 8.20
N GLU C 242 -25.91 -15.67 9.19
CA GLU C 242 -26.48 -16.74 10.01
C GLU C 242 -27.31 -17.74 9.18
N SER C 243 -27.91 -17.27 8.08
CA SER C 243 -28.67 -18.14 7.16
C SER C 243 -27.78 -19.00 6.26
N ALA C 244 -26.47 -18.76 6.30
CA ALA C 244 -25.52 -19.52 5.50
C ALA C 244 -24.48 -20.18 6.39
N ARG C 245 -24.84 -21.30 7.00
CA ARG C 245 -23.88 -22.05 7.85
C ARG C 245 -23.27 -23.21 7.11
N THR C 246 -24.08 -23.90 6.30
CA THR C 246 -23.61 -25.08 5.59
C THR C 246 -23.68 -24.94 4.08
N LYS C 247 -23.03 -25.85 3.37
CA LYS C 247 -23.09 -25.84 1.92
C LYS C 247 -24.52 -26.05 1.42
N PHE C 248 -25.31 -26.81 2.20
CA PHE C 248 -26.71 -27.05 1.86
C PHE C 248 -27.53 -25.77 2.02
N ASP C 249 -27.23 -24.98 3.04
CA ASP C 249 -27.90 -23.70 3.24
C ASP C 249 -27.66 -22.83 2.01
N VAL C 250 -26.43 -22.82 1.50
CA VAL C 250 -26.11 -21.95 0.38
C VAL C 250 -26.80 -22.42 -0.90
N MSE C 251 -26.90 -23.74 -1.13
CA MSE C 251 -27.64 -24.21 -2.32
C MSE C 251 -29.08 -23.69 -2.27
O MSE C 251 -29.66 -23.28 -3.30
CB MSE C 251 -27.61 -25.74 -2.43
CG MSE C 251 -26.25 -26.32 -2.76
SE MSE C 251 -25.69 -25.92 -4.59
CE MSE C 251 -27.37 -26.27 -5.43
N ARG C 252 -29.67 -23.69 -1.08
CA ARG C 252 -31.05 -23.24 -0.91
C ARG C 252 -31.14 -21.74 -1.19
N LEU C 253 -30.19 -20.97 -0.67
CA LEU C 253 -30.19 -19.52 -0.93
C LEU C 253 -30.10 -19.21 -2.42
N VAL C 254 -29.29 -20.00 -3.13
CA VAL C 254 -29.09 -19.80 -4.56
C VAL C 254 -30.36 -20.14 -5.32
N LYS C 255 -30.95 -21.28 -4.98
CA LYS C 255 -32.20 -21.72 -5.64
C LYS C 255 -33.29 -20.69 -5.44
N GLU C 256 -33.36 -20.14 -4.24
CA GLU C 256 -34.38 -19.13 -3.95
C GLU C 256 -34.03 -17.71 -4.42
N GLU C 257 -32.82 -17.50 -4.96
CA GLU C 257 -32.34 -16.17 -5.36
C GLU C 257 -32.44 -15.16 -4.20
N ALA C 258 -32.13 -15.64 -3.00
CA ALA C 258 -32.40 -14.89 -1.76
C ALA C 258 -31.41 -13.80 -1.44
N VAL C 259 -30.17 -13.91 -1.92
CA VAL C 259 -29.12 -12.98 -1.53
C VAL C 259 -28.17 -12.63 -2.69
N ASP C 260 -27.44 -11.53 -2.51
CA ASP C 260 -26.40 -11.10 -3.44
C ASP C 260 -25.03 -11.61 -3.00
N TYR C 261 -24.87 -11.79 -1.69
CA TYR C 261 -23.61 -12.18 -1.06
C TYR C 261 -23.87 -13.28 -0.05
N VAL C 262 -22.86 -14.11 0.17
CA VAL C 262 -22.78 -14.97 1.35
C VAL C 262 -21.54 -14.56 2.15
N ASN C 263 -21.68 -14.42 3.47
CA ASN C 263 -20.54 -14.24 4.35
C ASN C 263 -20.13 -15.61 4.83
N ILE C 264 -19.02 -16.13 4.30
CA ILE C 264 -18.50 -17.41 4.79
C ILE C 264 -17.79 -17.18 6.13
N LYS C 265 -18.07 -18.02 7.12
CA LYS C 265 -17.19 -18.08 8.29
C LYS C 265 -16.77 -19.52 8.49
N LEU C 266 -15.48 -19.75 8.63
CA LEU C 266 -14.98 -21.08 8.93
C LEU C 266 -15.61 -21.63 10.21
N MSE C 267 -15.90 -20.75 11.16
CA MSE C 267 -16.51 -21.23 12.42
C MSE C 267 -17.91 -21.78 12.21
O MSE C 267 -18.39 -22.54 13.04
CB MSE C 267 -16.51 -20.17 13.52
CG MSE C 267 -15.08 -19.79 14.03
SE MSE C 267 -13.96 -21.40 14.42
CE MSE C 267 -12.66 -21.11 12.98
N LYS C 268 -18.59 -21.39 11.12
CA LYS C 268 -19.91 -21.96 10.81
C LYS C 268 -19.77 -23.23 9.98
N SER C 269 -18.84 -23.21 9.04
CA SER C 269 -18.82 -24.16 7.91
C SER C 269 -17.75 -25.23 7.98
N GLY C 270 -16.69 -24.95 8.72
CA GLY C 270 -15.46 -25.75 8.57
C GLY C 270 -14.80 -25.48 7.23
N ILE C 271 -13.65 -26.11 6.99
CA ILE C 271 -12.97 -25.96 5.73
C ILE C 271 -13.75 -26.64 4.60
N SER C 272 -14.28 -27.83 4.89
CA SER C 272 -14.98 -28.61 3.88
C SER C 272 -16.17 -27.87 3.27
N ASP C 273 -17.12 -27.42 4.10
CA ASP C 273 -18.28 -26.72 3.58
C ASP C 273 -17.85 -25.37 3.01
N ALA C 274 -16.88 -24.69 3.62
CA ALA C 274 -16.44 -23.41 3.05
C ALA C 274 -15.93 -23.53 1.61
N LEU C 275 -15.13 -24.58 1.34
CA LEU C 275 -14.64 -24.81 -0.03
C LEU C 275 -15.80 -25.08 -0.95
N ALA C 276 -16.78 -25.84 -0.47
CA ALA C 276 -17.97 -26.09 -1.28
C ALA C 276 -18.71 -24.81 -1.59
N ILE C 277 -18.85 -23.95 -0.59
CA ILE C 277 -19.55 -22.69 -0.79
C ILE C 277 -18.86 -21.76 -1.78
N VAL C 278 -17.52 -21.72 -1.72
CA VAL C 278 -16.75 -20.94 -2.71
C VAL C 278 -17.10 -21.45 -4.11
N GLU C 279 -17.10 -22.77 -4.30
CA GLU C 279 -17.38 -23.35 -5.63
C GLU C 279 -18.80 -23.11 -6.10
N ILE C 280 -19.77 -23.26 -5.19
CA ILE C 280 -21.17 -22.94 -5.49
C ILE C 280 -21.30 -21.47 -5.90
N ALA C 281 -20.71 -20.58 -5.10
CA ALA C 281 -20.86 -19.15 -5.36
C ALA C 281 -20.29 -18.79 -6.74
N GLU C 282 -19.14 -19.37 -7.06
CA GLU C 282 -18.45 -19.08 -8.31
C GLU C 282 -19.14 -19.72 -9.52
N SER C 283 -20.12 -20.58 -9.23
CA SER C 283 -20.91 -21.23 -10.28
C SER C 283 -22.31 -20.64 -10.39
N SER C 284 -22.55 -19.55 -9.68
CA SER C 284 -23.92 -19.04 -9.49
C SER C 284 -24.06 -17.53 -9.45
N GLY C 285 -22.99 -16.78 -9.72
CA GLY C 285 -23.08 -15.30 -9.67
C GLY C 285 -23.24 -14.71 -8.27
N LEU C 286 -23.03 -15.53 -7.26
CA LEU C 286 -23.00 -15.07 -5.88
C LEU C 286 -21.64 -14.45 -5.59
N LYS C 287 -21.63 -13.33 -4.88
CA LYS C 287 -20.39 -12.73 -4.40
C LYS C 287 -20.16 -13.16 -2.95
N LEU C 288 -18.93 -13.04 -2.48
CA LEU C 288 -18.57 -13.58 -1.17
C LEU C 288 -17.79 -12.59 -0.34
N MSE C 289 -18.03 -12.66 0.96
CA MSE C 289 -17.15 -12.04 1.97
C MSE C 289 -16.78 -13.13 2.97
O MSE C 289 -17.43 -14.19 3.00
CB MSE C 289 -17.83 -10.84 2.65
CG MSE C 289 -19.01 -11.23 3.49
SE MSE C 289 -19.77 -9.65 4.32
CE MSE C 289 -18.41 -9.29 5.66
N ILE C 290 -15.74 -12.90 3.75
CA ILE C 290 -15.35 -13.85 4.79
C ILE C 290 -15.30 -13.13 6.12
N GLY C 291 -15.87 -13.77 7.15
CA GLY C 291 -15.97 -13.14 8.46
C GLY C 291 -15.36 -13.99 9.56
N CYS C 292 -15.65 -13.63 10.81
CA CYS C 292 -15.08 -14.34 11.94
C CYS C 292 -16.02 -14.30 13.15
N MSE C 293 -15.62 -14.99 14.20
CA MSE C 293 -16.30 -14.94 15.48
C MSE C 293 -15.39 -14.20 16.45
O MSE C 293 -15.29 -12.97 16.37
CB MSE C 293 -16.62 -16.37 15.97
CG MSE C 293 -17.52 -17.17 15.03
SE MSE C 293 -19.36 -16.51 14.86
CE MSE C 293 -20.10 -17.96 13.82
N GLY C 294 -14.74 -14.92 17.35
CA GLY C 294 -13.82 -14.31 18.33
C GLY C 294 -12.42 -14.89 18.27
N GLU C 295 -11.99 -15.29 17.07
CA GLU C 295 -10.65 -15.86 16.88
C GLU C 295 -9.54 -14.93 17.34
N SER C 296 -8.54 -15.52 17.96
CA SER C 296 -7.27 -14.84 18.22
C SER C 296 -6.42 -14.89 16.94
N SER C 297 -5.17 -14.44 17.00
CA SER C 297 -4.33 -14.45 15.80
C SER C 297 -4.13 -15.87 15.22
N LEU C 298 -3.94 -16.88 16.07
CA LEU C 298 -3.78 -18.25 15.56
C LEU C 298 -5.07 -18.68 14.85
N GLY C 299 -6.19 -18.19 15.36
CA GLY C 299 -7.48 -18.53 14.75
C GLY C 299 -7.73 -17.80 13.44
N ILE C 300 -7.40 -16.51 13.43
CA ILE C 300 -7.61 -15.71 12.23
C ILE C 300 -6.70 -16.21 11.08
N ASN C 301 -5.54 -16.75 11.46
CA ASN C 301 -4.64 -17.40 10.49
C ASN C 301 -5.40 -18.36 9.57
N GLN C 302 -6.38 -19.07 10.13
CA GLN C 302 -7.09 -20.09 9.35
C GLN C 302 -7.81 -19.43 8.19
N SER C 303 -8.46 -18.31 8.50
CA SER C 303 -9.22 -17.54 7.53
C SER C 303 -8.33 -16.78 6.57
N VAL C 304 -7.18 -16.30 7.04
CA VAL C 304 -6.24 -15.60 6.18
C VAL C 304 -5.72 -16.53 5.09
N HIS C 305 -5.29 -17.74 5.47
CA HIS C 305 -4.83 -18.69 4.46
C HIS C 305 -5.95 -19.12 3.53
N PHE C 306 -7.16 -19.26 4.08
CA PHE C 306 -8.28 -19.64 3.24
C PHE C 306 -8.56 -18.55 2.18
N ALA C 307 -8.52 -17.30 2.61
CA ALA C 307 -8.82 -16.17 1.75
C ALA C 307 -7.69 -15.89 0.75
N LEU C 308 -6.43 -16.00 1.21
CA LEU C 308 -5.30 -15.83 0.30
C LEU C 308 -5.31 -16.91 -0.76
N GLY C 309 -5.51 -18.16 -0.34
CA GLY C 309 -5.38 -19.28 -1.26
C GLY C 309 -6.50 -19.31 -2.29
N THR C 310 -7.73 -19.17 -1.83
CA THR C 310 -8.88 -19.23 -2.76
C THR C 310 -9.06 -17.94 -3.54
N GLY C 311 -8.65 -16.84 -2.93
CA GLY C 311 -8.85 -15.51 -3.53
C GLY C 311 -10.31 -15.20 -3.82
N ALA C 312 -11.20 -15.81 -3.03
CA ALA C 312 -12.61 -15.86 -3.40
C ALA C 312 -13.44 -14.65 -2.97
N PHE C 313 -12.86 -13.78 -2.15
CA PHE C 313 -13.67 -12.79 -1.42
C PHE C 313 -13.50 -11.35 -1.89
N GLU C 314 -14.63 -10.68 -2.10
CA GLU C 314 -14.60 -9.26 -2.41
C GLU C 314 -14.24 -8.44 -1.18
N PHE C 315 -14.77 -8.87 -0.03
CA PHE C 315 -14.54 -8.20 1.25
C PHE C 315 -14.10 -9.19 2.31
N HIS C 316 -13.30 -8.70 3.26
CA HIS C 316 -12.79 -9.51 4.37
C HIS C 316 -13.12 -8.79 5.65
N ASP C 317 -13.77 -9.51 6.57
CA ASP C 317 -14.10 -8.99 7.89
C ASP C 317 -13.40 -9.91 8.88
N LEU C 318 -12.08 -9.75 8.96
CA LEU C 318 -11.22 -10.63 9.74
C LEU C 318 -10.50 -9.80 10.78
N ASP C 319 -11.28 -9.32 11.76
CA ASP C 319 -10.80 -8.30 12.70
C ASP C 319 -10.90 -8.71 14.17
N SER C 320 -11.28 -9.96 14.45
CA SER C 320 -11.46 -10.37 15.85
C SER C 320 -10.18 -10.24 16.66
N HIS C 321 -9.07 -10.62 16.05
CA HIS C 321 -7.78 -10.54 16.73
C HIS C 321 -7.38 -9.08 16.99
N LEU C 322 -7.88 -8.17 16.16
CA LEU C 322 -7.56 -6.75 16.32
C LEU C 322 -8.39 -6.11 17.43
N MSE C 323 -9.41 -6.83 17.89
CA MSE C 323 -10.27 -6.34 18.99
C MSE C 323 -9.78 -6.87 20.33
O MSE C 323 -10.28 -6.49 21.39
CB MSE C 323 -11.75 -6.72 18.76
CG MSE C 323 -12.31 -6.56 17.35
SE MSE C 323 -13.05 -4.82 16.78
CE MSE C 323 -14.58 -5.49 15.83
N LEU C 324 -8.77 -7.76 20.29
CA LEU C 324 -8.18 -8.32 21.50
C LEU C 324 -7.12 -7.43 22.13
N LYS C 325 -6.70 -7.80 23.33
CA LYS C 325 -5.90 -6.94 24.20
C LYS C 325 -4.46 -7.40 24.28
N GLU C 326 -3.60 -6.79 23.45
CA GLU C 326 -2.15 -7.04 23.46
C GLU C 326 -1.77 -8.52 23.46
N GLU C 327 -2.18 -9.23 22.41
CA GLU C 327 -1.81 -10.63 22.24
C GLU C 327 -0.38 -10.71 21.71
N VAL C 328 0.31 -11.80 22.07
CA VAL C 328 1.53 -12.23 21.39
C VAL C 328 1.05 -12.75 20.04
N PHE C 329 1.67 -12.30 18.95
CA PHE C 329 1.19 -12.68 17.62
C PHE C 329 1.52 -14.12 17.29
N ARG C 330 0.47 -14.88 16.94
CA ARG C 330 0.62 -16.30 16.69
C ARG C 330 0.06 -16.77 15.35
N GLY C 331 -0.06 -15.82 14.43
CA GLY C 331 -0.44 -16.15 13.06
C GLY C 331 0.77 -16.55 12.23
N LYS C 332 0.48 -17.20 11.11
CA LYS C 332 1.49 -17.51 10.10
C LYS C 332 1.19 -16.69 8.84
N PHE C 333 1.10 -15.38 9.04
CA PHE C 333 0.94 -14.42 7.96
C PHE C 333 1.49 -13.10 8.47
N ILE C 334 1.58 -12.12 7.58
CA ILE C 334 2.03 -10.79 7.96
C ILE C 334 0.84 -9.88 8.16
N GLN C 335 0.75 -9.22 9.32
CA GLN C 335 -0.30 -8.24 9.55
C GLN C 335 0.28 -6.85 9.33
N ASP C 336 -0.18 -6.19 8.28
CA ASP C 336 0.40 -4.94 7.77
C ASP C 336 -0.70 -3.88 7.83
N GLY C 337 -0.93 -3.33 9.02
CA GLY C 337 -2.08 -2.47 9.23
C GLY C 337 -3.35 -3.26 8.93
N PRO C 338 -4.22 -2.70 8.08
CA PRO C 338 -5.44 -3.46 7.70
C PRO C 338 -5.17 -4.55 6.67
N ARG C 339 -3.95 -4.64 6.16
CA ARG C 339 -3.62 -5.61 5.11
C ARG C 339 -3.06 -6.89 5.75
N MSE C 340 -3.32 -8.03 5.12
CA MSE C 340 -2.61 -9.27 5.46
C MSE C 340 -1.85 -9.73 4.23
O MSE C 340 -2.41 -9.73 3.13
CB MSE C 340 -3.55 -10.39 5.92
CG MSE C 340 -4.11 -10.23 7.29
SE MSE C 340 -5.78 -9.22 7.22
CE MSE C 340 -6.64 -9.95 8.81
N ARG C 341 -0.61 -10.14 4.42
CA ARG C 341 0.22 -10.59 3.33
C ARG C 341 0.77 -11.97 3.62
N VAL C 342 1.02 -12.74 2.56
CA VAL C 342 1.65 -14.03 2.70
C VAL C 342 3.09 -13.87 3.17
N LYS C 343 3.51 -14.78 4.06
CA LYS C 343 4.93 -14.92 4.43
C LYS C 343 5.74 -15.54 3.31
N ASP C 344 7.05 -15.27 3.29
CA ASP C 344 7.94 -15.95 2.35
C ASP C 344 8.16 -17.37 2.84
N GLN C 345 7.94 -17.54 4.14
CA GLN C 345 8.22 -18.71 4.97
C GLN C 345 9.59 -19.34 4.75
N SER D 2 7.89 -23.66 -8.46
CA SER D 2 8.74 -22.86 -9.40
C SER D 2 7.99 -22.50 -10.69
N ARG D 3 8.56 -21.59 -11.47
CA ARG D 3 7.83 -20.97 -12.58
C ARG D 3 7.88 -21.77 -13.85
N ILE D 4 6.79 -21.75 -14.60
CA ILE D 4 6.75 -22.36 -15.92
C ILE D 4 7.72 -21.66 -16.88
N VAL D 5 8.59 -22.43 -17.53
CA VAL D 5 9.50 -21.85 -18.53
C VAL D 5 9.15 -22.25 -19.97
N ASN D 6 8.42 -23.36 -20.14
CA ASN D 6 7.97 -23.76 -21.46
C ASN D 6 6.70 -24.58 -21.41
N VAL D 7 5.93 -24.54 -22.50
CA VAL D 7 4.76 -25.39 -22.67
C VAL D 7 4.84 -25.91 -24.09
N LYS D 8 4.73 -27.23 -24.25
CA LYS D 8 4.75 -27.84 -25.58
C LYS D 8 3.48 -28.66 -25.84
N LEU D 9 2.91 -28.49 -27.02
CA LEU D 9 1.82 -29.32 -27.51
C LEU D 9 2.35 -30.23 -28.61
N SER D 10 1.95 -31.49 -28.58
CA SER D 10 2.32 -32.41 -29.66
CA SER D 10 2.35 -32.46 -29.60
C SER D 10 1.18 -33.37 -29.99
N LEU D 11 1.02 -33.61 -31.28
CA LEU D 11 0.03 -34.57 -31.76
C LEU D 11 0.48 -35.99 -31.46
N LYS D 12 -0.39 -36.77 -30.83
CA LYS D 12 -0.15 -38.20 -30.62
C LYS D 12 -1.35 -38.98 -31.14
N ARG D 13 -1.09 -39.97 -32.00
CA ARG D 13 -2.16 -40.79 -32.57
C ARG D 13 -2.15 -42.19 -31.96
N TYR D 14 -3.34 -42.71 -31.71
CA TYR D 14 -3.53 -44.02 -31.11
C TYR D 14 -4.61 -44.78 -31.88
N GLU D 15 -4.26 -45.94 -32.44
CA GLU D 15 -5.23 -46.73 -33.20
C GLU D 15 -6.06 -47.62 -32.30
N TYR D 16 -7.34 -47.76 -32.64
CA TYR D 16 -8.22 -48.66 -31.89
C TYR D 16 -8.08 -50.08 -32.41
N GLU D 17 -8.33 -51.04 -31.52
CA GLU D 17 -8.36 -52.46 -31.89
C GLU D 17 -9.51 -52.76 -32.86
N LYS D 18 -10.61 -52.03 -32.72
CA LYS D 18 -11.74 -52.10 -33.66
C LYS D 18 -12.51 -50.78 -33.66
N PRO D 19 -13.31 -50.51 -34.72
CA PRO D 19 -14.10 -49.26 -34.72
C PRO D 19 -15.04 -49.13 -33.53
N PHE D 20 -15.11 -47.93 -32.97
CA PHE D 20 -16.00 -47.64 -31.83
C PHE D 20 -17.21 -46.87 -32.34
N HIS D 21 -18.37 -47.51 -32.26
CA HIS D 21 -19.62 -46.97 -32.78
C HIS D 21 -20.55 -46.58 -31.63
N ILE D 22 -20.92 -45.30 -31.61
CA ILE D 22 -21.89 -44.73 -30.66
C ILE D 22 -22.90 -43.92 -31.49
N THR D 23 -23.98 -43.49 -30.86
CA THR D 23 -24.98 -42.72 -31.57
C THR D 23 -24.33 -41.53 -32.28
N GLY D 24 -24.45 -41.52 -33.60
CA GLY D 24 -23.99 -40.40 -34.42
C GLY D 24 -22.52 -40.35 -34.78
N SER D 25 -21.74 -41.32 -34.29
CA SER D 25 -20.28 -41.30 -34.51
C SER D 25 -19.65 -42.71 -34.56
N VAL D 26 -18.80 -42.93 -35.56
CA VAL D 26 -17.97 -44.13 -35.61
C VAL D 26 -16.51 -43.67 -35.73
N SER D 27 -15.65 -44.16 -34.84
CA SER D 27 -14.24 -43.78 -34.84
C SER D 27 -13.31 -44.99 -34.75
N SER D 28 -12.15 -44.90 -35.38
CA SER D 28 -11.17 -46.00 -35.37
C SER D 28 -9.82 -45.59 -34.79
N GLU D 29 -9.72 -44.33 -34.36
CA GLU D 29 -8.45 -43.75 -33.95
C GLU D 29 -8.70 -42.58 -33.02
N SER D 30 -7.77 -42.41 -32.08
CA SER D 30 -7.74 -41.23 -31.24
CA SER D 30 -7.73 -41.22 -31.22
C SER D 30 -6.58 -40.34 -31.65
N ARG D 31 -6.88 -39.08 -31.97
CA ARG D 31 -5.81 -38.13 -32.27
C ARG D 31 -5.84 -37.11 -31.14
N ASN D 32 -4.87 -37.22 -30.26
CA ASN D 32 -4.83 -36.43 -29.03
C ASN D 32 -3.69 -35.45 -29.05
N VAL D 33 -3.76 -34.47 -28.15
CA VAL D 33 -2.68 -33.50 -28.01
C VAL D 33 -2.07 -33.64 -26.64
N GLU D 34 -0.79 -34.02 -26.58
CA GLU D 34 -0.09 -34.15 -25.32
C GLU D 34 0.49 -32.78 -24.98
N VAL D 35 0.33 -32.39 -23.71
CA VAL D 35 0.88 -31.15 -23.18
C VAL D 35 2.01 -31.45 -22.20
N GLU D 36 3.14 -30.79 -22.42
CA GLU D 36 4.27 -30.85 -21.51
C GLU D 36 4.52 -29.47 -20.94
N ILE D 37 4.49 -29.35 -19.61
CA ILE D 37 4.86 -28.11 -18.95
C ILE D 37 6.24 -28.32 -18.32
N VAL D 38 7.17 -27.41 -18.62
CA VAL D 38 8.52 -27.50 -18.06
C VAL D 38 8.75 -26.34 -17.09
N LEU D 39 9.25 -26.63 -15.90
CA LEU D 39 9.51 -25.60 -14.88
C LEU D 39 11.00 -25.26 -14.84
N GLU D 40 11.30 -24.11 -14.23
CA GLU D 40 12.69 -23.66 -14.07
C GLU D 40 13.51 -24.63 -13.20
N SER D 41 12.85 -25.40 -12.36
CA SER D 41 13.49 -26.43 -11.55
C SER D 41 13.91 -27.64 -12.38
N GLY D 42 13.40 -27.73 -13.61
CA GLY D 42 13.61 -28.91 -14.45
C GLY D 42 12.47 -29.91 -14.40
N VAL D 43 11.57 -29.74 -13.44
CA VAL D 43 10.42 -30.62 -13.32
C VAL D 43 9.54 -30.48 -14.57
N LYS D 44 9.04 -31.62 -15.06
CA LYS D 44 8.13 -31.66 -16.20
C LYS D 44 6.81 -32.31 -15.79
N GLY D 45 5.70 -31.66 -16.13
CA GLY D 45 4.38 -32.21 -15.86
C GLY D 45 3.68 -32.42 -17.17
N TYR D 46 2.79 -33.42 -17.21
CA TYR D 46 2.16 -33.85 -18.46
C TYR D 46 0.65 -33.98 -18.36
N GLY D 47 -0.01 -33.61 -19.43
CA GLY D 47 -1.45 -33.82 -19.57
C GLY D 47 -1.75 -34.24 -20.99
N GLU D 48 -3.00 -34.58 -21.26
CA GLU D 48 -3.41 -34.95 -22.62
C GLU D 48 -4.80 -34.41 -22.88
N ALA D 49 -4.96 -33.77 -24.04
CA ALA D 49 -6.25 -33.33 -24.51
C ALA D 49 -6.73 -34.33 -25.54
N SER D 50 -7.87 -34.95 -25.26
CA SER D 50 -8.54 -35.80 -26.23
C SER D 50 -9.81 -35.05 -26.64
N PRO D 51 -9.73 -34.32 -27.75
CA PRO D 51 -10.83 -33.40 -28.11
C PRO D 51 -12.06 -34.13 -28.61
N SER D 52 -13.21 -33.45 -28.52
CA SER D 52 -14.44 -34.00 -29.06
C SER D 52 -15.16 -32.99 -29.96
N PHE D 53 -15.26 -33.31 -31.25
CA PHE D 53 -16.05 -32.47 -32.15
C PHE D 53 -17.53 -32.51 -31.81
N ARG D 54 -18.02 -33.72 -31.52
CA ARG D 54 -19.45 -33.92 -31.27
C ARG D 54 -19.91 -33.21 -29.99
N VAL D 55 -19.10 -33.28 -28.92
CA VAL D 55 -19.52 -32.76 -27.62
C VAL D 55 -19.06 -31.32 -27.39
N ASN D 56 -17.79 -31.07 -27.74
CA ASN D 56 -17.14 -29.80 -27.41
C ASN D 56 -16.97 -28.88 -28.60
N GLY D 57 -17.23 -29.41 -29.79
CA GLY D 57 -17.05 -28.64 -31.04
C GLY D 57 -15.60 -28.52 -31.48
N GLU D 58 -14.71 -29.26 -30.81
CA GLU D 58 -13.25 -29.17 -31.03
C GLU D 58 -12.74 -29.94 -32.23
N ARG D 59 -11.64 -29.46 -32.81
CA ARG D 59 -10.87 -30.24 -33.79
C ARG D 59 -9.41 -30.23 -33.38
N VAL D 60 -8.75 -31.39 -33.49
CA VAL D 60 -7.37 -31.54 -33.05
C VAL D 60 -6.42 -30.52 -33.70
N GLU D 61 -6.62 -30.24 -35.00
CA GLU D 61 -5.81 -29.24 -35.73
C GLU D 61 -5.91 -27.89 -35.07
N ALA D 62 -7.10 -27.56 -34.59
CA ALA D 62 -7.35 -26.27 -33.94
C ALA D 62 -6.61 -26.17 -32.60
N LEU D 63 -6.64 -27.26 -31.82
CA LEU D 63 -5.89 -27.31 -30.57
C LEU D 63 -4.40 -27.07 -30.82
N LEU D 64 -3.86 -27.78 -31.81
CA LEU D 64 -2.42 -27.64 -32.09
C LEU D 64 -2.05 -26.23 -32.51
N ALA D 65 -2.97 -25.58 -33.24
CA ALA D 65 -2.72 -24.23 -33.78
C ALA D 65 -2.52 -23.15 -32.72
N ILE D 66 -3.02 -23.39 -31.51
CA ILE D 66 -2.97 -22.38 -30.45
C ILE D 66 -1.85 -22.60 -29.44
N GLU D 67 -0.86 -23.41 -29.80
CA GLU D 67 0.25 -23.66 -28.92
C GLU D 67 0.89 -22.39 -28.39
N ASN D 68 1.21 -21.45 -29.28
CA ASN D 68 1.93 -20.25 -28.85
C ASN D 68 1.10 -19.40 -27.88
N ALA D 69 -0.19 -19.28 -28.17
CA ALA D 69 -1.10 -18.58 -27.24
C ALA D 69 -1.11 -19.19 -25.85
N VAL D 70 -1.25 -20.52 -25.78
CA VAL D 70 -1.27 -21.21 -24.48
C VAL D 70 0.02 -20.94 -23.73
N ARG D 71 1.15 -21.08 -24.43
CA ARG D 71 2.47 -20.82 -23.85
C ARG D 71 2.53 -19.40 -23.27
N GLU D 72 2.11 -18.41 -24.05
CA GLU D 72 2.16 -17.02 -23.60
C GLU D 72 1.26 -16.74 -22.40
N MSE D 73 0.13 -17.46 -22.35
CA MSE D 73 -0.87 -17.23 -21.29
C MSE D 73 -0.36 -17.61 -19.90
O MSE D 73 -0.75 -16.98 -18.92
CB MSE D 73 -2.18 -17.96 -21.60
CG MSE D 73 -2.97 -17.37 -22.75
SE MSE D 73 -4.38 -18.58 -23.39
CE MSE D 73 -5.74 -18.25 -22.02
N ILE D 74 0.50 -18.62 -19.80
CA ILE D 74 0.92 -19.12 -18.49
C ILE D 74 2.42 -19.15 -18.20
N THR D 75 3.26 -18.90 -19.22
CA THR D 75 4.70 -18.90 -18.99
C THR D 75 5.06 -17.84 -17.94
N GLY D 76 5.92 -18.22 -16.99
CA GLY D 76 6.35 -17.32 -15.93
C GLY D 76 5.56 -17.42 -14.64
N ILE D 77 4.44 -18.14 -14.67
CA ILE D 77 3.67 -18.32 -13.45
C ILE D 77 4.21 -19.51 -12.67
N ASP D 78 4.31 -19.34 -11.36
CA ASP D 78 4.72 -20.41 -10.45
C ASP D 78 3.56 -21.38 -10.27
N VAL D 79 3.83 -22.67 -10.39
CA VAL D 79 2.76 -23.66 -10.26
C VAL D 79 2.17 -23.71 -8.85
N ARG D 80 2.87 -23.14 -7.87
CA ARG D 80 2.29 -23.06 -6.52
C ARG D 80 1.07 -22.14 -6.51
N ASN D 81 1.04 -21.19 -7.44
CA ASN D 81 -0.14 -20.33 -7.61
C ASN D 81 -1.08 -20.94 -8.64
N TYR D 82 -1.41 -22.21 -8.45
CA TYR D 82 -2.12 -22.95 -9.47
C TYR D 82 -3.50 -22.37 -9.75
N ALA D 83 -4.13 -21.73 -8.75
CA ALA D 83 -5.43 -21.10 -9.01
C ALA D 83 -5.35 -19.99 -10.06
N ARG D 84 -4.19 -19.32 -10.13
CA ARG D 84 -4.01 -18.29 -11.16
C ARG D 84 -4.01 -18.94 -12.54
N ILE D 85 -3.31 -20.06 -12.63
CA ILE D 85 -3.25 -20.81 -13.87
C ILE D 85 -4.64 -21.35 -14.22
N PHE D 86 -5.39 -21.81 -13.21
CA PHE D 86 -6.73 -22.34 -13.48
C PHE D 86 -7.66 -21.22 -14.01
N GLU D 87 -7.61 -20.05 -13.38
CA GLU D 87 -8.43 -18.92 -13.83
C GLU D 87 -8.08 -18.48 -15.26
N ILE D 88 -6.79 -18.40 -15.57
CA ILE D 88 -6.35 -18.03 -16.92
C ILE D 88 -6.82 -19.07 -17.95
N THR D 89 -6.63 -20.35 -17.63
CA THR D 89 -7.00 -21.40 -18.57
C THR D 89 -8.52 -21.62 -18.66
N ASP D 90 -9.28 -21.09 -17.71
CA ASP D 90 -10.74 -21.08 -17.83
C ASP D 90 -11.18 -20.26 -19.05
N ARG D 91 -10.30 -19.39 -19.54
CA ARG D 91 -10.56 -18.66 -20.80
C ARG D 91 -10.52 -19.56 -22.04
N LEU D 92 -9.98 -20.77 -21.89
CA LEU D 92 -9.92 -21.74 -22.99
C LEU D 92 -11.21 -22.55 -23.08
N PHE D 93 -12.36 -21.91 -22.84
CA PHE D 93 -13.62 -22.62 -22.86
C PHE D 93 -14.00 -23.18 -24.23
N GLY D 94 -13.36 -22.65 -25.28
CA GLY D 94 -13.58 -23.15 -26.64
C GLY D 94 -12.68 -24.34 -26.94
N PHE D 95 -11.73 -24.60 -26.03
CA PHE D 95 -10.79 -25.71 -26.15
C PHE D 95 -10.73 -26.47 -24.82
N PRO D 96 -11.89 -26.97 -24.34
CA PRO D 96 -11.92 -27.52 -22.98
C PRO D 96 -10.99 -28.71 -22.74
N SER D 97 -10.73 -29.52 -23.76
CA SER D 97 -9.81 -30.64 -23.54
C SER D 97 -8.38 -30.14 -23.29
N LEU D 98 -8.02 -29.04 -23.94
CA LEU D 98 -6.71 -28.41 -23.68
C LEU D 98 -6.67 -27.72 -22.32
N LYS D 99 -7.76 -27.06 -21.97
CA LYS D 99 -7.94 -26.54 -20.62
C LYS D 99 -7.62 -27.66 -19.61
N ALA D 100 -8.24 -28.83 -19.78
CA ALA D 100 -8.03 -29.95 -18.87
C ALA D 100 -6.58 -30.41 -18.83
N ALA D 101 -5.99 -30.56 -20.01
CA ALA D 101 -4.60 -31.02 -20.13
C ALA D 101 -3.63 -30.08 -19.44
N VAL D 102 -3.79 -28.78 -19.68
CA VAL D 102 -2.92 -27.78 -19.08
C VAL D 102 -3.08 -27.69 -17.56
N GLN D 103 -4.34 -27.73 -17.10
CA GLN D 103 -4.59 -27.72 -15.67
C GLN D 103 -4.01 -28.95 -14.99
N PHE D 104 -4.17 -30.11 -15.60
CA PHE D 104 -3.61 -31.31 -14.97
C PHE D 104 -2.08 -31.31 -15.01
N ALA D 105 -1.51 -30.93 -16.15
CA ALA D 105 -0.04 -30.84 -16.25
C ALA D 105 0.53 -29.94 -15.15
N THR D 106 -0.19 -28.86 -14.83
CA THR D 106 0.19 -27.97 -13.74
C THR D 106 0.24 -28.68 -12.38
N LEU D 107 -0.80 -29.45 -12.06
CA LEU D 107 -0.83 -30.21 -10.84
C LEU D 107 0.19 -31.36 -10.84
N ASP D 108 0.44 -31.95 -12.01
CA ASP D 108 1.46 -33.00 -12.14
C ASP D 108 2.82 -32.43 -11.79
N ALA D 109 3.12 -31.24 -12.31
CA ALA D 109 4.40 -30.57 -11.98
C ALA D 109 4.49 -30.14 -10.51
N LEU D 110 3.43 -29.51 -10.02
CA LEU D 110 3.38 -29.04 -8.63
C LEU D 110 3.56 -30.20 -7.67
N SER D 111 2.80 -31.28 -7.86
CA SER D 111 2.89 -32.44 -6.97
C SER D 111 4.32 -32.99 -6.89
N GLN D 112 5.02 -33.02 -8.03
CA GLN D 112 6.42 -33.49 -8.01
C GLN D 112 7.28 -32.56 -7.15
N GLU D 113 7.08 -31.24 -7.32
CA GLU D 113 7.84 -30.27 -6.51
C GLU D 113 7.54 -30.38 -5.02
N LEU D 114 6.35 -30.85 -4.68
CA LEU D 114 5.94 -31.05 -3.28
C LEU D 114 6.24 -32.45 -2.75
N GLY D 115 6.78 -33.31 -3.61
CA GLY D 115 7.13 -34.67 -3.23
C GLY D 115 5.94 -35.59 -3.02
N THR D 116 4.84 -35.30 -3.72
CA THR D 116 3.62 -36.10 -3.56
C THR D 116 3.01 -36.41 -4.94
N GLN D 117 1.75 -36.84 -4.93
CA GLN D 117 1.02 -37.19 -6.15
C GLN D 117 -0.24 -36.36 -6.27
N VAL D 118 -0.74 -36.23 -7.49
CA VAL D 118 -1.92 -35.40 -7.74
C VAL D 118 -3.11 -35.85 -6.90
N CYS D 119 -3.35 -37.16 -6.82
CA CYS D 119 -4.46 -37.67 -6.03
C CYS D 119 -4.42 -37.15 -4.58
N TYR D 120 -3.22 -37.05 -4.03
CA TYR D 120 -3.06 -36.53 -2.67
C TYR D 120 -3.31 -35.03 -2.56
N LEU D 121 -2.86 -34.25 -3.54
CA LEU D 121 -3.18 -32.81 -3.57
C LEU D 121 -4.69 -32.61 -3.53
N LEU D 122 -5.41 -33.57 -4.13
CA LEU D 122 -6.87 -33.48 -4.26
C LEU D 122 -7.66 -34.11 -3.10
N GLY D 123 -6.95 -34.65 -2.11
CA GLY D 123 -7.59 -35.15 -0.89
C GLY D 123 -7.21 -36.57 -0.49
N GLY D 124 -6.71 -37.34 -1.44
CA GLY D 124 -6.30 -38.73 -1.14
C GLY D 124 -7.41 -39.58 -0.57
N LYS D 125 -8.65 -39.38 -1.03
CA LYS D 125 -9.79 -40.07 -0.42
C LYS D 125 -9.76 -41.60 -0.56
N ARG D 126 -9.39 -42.08 -1.75
CA ARG D 126 -9.43 -43.53 -2.06
C ARG D 126 -8.09 -44.01 -2.54
N ASP D 127 -7.82 -45.30 -2.30
CA ASP D 127 -6.61 -45.94 -2.78
C ASP D 127 -6.81 -46.77 -4.06
N GLU D 128 -8.07 -47.11 -4.33
CA GLU D 128 -8.41 -47.94 -5.50
C GLU D 128 -9.76 -47.54 -6.07
N ILE D 129 -9.88 -47.63 -7.39
CA ILE D 129 -11.15 -47.46 -8.09
C ILE D 129 -11.32 -48.60 -9.09
N GLU D 130 -12.53 -48.77 -9.60
CA GLU D 130 -12.81 -49.82 -10.54
C GLU D 130 -13.59 -49.21 -11.71
N THR D 131 -13.18 -49.56 -12.94
CA THR D 131 -13.84 -49.08 -14.15
C THR D 131 -14.78 -50.13 -14.75
N ASP D 132 -15.79 -49.63 -15.46
CA ASP D 132 -16.59 -50.48 -16.34
C ASP D 132 -15.80 -50.64 -17.64
N LYS D 133 -16.39 -51.37 -18.58
CA LYS D 133 -15.94 -51.36 -19.95
C LYS D 133 -17.17 -51.27 -20.85
N THR D 134 -16.97 -50.66 -22.02
CA THR D 134 -18.10 -50.32 -22.89
C THR D 134 -18.32 -51.26 -24.06
N VAL D 135 -19.59 -51.57 -24.28
CA VAL D 135 -20.10 -52.28 -25.46
C VAL D 135 -20.58 -51.27 -26.48
N GLY D 136 -19.89 -51.18 -27.61
CA GLY D 136 -20.35 -50.29 -28.68
C GLY D 136 -21.56 -50.79 -29.47
N ILE D 137 -22.08 -49.94 -30.33
CA ILE D 137 -23.20 -50.33 -31.19
C ILE D 137 -22.70 -51.25 -32.34
N ASP D 138 -23.49 -52.26 -32.64
CA ASP D 138 -23.21 -53.25 -33.68
C ASP D 138 -24.53 -54.00 -33.90
N THR D 139 -24.50 -55.14 -34.58
CA THR D 139 -25.66 -56.00 -34.65
C THR D 139 -25.97 -56.49 -33.24
N VAL D 140 -27.23 -56.87 -32.99
CA VAL D 140 -27.63 -57.38 -31.68
C VAL D 140 -26.70 -58.52 -31.23
N GLU D 141 -26.52 -59.50 -32.11
CA GLU D 141 -25.63 -60.63 -31.83
C GLU D 141 -24.22 -60.19 -31.40
N ASN D 142 -23.66 -59.19 -32.09
CA ASN D 142 -22.30 -58.74 -31.77
C ASN D 142 -22.22 -57.94 -30.47
N ARG D 143 -23.27 -57.19 -30.16
CA ARG D 143 -23.35 -56.47 -28.89
C ARG D 143 -23.38 -57.46 -27.74
N VAL D 144 -24.20 -58.50 -27.88
CA VAL D 144 -24.28 -59.53 -26.86
C VAL D 144 -22.93 -60.21 -26.67
N LYS D 145 -22.29 -60.58 -27.78
CA LYS D 145 -21.00 -61.25 -27.75
C LYS D 145 -19.97 -60.39 -27.00
N GLU D 146 -19.92 -59.11 -27.33
CA GLU D 146 -18.98 -58.19 -26.67
C GLU D 146 -19.28 -58.00 -25.17
N ALA D 147 -20.57 -57.92 -24.82
CA ALA D 147 -20.98 -57.82 -23.40
C ALA D 147 -20.53 -59.04 -22.60
N LYS D 148 -20.75 -60.22 -23.18
CA LYS D 148 -20.31 -61.47 -22.54
C LYS D 148 -18.80 -61.50 -22.37
N LYS D 149 -18.06 -61.05 -23.38
CA LYS D 149 -16.60 -60.99 -23.31
C LYS D 149 -16.16 -60.11 -22.14
N ILE D 150 -16.73 -58.91 -22.05
CA ILE D 150 -16.41 -57.98 -20.96
C ILE D 150 -16.70 -58.61 -19.60
N PHE D 151 -17.83 -59.31 -19.49
CA PHE D 151 -18.19 -59.97 -18.24
C PHE D 151 -17.20 -61.07 -17.88
N GLU D 152 -16.78 -61.82 -18.89
CA GLU D 152 -15.79 -62.89 -18.72
C GLU D 152 -14.43 -62.36 -18.32
N GLU D 153 -14.15 -61.11 -18.69
CA GLU D 153 -12.90 -60.44 -18.33
C GLU D 153 -12.85 -59.98 -16.86
N GLY D 154 -13.98 -60.09 -16.17
CA GLY D 154 -14.05 -59.75 -14.75
C GLY D 154 -14.64 -58.38 -14.46
N PHE D 155 -15.06 -57.66 -15.50
CA PHE D 155 -15.70 -56.36 -15.27
C PHE D 155 -17.05 -56.59 -14.61
N ARG D 156 -17.31 -55.84 -13.54
CA ARG D 156 -18.53 -56.00 -12.75
C ARG D 156 -19.61 -54.99 -13.14
N VAL D 157 -19.21 -53.97 -13.90
CA VAL D 157 -20.13 -52.99 -14.47
C VAL D 157 -19.88 -53.00 -15.97
N ILE D 158 -20.97 -53.15 -16.74
CA ILE D 158 -20.90 -53.19 -18.19
C ILE D 158 -21.65 -51.96 -18.71
N LYS D 159 -20.97 -51.13 -19.49
CA LYS D 159 -21.61 -49.95 -20.07
CA LYS D 159 -21.61 -49.95 -20.07
C LYS D 159 -22.06 -50.33 -21.49
N ILE D 160 -23.34 -50.10 -21.78
CA ILE D 160 -23.92 -50.51 -23.05
C ILE D 160 -24.36 -49.28 -23.82
N LYS D 161 -23.79 -49.07 -25.00
CA LYS D 161 -24.21 -47.99 -25.86
C LYS D 161 -25.50 -48.36 -26.56
N VAL D 162 -26.43 -47.40 -26.58
CA VAL D 162 -27.69 -47.52 -27.31
C VAL D 162 -27.98 -46.19 -28.03
N GLY D 163 -29.11 -46.13 -28.75
CA GLY D 163 -29.63 -44.86 -29.19
C GLY D 163 -29.98 -44.70 -30.65
N GLU D 164 -29.59 -45.67 -31.48
CA GLU D 164 -29.83 -45.56 -32.92
C GLU D 164 -31.04 -46.36 -33.39
N ASN D 165 -31.43 -47.37 -32.61
CA ASN D 165 -32.51 -48.28 -32.98
C ASN D 165 -33.18 -48.81 -31.72
N LEU D 166 -34.25 -48.15 -31.29
CA LEU D 166 -34.91 -48.47 -30.02
C LEU D 166 -35.26 -49.95 -29.85
N LYS D 167 -35.87 -50.54 -30.88
CA LYS D 167 -36.27 -51.94 -30.82
C LYS D 167 -35.07 -52.87 -30.61
N GLU D 168 -33.99 -52.64 -31.35
CA GLU D 168 -32.80 -53.47 -31.24
C GLU D 168 -32.05 -53.19 -29.94
N ASP D 169 -32.13 -51.95 -29.46
CA ASP D 169 -31.54 -51.58 -28.17
C ASP D 169 -32.17 -52.35 -27.01
N ILE D 170 -33.50 -52.38 -26.99
CA ILE D 170 -34.24 -53.13 -25.98
C ILE D 170 -33.87 -54.61 -26.06
N GLU D 171 -33.88 -55.16 -27.28
CA GLU D 171 -33.50 -56.57 -27.47
C GLU D 171 -32.07 -56.86 -27.01
N ALA D 172 -31.14 -55.99 -27.36
CA ALA D 172 -29.74 -56.21 -26.99
C ALA D 172 -29.56 -56.20 -25.47
N VAL D 173 -30.16 -55.23 -24.81
CA VAL D 173 -29.98 -55.12 -23.36
C VAL D 173 -30.61 -56.33 -22.66
N GLU D 174 -31.74 -56.80 -23.18
CA GLU D 174 -32.42 -57.94 -22.57
C GLU D 174 -31.62 -59.23 -22.75
N GLU D 175 -31.04 -59.41 -23.92
CA GLU D 175 -30.19 -60.58 -24.19
C GLU D 175 -28.90 -60.51 -23.35
N ILE D 176 -28.31 -59.33 -23.28
CA ILE D 176 -27.10 -59.11 -22.46
C ILE D 176 -27.38 -59.50 -21.02
N ALA D 177 -28.49 -59.03 -20.48
CA ALA D 177 -28.82 -59.28 -19.07
C ALA D 177 -28.87 -60.78 -18.78
N LYS D 178 -29.43 -61.55 -19.71
CA LYS D 178 -29.56 -63.00 -19.53
C LYS D 178 -28.24 -63.76 -19.42
N VAL D 179 -27.20 -63.26 -20.08
CA VAL D 179 -25.92 -63.96 -20.15
C VAL D 179 -24.82 -63.33 -19.30
N THR D 180 -25.18 -62.32 -18.51
CA THR D 180 -24.22 -61.64 -17.64
C THR D 180 -24.78 -61.44 -16.23
N ARG D 181 -25.52 -62.44 -15.75
CA ARG D 181 -26.16 -62.37 -14.44
C ARG D 181 -25.14 -62.10 -13.35
N GLY D 182 -25.39 -61.01 -12.62
CA GLY D 182 -24.50 -60.55 -11.59
C GLY D 182 -23.88 -59.20 -11.92
N ALA D 183 -23.84 -58.87 -13.22
CA ALA D 183 -23.29 -57.59 -13.67
C ALA D 183 -24.24 -56.44 -13.32
N LYS D 184 -23.67 -55.25 -13.10
CA LYS D 184 -24.45 -54.00 -13.09
C LYS D 184 -24.33 -53.40 -14.46
N TYR D 185 -25.34 -52.62 -14.86
CA TYR D 185 -25.44 -52.05 -16.23
C TYR D 185 -25.55 -50.55 -16.24
N ILE D 186 -24.74 -49.91 -17.07
CA ILE D 186 -24.93 -48.49 -17.40
C ILE D 186 -25.34 -48.46 -18.87
N VAL D 187 -26.39 -47.71 -19.18
CA VAL D 187 -26.86 -47.61 -20.56
C VAL D 187 -26.63 -46.17 -20.97
N ASP D 188 -25.97 -45.97 -22.11
CA ASP D 188 -25.67 -44.62 -22.58
C ASP D 188 -26.25 -44.43 -23.97
N ALA D 189 -27.24 -43.54 -24.07
CA ALA D 189 -27.96 -43.34 -25.31
C ALA D 189 -27.38 -42.24 -26.20
N ASN D 190 -26.39 -41.51 -25.71
CA ASN D 190 -25.68 -40.49 -26.49
C ASN D 190 -26.65 -39.63 -27.31
N MSE D 191 -27.69 -39.17 -26.63
CA MSE D 191 -28.68 -38.20 -27.17
C MSE D 191 -29.59 -38.74 -28.26
O MSE D 191 -30.22 -37.96 -28.97
CB MSE D 191 -27.97 -36.94 -27.67
CG MSE D 191 -26.92 -36.44 -26.71
SE MSE D 191 -26.15 -34.83 -27.37
CE MSE D 191 -25.04 -35.54 -28.83
N GLY D 192 -29.67 -40.06 -28.41
CA GLY D 192 -30.34 -40.65 -29.55
C GLY D 192 -31.85 -40.73 -29.52
N TYR D 193 -32.44 -40.61 -28.33
CA TYR D 193 -33.87 -40.84 -28.16
C TYR D 193 -34.68 -39.56 -27.95
N THR D 194 -35.95 -39.59 -28.31
CA THR D 194 -36.87 -38.58 -27.80
C THR D 194 -37.17 -38.89 -26.34
N GLN D 195 -37.80 -37.93 -25.64
CA GLN D 195 -38.18 -38.12 -24.23
C GLN D 195 -39.01 -39.41 -24.06
N LYS D 196 -40.00 -39.57 -24.94
CA LYS D 196 -40.93 -40.70 -24.86
C LYS D 196 -40.27 -42.03 -25.25
N GLU D 197 -39.43 -42.02 -26.29
CA GLU D 197 -38.64 -43.20 -26.63
C GLU D 197 -37.76 -43.62 -25.45
N ALA D 198 -37.16 -42.63 -24.79
CA ALA D 198 -36.26 -42.92 -23.67
C ALA D 198 -36.98 -43.55 -22.49
N VAL D 199 -38.19 -43.06 -22.21
CA VAL D 199 -39.03 -43.62 -21.15
C VAL D 199 -39.38 -45.06 -21.51
N GLU D 200 -39.73 -45.30 -22.76
CA GLU D 200 -40.14 -46.64 -23.17
C GLU D 200 -39.02 -47.66 -23.22
N PHE D 201 -37.82 -47.23 -23.58
CA PHE D 201 -36.67 -48.11 -23.42
C PHE D 201 -36.57 -48.57 -21.96
N ALA D 202 -36.62 -47.62 -21.03
CA ALA D 202 -36.45 -47.94 -19.63
C ALA D 202 -37.56 -48.88 -19.12
N ARG D 203 -38.79 -48.59 -19.49
CA ARG D 203 -39.94 -49.40 -19.04
C ARG D 203 -39.87 -50.82 -19.57
N ALA D 204 -39.47 -50.94 -20.84
CA ALA D 204 -39.34 -52.27 -21.45
C ALA D 204 -38.36 -53.15 -20.71
N VAL D 205 -37.17 -52.65 -20.43
CA VAL D 205 -36.17 -53.46 -19.73
C VAL D 205 -36.55 -53.67 -18.26
N TYR D 206 -37.16 -52.65 -17.62
CA TYR D 206 -37.66 -52.79 -16.25
C TYR D 206 -38.64 -53.96 -16.19
N GLN D 207 -39.52 -54.04 -17.18
CA GLN D 207 -40.53 -55.10 -17.20
C GLN D 207 -39.96 -56.52 -17.26
N LYS D 208 -38.73 -56.65 -17.74
CA LYS D 208 -38.03 -57.92 -17.75
C LYS D 208 -37.24 -58.16 -16.47
N GLY D 209 -37.43 -57.30 -15.48
CA GLY D 209 -36.74 -57.41 -14.19
C GLY D 209 -35.28 -57.01 -14.24
N ILE D 210 -34.91 -56.19 -15.23
CA ILE D 210 -33.55 -55.70 -15.37
C ILE D 210 -33.40 -54.32 -14.71
N ASP D 211 -32.34 -54.17 -13.92
CA ASP D 211 -32.02 -52.91 -13.27
C ASP D 211 -30.89 -52.23 -14.03
N ILE D 212 -31.10 -50.95 -14.36
CA ILE D 212 -30.07 -50.13 -15.01
C ILE D 212 -29.53 -49.16 -13.96
N ALA D 213 -28.24 -49.29 -13.66
CA ALA D 213 -27.63 -48.50 -12.59
C ALA D 213 -27.62 -47.01 -12.89
N VAL D 214 -27.30 -46.69 -14.13
CA VAL D 214 -27.29 -45.30 -14.59
C VAL D 214 -27.70 -45.29 -16.06
N TYR D 215 -28.60 -44.38 -16.38
CA TYR D 215 -29.16 -44.25 -17.72
C TYR D 215 -28.70 -42.90 -18.23
N GLU D 216 -27.69 -42.90 -19.10
CA GLU D 216 -27.01 -41.65 -19.49
C GLU D 216 -27.62 -40.95 -20.69
N GLN D 217 -27.78 -39.62 -20.52
CA GLN D 217 -28.11 -38.68 -21.60
C GLN D 217 -28.96 -39.28 -22.71
N PRO D 218 -30.20 -39.66 -22.39
CA PRO D 218 -31.07 -40.20 -23.43
C PRO D 218 -31.47 -39.20 -24.51
N VAL D 219 -31.47 -37.91 -24.18
CA VAL D 219 -32.01 -36.85 -25.06
C VAL D 219 -30.92 -35.83 -25.45
N ARG D 220 -31.24 -34.87 -26.34
CA ARG D 220 -30.23 -33.91 -26.82
C ARG D 220 -29.68 -32.99 -25.72
N ARG D 221 -28.50 -32.41 -25.98
CA ARG D 221 -27.75 -31.61 -25.01
C ARG D 221 -28.58 -30.45 -24.43
N GLU D 222 -29.37 -29.79 -25.28
CA GLU D 222 -30.10 -28.60 -24.88
CA GLU D 222 -30.09 -28.59 -24.84
C GLU D 222 -31.44 -28.91 -24.20
N ASP D 223 -31.87 -30.17 -24.32
CA ASP D 223 -33.18 -30.60 -23.85
C ASP D 223 -33.17 -30.94 -22.35
N ILE D 224 -32.96 -29.92 -21.52
CA ILE D 224 -32.93 -30.12 -20.07
C ILE D 224 -34.29 -30.56 -19.53
N GLU D 225 -35.35 -30.00 -20.10
CA GLU D 225 -36.70 -30.37 -19.70
C GLU D 225 -36.99 -31.82 -20.08
N GLY D 226 -36.40 -32.25 -21.21
CA GLY D 226 -36.47 -33.65 -21.64
C GLY D 226 -35.77 -34.62 -20.71
N LEU D 227 -34.57 -34.25 -20.26
CA LEU D 227 -33.86 -35.04 -19.27
C LEU D 227 -34.72 -35.22 -18.01
N LYS D 228 -35.31 -34.11 -17.55
CA LYS D 228 -36.16 -34.14 -16.36
C LYS D 228 -37.37 -35.05 -16.59
N PHE D 229 -37.98 -34.94 -17.78
CA PHE D 229 -39.11 -35.81 -18.11
C PHE D 229 -38.75 -37.27 -18.01
N VAL D 230 -37.60 -37.67 -18.54
CA VAL D 230 -37.18 -39.06 -18.44
C VAL D 230 -36.97 -39.45 -16.96
N ARG D 231 -36.31 -38.56 -16.23
CA ARG D 231 -36.02 -38.80 -14.83
C ARG D 231 -37.31 -39.07 -14.06
N PHE D 232 -38.32 -38.26 -14.34
CA PHE D 232 -39.53 -38.31 -13.55
C PHE D 232 -40.50 -39.38 -14.01
N HIS D 233 -40.24 -40.01 -15.17
CA HIS D 233 -41.22 -40.97 -15.71
C HIS D 233 -40.66 -42.33 -16.01
N SER D 234 -39.44 -42.57 -15.59
CA SER D 234 -38.89 -43.93 -15.69
C SER D 234 -38.08 -44.31 -14.46
N PRO D 235 -37.89 -45.62 -14.25
CA PRO D 235 -37.46 -46.08 -12.92
C PRO D 235 -35.99 -46.03 -12.58
N PHE D 236 -35.14 -45.68 -13.56
CA PHE D 236 -33.69 -45.73 -13.37
C PHE D 236 -33.09 -44.35 -13.22
N PRO D 237 -31.94 -44.25 -12.51
CA PRO D 237 -31.26 -42.97 -12.35
C PRO D 237 -30.85 -42.43 -13.70
N VAL D 238 -31.13 -41.16 -13.96
CA VAL D 238 -30.78 -40.52 -15.22
C VAL D 238 -29.57 -39.62 -15.03
N ALA D 239 -28.60 -39.73 -15.93
CA ALA D 239 -27.38 -38.91 -15.86
C ALA D 239 -27.34 -37.91 -16.99
N ALA D 240 -26.85 -36.71 -16.69
CA ALA D 240 -26.43 -35.78 -17.73
C ALA D 240 -24.99 -36.07 -18.09
N ASP D 241 -24.72 -36.07 -19.40
CA ASP D 241 -23.34 -36.16 -19.87
C ASP D 241 -23.13 -34.93 -20.74
N GLU D 242 -23.58 -34.98 -21.99
CA GLU D 242 -23.42 -33.82 -22.90
C GLU D 242 -24.07 -32.54 -22.34
N SER D 243 -25.16 -32.69 -21.57
CA SER D 243 -25.81 -31.53 -20.93
C SER D 243 -25.03 -30.98 -19.74
N ALA D 244 -24.00 -31.68 -19.30
CA ALA D 244 -23.21 -31.24 -18.16
C ALA D 244 -21.75 -31.05 -18.55
N ARG D 245 -21.46 -29.91 -19.17
CA ARG D 245 -20.09 -29.61 -19.57
C ARG D 245 -19.41 -28.68 -18.58
N THR D 246 -20.13 -27.69 -18.08
CA THR D 246 -19.56 -26.69 -17.19
C THR D 246 -20.23 -26.70 -15.83
N LYS D 247 -19.61 -26.03 -14.86
CA LYS D 247 -20.19 -25.91 -13.53
C LYS D 247 -21.55 -25.19 -13.54
N PHE D 248 -21.69 -24.25 -14.47
CA PHE D 248 -22.94 -23.52 -14.66
C PHE D 248 -24.03 -24.43 -15.18
N ASP D 249 -23.67 -25.31 -16.11
CA ASP D 249 -24.61 -26.34 -16.57
C ASP D 249 -25.14 -27.16 -15.41
N VAL D 250 -24.24 -27.56 -14.51
CA VAL D 250 -24.66 -28.40 -13.39
C VAL D 250 -25.55 -27.62 -12.40
N MSE D 251 -25.24 -26.35 -12.14
CA MSE D 251 -26.14 -25.53 -11.31
C MSE D 251 -27.55 -25.52 -11.90
O MSE D 251 -28.52 -25.68 -11.14
CB MSE D 251 -25.59 -24.12 -11.08
CG MSE D 251 -24.37 -24.09 -10.17
SE MSE D 251 -24.71 -24.78 -8.36
CE MSE D 251 -26.44 -23.89 -8.17
N ARG D 252 -27.65 -25.38 -13.22
CA ARG D 252 -28.94 -25.38 -13.91
C ARG D 252 -29.64 -26.70 -13.73
N LEU D 253 -28.91 -27.80 -13.96
CA LEU D 253 -29.50 -29.12 -13.79
C LEU D 253 -30.04 -29.33 -12.38
N VAL D 254 -29.31 -28.85 -11.38
CA VAL D 254 -29.73 -29.04 -10.00
C VAL D 254 -30.98 -28.24 -9.70
N LYS D 255 -30.99 -26.98 -10.16
CA LYS D 255 -32.15 -26.09 -9.95
C LYS D 255 -33.41 -26.67 -10.56
N GLU D 256 -33.28 -27.25 -11.75
CA GLU D 256 -34.41 -27.83 -12.48
C GLU D 256 -34.77 -29.24 -12.04
N GLU D 257 -33.98 -29.82 -11.14
CA GLU D 257 -34.18 -31.19 -10.63
C GLU D 257 -34.18 -32.20 -11.77
N ALA D 258 -33.30 -31.97 -12.73
CA ALA D 258 -33.39 -32.66 -14.01
C ALA D 258 -32.77 -34.04 -14.05
N VAL D 259 -31.83 -34.31 -13.13
CA VAL D 259 -31.06 -35.55 -13.18
C VAL D 259 -30.75 -36.13 -11.80
N ASP D 260 -30.48 -37.43 -11.78
CA ASP D 260 -30.04 -38.13 -10.57
C ASP D 260 -28.53 -38.16 -10.48
N TYR D 261 -27.88 -38.14 -11.65
CA TYR D 261 -26.43 -38.28 -11.77
C TYR D 261 -25.88 -37.25 -12.72
N VAL D 262 -24.61 -36.88 -12.51
CA VAL D 262 -23.82 -36.24 -13.57
C VAL D 262 -22.61 -37.09 -13.92
N ASN D 263 -22.36 -37.25 -15.22
CA ASN D 263 -21.12 -37.86 -15.69
C ASN D 263 -20.10 -36.77 -15.93
N ILE D 264 -19.16 -36.62 -15.00
CA ILE D 264 -18.11 -35.62 -15.18
C ILE D 264 -17.08 -36.16 -16.17
N LYS D 265 -16.68 -35.36 -17.14
CA LYS D 265 -15.47 -35.70 -17.89
C LYS D 265 -14.52 -34.53 -17.83
N LEU D 266 -13.27 -34.81 -17.50
CA LEU D 266 -12.26 -33.74 -17.52
C LEU D 266 -12.19 -33.09 -18.90
N MSE D 267 -12.44 -33.87 -19.97
CA MSE D 267 -12.37 -33.30 -21.31
C MSE D 267 -13.48 -32.28 -21.61
O MSE D 267 -13.33 -31.47 -22.54
CB MSE D 267 -12.34 -34.37 -22.40
CG MSE D 267 -11.16 -35.31 -22.35
SE MSE D 267 -9.44 -34.40 -22.32
CE MSE D 267 -8.87 -34.73 -20.47
N LYS D 268 -14.56 -32.33 -20.85
CA LYS D 268 -15.62 -31.31 -20.96
C LYS D 268 -15.36 -30.10 -20.06
N SER D 269 -14.84 -30.38 -18.85
CA SER D 269 -14.90 -29.42 -17.73
C SER D 269 -13.58 -28.81 -17.32
N GLY D 270 -12.48 -29.47 -17.67
CA GLY D 270 -11.20 -29.14 -17.04
C GLY D 270 -11.21 -29.54 -15.59
N ILE D 271 -10.08 -29.38 -14.92
CA ILE D 271 -9.99 -29.65 -13.48
C ILE D 271 -10.83 -28.64 -12.68
N SER D 272 -10.77 -27.37 -13.07
CA SER D 272 -11.47 -26.31 -12.33
C SER D 272 -12.97 -26.56 -12.23
N ASP D 273 -13.64 -26.70 -13.38
CA ASP D 273 -15.09 -26.95 -13.32
C ASP D 273 -15.40 -28.32 -12.73
N ALA D 274 -14.54 -29.31 -12.97
CA ALA D 274 -14.79 -30.63 -12.39
C ALA D 274 -14.82 -30.61 -10.87
N LEU D 275 -13.88 -29.89 -10.27
CA LEU D 275 -13.88 -29.75 -8.81
C LEU D 275 -15.14 -29.03 -8.33
N ALA D 276 -15.54 -27.98 -9.05
CA ALA D 276 -16.78 -27.27 -8.71
C ALA D 276 -17.98 -28.21 -8.77
N ILE D 277 -18.07 -29.00 -9.84
CA ILE D 277 -19.19 -29.93 -9.99
C ILE D 277 -19.23 -30.96 -8.85
N VAL D 278 -18.06 -31.47 -8.46
CA VAL D 278 -18.02 -32.42 -7.32
C VAL D 278 -18.62 -31.74 -6.09
N GLU D 279 -18.21 -30.51 -5.81
CA GLU D 279 -18.73 -29.77 -4.64
C GLU D 279 -20.21 -29.49 -4.74
N ILE D 280 -20.66 -29.10 -5.92
CA ILE D 280 -22.09 -28.85 -6.13
C ILE D 280 -22.88 -30.14 -5.90
N ALA D 281 -22.40 -31.23 -6.46
CA ALA D 281 -23.11 -32.51 -6.33
C ALA D 281 -23.23 -32.93 -4.88
N GLU D 282 -22.14 -32.77 -4.13
CA GLU D 282 -22.11 -33.20 -2.73
C GLU D 282 -22.93 -32.29 -1.83
N SER D 283 -23.30 -31.14 -2.36
CA SER D 283 -24.17 -30.18 -1.67
C SER D 283 -25.63 -30.27 -2.09
N SER D 284 -25.99 -31.25 -2.95
CA SER D 284 -27.27 -31.20 -3.64
C SER D 284 -27.91 -32.57 -3.86
N GLY D 285 -27.36 -33.60 -3.24
CA GLY D 285 -27.97 -34.94 -3.42
C GLY D 285 -27.81 -35.57 -4.81
N LEU D 286 -26.91 -35.01 -5.61
CA LEU D 286 -26.55 -35.60 -6.90
C LEU D 286 -25.50 -36.66 -6.67
N LYS D 287 -25.59 -37.74 -7.45
CA LYS D 287 -24.53 -38.74 -7.47
C LYS D 287 -23.70 -38.52 -8.74
N LEU D 288 -22.51 -39.11 -8.78
CA LEU D 288 -21.56 -38.84 -9.86
C LEU D 288 -20.95 -40.09 -10.47
N MSE D 289 -20.71 -40.03 -11.78
CA MSE D 289 -19.77 -40.94 -12.41
C MSE D 289 -18.70 -40.10 -13.13
O MSE D 289 -18.90 -38.89 -13.35
CB MSE D 289 -20.49 -41.95 -13.34
CG MSE D 289 -21.23 -41.30 -14.49
SE MSE D 289 -22.13 -42.62 -15.66
CE MSE D 289 -20.53 -43.35 -16.51
N ILE D 290 -17.57 -40.71 -13.45
CA ILE D 290 -16.53 -40.04 -14.24
C ILE D 290 -16.33 -40.85 -15.51
N GLY D 291 -16.19 -40.14 -16.63
CA GLY D 291 -16.02 -40.80 -17.91
C GLY D 291 -14.83 -40.27 -18.70
N CYS D 292 -14.80 -40.59 -20.00
CA CYS D 292 -13.66 -40.23 -20.82
C CYS D 292 -14.06 -40.03 -22.27
N MSE D 293 -13.13 -39.53 -23.07
CA MSE D 293 -13.32 -39.44 -24.51
C MSE D 293 -12.44 -40.51 -25.13
O MSE D 293 -12.78 -41.70 -25.08
CB MSE D 293 -12.94 -38.05 -25.02
CG MSE D 293 -13.80 -36.94 -24.46
SE MSE D 293 -15.69 -37.10 -24.93
CE MSE D 293 -16.23 -35.37 -24.10
N GLY D 294 -11.32 -40.10 -25.70
CA GLY D 294 -10.41 -41.04 -26.37
C GLY D 294 -9.02 -41.00 -25.79
N GLU D 295 -8.92 -40.74 -24.48
CA GLU D 295 -7.62 -40.62 -23.82
C GLU D 295 -6.81 -41.89 -23.90
N SER D 296 -5.52 -41.73 -24.09
CA SER D 296 -4.57 -42.83 -23.89
C SER D 296 -4.27 -42.97 -22.40
N SER D 297 -3.36 -43.89 -22.05
CA SER D 297 -3.03 -44.06 -20.64
C SER D 297 -2.56 -42.76 -19.97
N LEU D 298 -1.76 -41.93 -20.66
CA LEU D 298 -1.33 -40.69 -20.02
C LEU D 298 -2.53 -39.76 -19.76
N GLY D 299 -3.51 -39.77 -20.66
CA GLY D 299 -4.73 -38.98 -20.46
C GLY D 299 -5.64 -39.55 -19.39
N ILE D 300 -5.76 -40.88 -19.34
CA ILE D 300 -6.62 -41.53 -18.33
C ILE D 300 -6.04 -41.30 -16.93
N ASN D 301 -4.71 -41.19 -16.86
CA ASN D 301 -4.04 -40.84 -15.62
C ASN D 301 -4.68 -39.63 -14.93
N GLN D 302 -5.10 -38.65 -15.75
CA GLN D 302 -5.66 -37.40 -15.21
C GLN D 302 -6.92 -37.69 -14.42
N SER D 303 -7.78 -38.54 -15.00
CA SER D 303 -9.03 -38.93 -14.37
C SER D 303 -8.83 -39.90 -13.22
N VAL D 304 -7.83 -40.76 -13.33
CA VAL D 304 -7.55 -41.70 -12.23
C VAL D 304 -7.15 -40.92 -10.98
N HIS D 305 -6.24 -39.96 -11.11
CA HIS D 305 -5.87 -39.14 -9.95
C HIS D 305 -7.04 -38.32 -9.45
N PHE D 306 -7.88 -37.84 -10.36
CA PHE D 306 -9.02 -37.03 -9.96
C PHE D 306 -9.98 -37.87 -9.15
N ALA D 307 -10.26 -39.08 -9.63
CA ALA D 307 -11.20 -40.00 -8.98
C ALA D 307 -10.68 -40.58 -7.65
N LEU D 308 -9.40 -40.94 -7.62
CA LEU D 308 -8.76 -41.39 -6.38
C LEU D 308 -8.78 -40.29 -5.32
N GLY D 309 -8.40 -39.08 -5.72
CA GLY D 309 -8.21 -38.00 -4.78
C GLY D 309 -9.51 -37.53 -4.18
N THR D 310 -10.49 -37.26 -5.05
CA THR D 310 -11.76 -36.75 -4.54
C THR D 310 -12.62 -37.86 -3.97
N GLY D 311 -12.45 -39.09 -4.48
CA GLY D 311 -13.31 -40.23 -4.11
C GLY D 311 -14.79 -39.97 -4.36
N ALA D 312 -15.09 -39.11 -5.33
CA ALA D 312 -16.44 -38.57 -5.50
C ALA D 312 -17.40 -39.47 -6.26
N PHE D 313 -16.90 -40.52 -6.90
CA PHE D 313 -17.67 -41.22 -7.94
C PHE D 313 -18.20 -42.58 -7.54
N GLU D 314 -19.47 -42.82 -7.81
CA GLU D 314 -20.07 -44.12 -7.55
C GLU D 314 -19.61 -45.10 -8.62
N PHE D 315 -19.53 -44.58 -9.85
CA PHE D 315 -19.12 -45.34 -11.03
C PHE D 315 -17.97 -44.66 -11.78
N HIS D 316 -17.11 -45.49 -12.37
CA HIS D 316 -16.00 -44.99 -13.17
C HIS D 316 -16.08 -45.63 -14.54
N ASP D 317 -16.13 -44.80 -15.57
CA ASP D 317 -16.16 -45.26 -16.96
C ASP D 317 -14.87 -44.73 -17.60
N LEU D 318 -13.77 -45.41 -17.25
CA LEU D 318 -12.43 -44.99 -17.67
C LEU D 318 -11.72 -46.09 -18.46
N ASP D 319 -12.16 -46.28 -19.69
CA ASP D 319 -11.81 -47.46 -20.48
C ASP D 319 -11.25 -47.14 -21.86
N SER D 320 -11.07 -45.86 -22.18
CA SER D 320 -10.62 -45.48 -23.51
C SER D 320 -9.25 -46.06 -23.83
N HIS D 321 -8.38 -46.11 -22.82
CA HIS D 321 -7.03 -46.67 -23.01
C HIS D 321 -7.04 -48.19 -23.14
N LEU D 322 -8.17 -48.83 -22.84
CA LEU D 322 -8.30 -50.28 -22.97
C LEU D 322 -8.78 -50.68 -24.36
N MSE D 323 -9.03 -49.69 -25.20
CA MSE D 323 -9.54 -49.90 -26.55
C MSE D 323 -8.46 -49.70 -27.62
O MSE D 323 -8.74 -49.81 -28.81
CB MSE D 323 -10.69 -48.96 -26.85
CG MSE D 323 -11.88 -49.18 -25.97
SE MSE D 323 -13.47 -48.39 -26.71
CE MSE D 323 -14.79 -49.25 -25.54
N LEU D 324 -7.24 -49.41 -27.17
CA LEU D 324 -6.14 -49.11 -28.08
C LEU D 324 -5.41 -50.34 -28.56
N LYS D 325 -4.93 -50.27 -29.80
CA LYS D 325 -4.07 -51.30 -30.38
C LYS D 325 -2.62 -50.95 -30.05
N GLU D 326 -1.93 -51.84 -29.33
CA GLU D 326 -0.47 -51.76 -29.14
C GLU D 326 0.06 -50.42 -28.59
N GLU D 327 0.54 -50.41 -27.35
CA GLU D 327 0.99 -49.15 -26.72
C GLU D 327 1.90 -49.34 -25.51
N VAL D 328 2.80 -48.38 -25.28
CA VAL D 328 3.59 -48.29 -24.05
C VAL D 328 2.75 -47.59 -22.99
N PHE D 329 2.57 -48.23 -21.84
CA PHE D 329 1.79 -47.68 -20.74
C PHE D 329 2.48 -46.46 -20.17
N ARG D 330 1.75 -45.35 -20.09
CA ARG D 330 2.35 -44.11 -19.63
C ARG D 330 1.54 -43.41 -18.53
N GLY D 331 0.80 -44.20 -17.76
CA GLY D 331 0.09 -43.67 -16.61
C GLY D 331 0.98 -43.60 -15.40
N LYS D 332 0.62 -42.74 -14.44
CA LYS D 332 1.26 -42.73 -13.13
C LYS D 332 0.28 -43.33 -12.12
N PHE D 333 -0.17 -44.54 -12.44
CA PHE D 333 -1.04 -45.32 -11.58
C PHE D 333 -0.81 -46.77 -11.95
N ILE D 334 -1.41 -47.68 -11.20
CA ILE D 334 -1.32 -49.11 -11.48
C ILE D 334 -2.64 -49.56 -12.11
N GLN D 335 -2.59 -50.12 -13.32
CA GLN D 335 -3.73 -50.81 -13.91
C GLN D 335 -3.66 -52.28 -13.53
N ASP D 336 -4.76 -52.81 -13.00
CA ASP D 336 -4.81 -54.21 -12.53
C ASP D 336 -6.17 -54.78 -12.85
N GLY D 337 -6.31 -55.30 -14.06
CA GLY D 337 -7.63 -55.69 -14.55
C GLY D 337 -8.53 -54.46 -14.54
N PRO D 338 -9.80 -54.62 -14.10
CA PRO D 338 -10.73 -53.48 -13.98
C PRO D 338 -10.35 -52.44 -12.94
N ARG D 339 -9.35 -52.72 -12.11
CA ARG D 339 -8.99 -51.83 -11.00
C ARG D 339 -7.84 -50.89 -11.35
N MSE D 340 -7.89 -49.67 -10.80
CA MSE D 340 -6.75 -48.78 -10.83
C MSE D 340 -6.38 -48.41 -9.40
O MSE D 340 -7.25 -48.13 -8.58
CB MSE D 340 -7.03 -47.50 -11.63
CG MSE D 340 -7.21 -47.74 -13.10
SE MSE D 340 -9.03 -48.27 -13.56
CE MSE D 340 -9.12 -47.23 -15.19
N ARG D 341 -5.08 -48.40 -9.13
CA ARG D 341 -4.58 -48.14 -7.79
C ARG D 341 -3.49 -47.09 -7.81
N VAL D 342 -3.33 -46.42 -6.68
CA VAL D 342 -2.30 -45.47 -6.46
C VAL D 342 -0.97 -46.21 -6.34
N LYS D 343 0.08 -45.64 -6.93
CA LYS D 343 1.43 -46.15 -6.78
C LYS D 343 1.98 -45.78 -5.40
N ASP D 344 2.97 -46.52 -4.92
CA ASP D 344 3.63 -46.16 -3.67
C ASP D 344 4.44 -44.88 -3.88
N GLN D 345 4.79 -44.64 -5.13
CA GLN D 345 5.52 -43.44 -5.59
C GLN D 345 4.96 -42.15 -5.01
MN MN E . 24.42 44.03 -7.68
OH2 1PE F . 49.01 59.30 -0.91
C12 1PE F . 49.92 58.28 -0.48
C22 1PE F . 49.27 56.92 -0.63
OH3 1PE F . 48.72 56.78 -1.93
C13 1PE F . 47.36 55.43 -3.42
C23 1PE F . 48.11 55.50 -2.10
OH4 1PE F . 48.24 55.61 -4.54
C14 1PE F . 48.82 54.01 -6.27
C24 1PE F . 49.01 54.44 -4.82
OH5 1PE F . 47.44 53.97 -6.62
C15 1PE F . 45.69 52.67 -7.62
C25 1PE F . 46.96 52.63 -6.78
OH6 1PE F . 44.97 53.87 -7.33
C16 1PE F . 43.31 55.22 -8.39
C26 1PE F . 44.66 54.57 -8.53
OH7 1PE F . 43.46 56.63 -8.16
OH2 1PE G . 7.38 56.55 -7.43
C12 1PE G . 6.61 57.14 -6.38
C22 1PE G . 6.98 56.51 -5.06
OH3 1PE G . 8.30 56.91 -4.72
C13 1PE G . 10.03 56.93 -3.08
C23 1PE G . 8.66 56.38 -3.44
OH4 1PE G . 9.81 58.25 -2.58
C14 1PE G . 10.71 59.89 -1.11
C24 1PE G . 11.03 58.79 -2.10
OH5 1PE G . 10.48 61.09 -1.85
C15 1PE G . 10.00 63.39 -1.68
C25 1PE G . 10.15 62.11 -0.91
OH6 1PE G . 11.27 64.01 -1.74
C16 1PE G . 12.53 66.01 -1.95
C26 1PE G . 11.13 65.42 -1.93
OH7 1PE G . 13.12 65.78 -3.23
OH2 1PE H . 24.59 49.98 10.49
C12 1PE H . 24.68 49.37 9.19
C22 1PE H . 23.68 48.25 9.04
OH3 1PE H . 22.36 48.70 9.34
C13 1PE H . 20.24 49.50 8.44
C23 1PE H . 21.48 48.63 8.22
OH4 1PE H . 20.38 50.74 7.76
C14 1PE H . 19.25 52.89 7.69
C24 1PE H . 19.13 51.38 7.52
OH5 1PE H . 20.11 53.18 8.79
C15 1PE H . 20.75 54.62 10.63
C25 1PE H . 19.83 54.43 9.43
OH6 1PE H . 21.05 53.35 11.22
C1 PEG I . -3.99 42.51 -12.41
O1 PEG I . -4.32 43.71 -13.14
C2 PEG I . -4.29 42.69 -10.93
O2 PEG I . -3.07 42.65 -10.17
C3 PEG I . -3.33 42.72 -8.76
C4 PEG I . -2.24 43.52 -8.07
O4 PEG I . -2.80 44.47 -7.15
C1 PEG J . 21.18 41.95 -28.90
O1 PEG J . 20.08 42.10 -29.82
C2 PEG J . 20.75 42.54 -27.56
O2 PEG J . 21.32 41.82 -26.48
C3 PEG J . 21.25 42.57 -25.25
C4 PEG J . 20.07 42.08 -24.40
O4 PEG J . 19.38 43.17 -23.82
MN MN K . 20.20 7.52 16.20
OH2 1PE L . 39.54 -14.00 7.07
C12 1PE L . 39.48 -12.86 6.20
C22 1PE L . 39.23 -11.60 7.02
OH3 1PE L . 38.73 -11.99 8.30
C13 1PE L . 38.38 -10.96 10.39
C23 1PE L . 37.97 -10.98 8.93
OH4 1PE L . 39.08 -9.76 10.62
C14 1PE L . 40.38 -8.79 12.33
C24 1PE L . 40.29 -9.94 11.34
OH5 1PE L . 39.11 -8.61 12.93
C15 1PE L . 37.77 -6.95 14.05
C25 1PE L . 38.76 -7.23 12.92
OH6 1PE L . 36.76 -7.95 14.06
C16 1PE L . 34.73 -8.68 15.12
C26 1PE L . 36.03 -7.91 15.29
OH7 1PE L . 35.02 -10.02 14.71
OH2 1PE M . -5.97 17.62 24.06
C12 1PE M . -6.32 17.50 22.67
C22 1PE M . -5.06 17.16 21.88
OH3 1PE M . -5.29 17.42 20.50
C13 1PE M . -5.91 16.16 18.56
C23 1PE M . -4.90 16.31 19.69
OH4 1PE M . -5.81 14.85 17.99
C14 1PE M . -7.38 13.02 17.82
C24 1PE M . -6.55 13.90 18.75
OH5 1PE M . -8.36 12.32 18.58
C15 1PE M . -10.14 12.41 20.20
C25 1PE M . -9.35 13.18 19.15
OH6 1PE M . -9.44 12.43 21.44
C1 PEG N . 9.89 29.79 6.82
O1 PEG N . 11.21 30.36 6.72
C2 PEG N . 9.32 29.59 5.42
O2 PEG N . 8.29 28.60 5.47
C3 PEG N . 8.27 27.78 4.31
C4 PEG N . 8.49 26.33 4.71
O4 PEG N . 9.38 25.72 3.77
MN MN O . -22.54 -11.01 10.25
OH2 1PE P . -40.58 12.89 3.77
C12 1PE P . -39.89 12.20 2.73
C22 1PE P . -40.30 10.73 2.79
OH3 1PE P . -39.95 10.20 4.06
C13 1PE P . -39.43 8.24 5.35
C23 1PE P . -39.83 8.79 3.99
OH4 1PE P . -40.53 8.28 6.27
C14 1PE P . -42.07 6.63 7.16
C24 1PE P . -41.59 7.38 5.94
OH5 1PE P . -40.97 5.99 7.83
C15 1PE P . -39.93 3.95 8.54
C25 1PE P . -40.84 4.61 7.50
OH6 1PE P . -38.97 4.88 9.02
C16 1PE P . -37.08 5.17 10.44
C26 1PE P . -38.43 4.50 10.27
OH7 1PE P . -37.28 6.58 10.58
OH2 1PE Q . 1.96 -23.11 21.25
C12 1PE Q . 2.79 -22.99 20.10
C22 1PE Q . 2.01 -22.27 19.01
OH3 1PE Q . 2.52 -22.64 17.74
C13 1PE Q . 2.59 -21.50 15.61
C23 1PE Q . 1.71 -22.13 16.68
OH4 1PE Q . 1.98 -20.30 15.15
C14 1PE Q . 3.27 -18.34 15.63
C24 1PE Q . 2.94 -19.40 14.59
OH5 1PE Q . 4.24 -17.43 15.13
C15 1PE Q . 6.00 -17.64 16.78
C25 1PE Q . 4.91 -16.75 16.20
OH6 1PE Q . 7.26 -17.00 16.67
OH2 1PE R . -11.41 0.00 -2.00
C12 1PE R . -10.89 -0.28 -0.70
C22 1PE R . -11.35 -1.67 -0.25
OH3 1PE R . -12.29 -2.23 -1.16
C13 1PE R . -13.00 -4.31 -2.15
C23 1PE R . -11.82 -3.49 -1.65
OH4 1PE R . -13.40 -3.83 -3.44
C14 1PE R . -15.25 -2.57 -4.41
C24 1PE R . -14.82 -3.69 -3.48
OH5 1PE R . -16.52 -2.06 -3.99
MN MN S . -21.97 -40.61 -22.07
OH2 1PE T . -22.45 -52.17 -4.07
C12 1PE T . -23.41 -53.23 -4.13
C22 1PE T . -22.74 -54.51 -4.61
OH3 1PE T . -21.78 -54.22 -5.63
C13 1PE T . -20.42 -55.05 -7.49
C23 1PE T . -21.33 -55.40 -6.30
OH4 1PE T . -20.17 -53.66 -7.53
C14 1PE T . -19.14 -51.73 -8.54
C24 1PE T . -19.31 -53.25 -8.59
OH5 1PE T . -20.37 -51.13 -8.16
C15 1PE T . -21.22 -49.17 -7.05
C25 1PE T . -20.27 -49.71 -8.11
OH6 1PE T . -22.57 -49.39 -7.45
C16 1PE T . -24.90 -48.92 -6.98
C26 1PE T . -23.45 -48.64 -6.63
OH7 1PE T . -25.07 -50.33 -7.14
OH2 1PE U . -43.40 -42.98 -13.94
C12 1PE U . -44.43 -42.01 -13.76
C22 1PE U . -43.97 -40.86 -12.87
OH3 1PE U . -44.00 -39.62 -13.56
C13 1PE U . -43.29 -37.34 -12.84
C23 1PE U . -44.22 -38.54 -12.65
OH4 1PE U . -43.98 -36.21 -13.36
C14 1PE U . -42.93 -34.04 -13.79
C24 1PE U . -43.51 -35.01 -12.77
OH5 1PE U . -42.58 -34.72 -15.00
C15 1PE U . -40.93 -33.21 -16.04
C25 1PE U . -41.20 -34.54 -15.36
OH6 1PE U . -40.96 -32.12 -15.12
C16 1PE U . -41.80 -29.93 -14.54
C26 1PE U . -41.66 -30.98 -15.63
OH7 1PE U . -40.58 -29.20 -14.36
OH2 1PE V . -40.83 -58.63 -13.17
C12 1PE V . -41.51 -57.48 -13.69
C22 1PE V . -41.04 -56.24 -12.93
OH3 1PE V . -39.76 -56.49 -12.37
C13 1PE V . -37.92 -55.49 -11.20
C23 1PE V . -39.44 -55.59 -11.31
OH4 1PE V . -37.54 -54.27 -11.80
C14 1PE V . -35.34 -53.32 -11.75
C24 1PE V . -36.26 -54.32 -12.43
OH5 1PE V . -35.13 -53.70 -10.40
C15 1PE V . -34.43 -52.91 -8.23
C25 1PE V . -35.13 -52.56 -9.53
OH6 1PE V . -34.84 -54.20 -7.78
C16 1PE V . -34.47 -56.06 -6.29
C26 1PE V . -34.11 -54.62 -6.62
OH7 1PE V . -33.73 -56.96 -7.13
C1 PEG W . 4.82 -42.02 -17.40
O1 PEG W . 5.33 -42.35 -16.10
C2 PEG W . 4.40 -40.56 -17.45
O2 PEG W . 5.41 -39.76 -18.06
C3 PEG W . 5.15 -39.53 -19.44
C4 PEG W . 6.12 -38.50 -20.01
O4 PEG W . 7.30 -39.17 -20.48
#